data_5ZUX
#
_entry.id   5ZUX
#
loop_
_entity.id
_entity.type
_entity.pdbx_description
1 polymer Rok
2 polymer "DNA (5'-D(*CP*TP*AP*AP*TP*AP*AP*CP*TP*AP*GP*TP*TP*AP*TP*TP*AP*G)-3')"
#
loop_
_entity_poly.entity_id
_entity_poly.type
_entity_poly.pdbx_seq_one_letter_code
_entity_poly.pdbx_strand_id
1 'polypeptide(L)'
;GTTRRRRGTARPGSKAAKLREAAIKTLKRHNAAIKSSELQKEIEKESGLEIPNMTTFMQSLIKMYPEVKKPYRGQYILEG
EIESLEHHHHHH
;
A
2 'polydeoxyribonucleotide' (DC)(DT)(DA)(DA)(DT)(DA)(DA)(DC)(DT)(DA)(DG)(DT)(DT)(DA)(DT)(DT)(DA)(DG) B,C
#
# COMPACT_ATOMS: atom_id res chain seq x y z
N GLY A 1 -27.66 8.55 -22.76
CA GLY A 1 -28.99 9.01 -23.22
C GLY A 1 -30.07 9.03 -22.12
N THR A 2 -30.64 7.86 -21.83
CA THR A 2 -31.78 7.66 -20.92
C THR A 2 -31.58 8.09 -19.45
N THR A 3 -32.68 8.22 -18.70
CA THR A 3 -32.73 8.81 -17.35
C THR A 3 -32.04 8.03 -16.22
N ARG A 4 -31.86 6.72 -16.41
CA ARG A 4 -31.12 5.80 -15.50
C ARG A 4 -29.59 6.02 -15.50
N ARG A 5 -29.16 7.24 -15.19
CA ARG A 5 -27.74 7.65 -15.16
C ARG A 5 -26.99 7.03 -13.99
N ARG A 6 -27.58 7.02 -12.79
CA ARG A 6 -27.02 6.39 -11.58
C ARG A 6 -27.06 4.85 -11.65
N ARG A 7 -25.90 4.24 -11.89
CA ARG A 7 -25.72 2.79 -12.12
C ARG A 7 -24.69 2.12 -11.18
N GLY A 8 -23.57 2.79 -10.96
CA GLY A 8 -22.40 2.23 -10.28
C GLY A 8 -22.50 1.97 -8.78
N THR A 9 -21.46 1.31 -8.29
CA THR A 9 -21.15 0.91 -6.92
C THR A 9 -19.69 0.42 -6.90
N ALA A 10 -19.10 0.19 -5.70
CA ALA A 10 -17.73 -0.31 -5.60
C ALA A 10 -17.43 -1.11 -4.32
N ARG A 11 -16.23 -1.70 -4.30
CA ARG A 11 -15.56 -2.39 -3.18
C ARG A 11 -14.03 -2.18 -3.26
N PRO A 12 -13.24 -2.32 -2.17
CA PRO A 12 -11.78 -2.16 -2.21
C PRO A 12 -11.12 -3.08 -3.24
N GLY A 13 -9.98 -2.66 -3.77
CA GLY A 13 -9.32 -3.27 -4.94
C GLY A 13 -8.90 -4.75 -4.89
N SER A 14 -8.84 -5.36 -6.08
CA SER A 14 -8.27 -6.68 -6.39
C SER A 14 -7.00 -6.57 -7.25
N LYS A 15 -6.95 -5.62 -8.21
CA LYS A 15 -5.73 -5.24 -8.96
C LYS A 15 -4.67 -4.65 -8.01
N ALA A 16 -5.12 -4.02 -6.92
CA ALA A 16 -4.33 -3.52 -5.81
C ALA A 16 -3.39 -4.56 -5.14
N ALA A 17 -3.64 -5.87 -5.30
CA ALA A 17 -2.72 -6.92 -4.85
C ALA A 17 -1.34 -6.84 -5.53
N LYS A 18 -1.26 -6.31 -6.76
CA LYS A 18 0.02 -6.01 -7.44
C LYS A 18 0.85 -4.96 -6.70
N LEU A 19 0.20 -3.98 -6.06
CA LEU A 19 0.86 -3.03 -5.17
C LEU A 19 1.40 -3.70 -3.92
N ARG A 20 0.65 -4.59 -3.25
CA ARG A 20 1.19 -5.32 -2.06
C ARG A 20 2.52 -5.99 -2.37
N GLU A 21 2.56 -6.79 -3.44
CA GLU A 21 3.72 -7.63 -3.75
C GLU A 21 4.96 -6.80 -4.13
N ALA A 22 4.79 -5.72 -4.92
CA ALA A 22 5.89 -4.83 -5.28
C ALA A 22 6.29 -3.88 -4.14
N ALA A 23 5.34 -3.29 -3.42
CA ALA A 23 5.60 -2.29 -2.38
C ALA A 23 6.42 -2.84 -1.21
N ILE A 24 6.28 -4.12 -0.85
CA ILE A 24 7.11 -4.75 0.20
C ILE A 24 8.61 -4.64 -0.12
N LYS A 25 9.05 -4.96 -1.34
CA LYS A 25 10.47 -4.84 -1.73
C LYS A 25 10.88 -3.37 -1.96
N THR A 26 10.00 -2.60 -2.62
CA THR A 26 10.15 -1.13 -2.77
C THR A 26 10.40 -0.36 -1.48
N LEU A 27 9.68 -0.72 -0.42
CA LEU A 27 9.81 -0.10 0.91
C LEU A 27 10.97 -0.69 1.72
N LYS A 28 11.24 -2.02 1.65
CA LYS A 28 12.41 -2.63 2.34
C LYS A 28 13.78 -2.08 1.95
N ARG A 29 13.95 -1.56 0.72
CA ARG A 29 15.18 -0.85 0.30
C ARG A 29 15.33 0.58 0.86
N HIS A 30 14.39 1.02 1.71
CA HIS A 30 14.40 2.29 2.47
C HIS A 30 14.05 2.09 3.97
N ASN A 31 14.20 3.13 4.78
CA ASN A 31 13.79 3.15 6.21
C ASN A 31 13.38 4.59 6.65
N ALA A 32 12.70 5.32 5.75
CA ALA A 32 12.37 6.74 5.86
C ALA A 32 11.01 7.09 5.21
N ALA A 33 10.43 8.23 5.58
CA ALA A 33 9.11 8.66 5.10
C ALA A 33 9.11 9.10 3.61
N ILE A 34 8.01 8.86 2.90
CA ILE A 34 7.83 9.14 1.46
C ILE A 34 6.37 9.49 1.13
N LYS A 35 6.11 10.40 0.19
CA LYS A 35 4.75 10.71 -0.31
C LYS A 35 4.26 9.59 -1.25
N SER A 36 2.94 9.38 -1.28
CA SER A 36 2.22 8.52 -2.21
C SER A 36 2.72 8.58 -3.65
N SER A 37 2.79 9.77 -4.26
CA SER A 37 3.25 10.00 -5.64
C SER A 37 4.75 9.77 -5.88
N GLU A 38 5.60 9.92 -4.84
CA GLU A 38 7.01 9.53 -4.92
C GLU A 38 7.17 8.00 -4.80
N LEU A 39 6.41 7.38 -3.90
CA LEU A 39 6.34 5.93 -3.75
C LEU A 39 5.71 5.26 -4.98
N GLN A 40 4.77 5.93 -5.65
CA GLN A 40 4.22 5.55 -6.95
C GLN A 40 5.35 5.43 -7.99
N LYS A 41 6.16 6.48 -8.18
CA LYS A 41 7.31 6.44 -9.11
C LYS A 41 8.31 5.34 -8.76
N GLU A 42 8.57 5.13 -7.47
CA GLU A 42 9.40 4.01 -6.99
C GLU A 42 8.79 2.62 -7.30
N ILE A 43 7.49 2.40 -7.07
CA ILE A 43 6.83 1.13 -7.41
C ILE A 43 6.73 0.94 -8.94
N GLU A 44 6.53 2.00 -9.72
CA GLU A 44 6.60 1.94 -11.19
C GLU A 44 7.98 1.48 -11.67
N LYS A 45 9.08 1.97 -11.08
CA LYS A 45 10.43 1.45 -11.29
C LYS A 45 10.59 -0.02 -10.86
N GLU A 46 10.01 -0.39 -9.73
CA GLU A 46 10.14 -1.73 -9.14
C GLU A 46 9.39 -2.81 -9.95
N SER A 47 8.18 -2.49 -10.40
CA SER A 47 7.23 -3.44 -11.01
C SER A 47 7.07 -3.32 -12.53
N GLY A 48 7.26 -2.14 -13.11
CA GLY A 48 7.01 -1.88 -14.54
C GLY A 48 5.53 -1.76 -14.95
N LEU A 49 4.60 -1.63 -13.99
CA LEU A 49 3.15 -1.60 -14.22
C LEU A 49 2.44 -0.43 -13.51
N GLU A 50 1.17 -0.21 -13.86
CA GLU A 50 0.33 0.90 -13.36
C GLU A 50 0.01 0.81 -11.85
N ILE A 51 -0.34 1.95 -11.23
CA ILE A 51 -0.51 2.09 -9.77
C ILE A 51 -1.99 2.35 -9.37
N PRO A 52 -2.67 1.33 -8.78
CA PRO A 52 -3.99 1.46 -8.14
C PRO A 52 -4.09 2.50 -6.99
N ASN A 53 -5.27 2.64 -6.36
CA ASN A 53 -5.57 3.69 -5.37
C ASN A 53 -4.60 3.62 -4.18
N MET A 54 -3.75 4.66 -4.06
CA MET A 54 -2.69 4.73 -3.06
C MET A 54 -3.24 4.82 -1.63
N THR A 55 -4.23 5.66 -1.38
CA THR A 55 -4.86 5.80 -0.07
C THR A 55 -5.51 4.53 0.49
N THR A 56 -6.34 3.85 -0.31
CA THR A 56 -6.90 2.55 0.07
C THR A 56 -5.87 1.43 0.18
N PHE A 57 -4.96 1.29 -0.79
CA PHE A 57 -3.87 0.33 -0.69
C PHE A 57 -2.95 0.48 0.53
N MET A 58 -2.45 1.70 0.76
CA MET A 58 -1.47 1.94 1.83
C MET A 58 -2.11 1.78 3.21
N GLN A 59 -3.39 2.13 3.39
CA GLN A 59 -4.11 1.79 4.62
C GLN A 59 -4.42 0.28 4.75
N SER A 60 -4.72 -0.43 3.65
CA SER A 60 -4.85 -1.89 3.65
C SER A 60 -3.54 -2.58 4.07
N LEU A 61 -2.41 -2.09 3.54
CA LEU A 61 -1.06 -2.47 3.94
C LEU A 61 -0.81 -2.19 5.45
N ILE A 62 -1.19 -1.00 5.95
CA ILE A 62 -1.02 -0.64 7.38
C ILE A 62 -1.80 -1.56 8.31
N LYS A 63 -3.09 -1.82 8.04
CA LYS A 63 -3.93 -2.68 8.91
C LYS A 63 -3.47 -4.15 8.88
N MET A 64 -2.87 -4.63 7.79
CA MET A 64 -2.20 -5.94 7.73
C MET A 64 -0.81 -5.95 8.41
N TYR A 65 -0.09 -4.82 8.38
CA TYR A 65 1.31 -4.69 8.82
C TYR A 65 1.60 -3.42 9.65
N PRO A 66 1.51 -3.50 11.00
CA PRO A 66 1.78 -2.36 11.90
C PRO A 66 3.19 -1.74 11.78
N GLU A 67 4.14 -2.45 11.16
CA GLU A 67 5.47 -1.97 10.77
C GLU A 67 5.39 -0.81 9.76
N VAL A 68 4.31 -0.72 8.99
CA VAL A 68 3.94 0.40 8.12
C VAL A 68 3.08 1.43 8.85
N LYS A 69 3.37 2.72 8.66
CA LYS A 69 2.71 3.86 9.35
C LYS A 69 2.45 5.04 8.40
N LYS A 70 1.59 5.97 8.82
CA LYS A 70 1.20 7.19 8.08
C LYS A 70 1.54 8.45 8.90
N PRO A 71 2.78 9.01 8.80
CA PRO A 71 3.14 10.26 9.47
C PRO A 71 2.35 11.52 9.02
N TYR A 72 1.92 11.64 7.76
CA TYR A 72 1.18 12.85 7.29
C TYR A 72 0.22 12.61 6.11
N ARG A 73 -0.53 13.63 5.61
CA ARG A 73 -1.39 13.56 4.42
C ARG A 73 -0.64 12.89 3.26
N GLY A 74 -1.06 11.68 2.89
CA GLY A 74 -0.45 10.89 1.82
C GLY A 74 1.03 10.56 2.02
N GLN A 75 1.60 10.74 3.22
CA GLN A 75 2.99 10.43 3.56
C GLN A 75 3.08 9.22 4.48
N TYR A 76 3.83 8.22 4.03
CA TYR A 76 3.92 6.86 4.57
C TYR A 76 5.36 6.44 4.93
N ILE A 77 5.53 5.43 5.78
CA ILE A 77 6.84 4.86 6.15
C ILE A 77 6.74 3.37 6.51
N LEU A 78 7.79 2.59 6.29
CA LEU A 78 7.95 1.21 6.76
C LEU A 78 9.20 1.12 7.64
N GLU A 79 9.03 0.66 8.88
CA GLU A 79 10.09 0.49 9.87
C GLU A 79 10.74 -0.92 9.81
N GLY A 80 12.05 -0.99 9.52
CA GLY A 80 12.86 -2.20 9.63
C GLY A 80 12.36 -3.39 8.79
N GLU A 81 12.40 -4.59 9.39
CA GLU A 81 11.95 -5.85 8.78
C GLU A 81 10.42 -5.96 8.78
N ILE A 82 9.79 -6.01 7.61
CA ILE A 82 8.32 -6.18 7.48
C ILE A 82 7.86 -7.56 8.01
N GLU A 83 8.77 -8.53 8.08
CA GLU A 83 8.62 -9.86 8.67
C GLU A 83 8.49 -9.86 10.21
N SER A 84 8.54 -8.70 10.87
CA SER A 84 8.50 -8.56 12.35
C SER A 84 7.23 -9.15 13.01
N LEU A 85 6.20 -9.50 12.23
CA LEU A 85 5.03 -10.26 12.70
C LEU A 85 5.43 -11.64 13.25
N GLU A 86 6.49 -12.27 12.71
CA GLU A 86 7.04 -13.55 13.19
C GLU A 86 8.57 -13.58 13.40
N HIS A 87 9.32 -12.57 12.95
CA HIS A 87 10.73 -12.39 13.29
C HIS A 87 10.90 -11.83 14.72
N HIS A 88 10.62 -12.68 15.73
CA HIS A 88 10.77 -12.38 17.17
C HIS A 88 12.25 -12.35 17.62
N HIS A 89 13.13 -13.06 16.89
CA HIS A 89 14.60 -13.03 17.04
C HIS A 89 15.22 -11.67 16.66
N HIS A 90 16.47 -11.43 17.07
CA HIS A 90 17.29 -10.28 16.64
C HIS A 90 17.62 -10.32 15.13
N HIS A 91 18.16 -9.23 14.58
CA HIS A 91 18.70 -9.18 13.20
C HIS A 91 19.93 -10.11 13.03
N HIS A 92 20.22 -10.54 11.79
CA HIS A 92 21.38 -11.38 11.46
C HIS A 92 22.74 -10.68 11.73
N GLY A 1 -24.76 13.49 -19.63
CA GLY A 1 -25.64 13.88 -18.52
C GLY A 1 -26.15 12.68 -17.69
N THR A 2 -26.97 12.97 -16.68
CA THR A 2 -27.46 12.05 -15.64
C THR A 2 -27.88 10.63 -16.06
N THR A 3 -27.39 9.60 -15.35
CA THR A 3 -27.82 8.20 -15.56
C THR A 3 -29.31 7.99 -15.23
N ARG A 4 -29.99 7.05 -15.93
CA ARG A 4 -31.41 6.69 -15.75
C ARG A 4 -31.79 6.30 -14.30
N ARG A 5 -30.82 5.75 -13.55
CA ARG A 5 -30.83 5.49 -12.10
C ARG A 5 -29.41 5.63 -11.54
N ARG A 6 -29.21 5.55 -10.23
CA ARG A 6 -27.89 5.66 -9.58
C ARG A 6 -27.06 4.37 -9.77
N ARG A 7 -26.61 4.09 -11.02
CA ARG A 7 -26.02 2.78 -11.38
C ARG A 7 -24.72 2.47 -10.60
N GLY A 8 -23.82 3.46 -10.51
CA GLY A 8 -22.47 3.26 -10.00
C GLY A 8 -22.39 2.96 -8.50
N THR A 9 -21.34 2.23 -8.12
CA THR A 9 -20.96 1.83 -6.76
C THR A 9 -19.54 1.23 -6.75
N ALA A 10 -18.96 0.93 -5.59
CA ALA A 10 -17.63 0.34 -5.48
C ALA A 10 -17.43 -0.49 -4.19
N ARG A 11 -16.25 -1.12 -4.10
CA ARG A 11 -15.72 -1.86 -2.93
C ARG A 11 -14.17 -1.80 -2.93
N PRO A 12 -13.46 -2.12 -1.83
CA PRO A 12 -11.98 -2.16 -1.81
C PRO A 12 -11.37 -3.03 -2.91
N GLY A 13 -10.20 -2.61 -3.44
CA GLY A 13 -9.58 -3.19 -4.65
C GLY A 13 -9.09 -4.65 -4.60
N SER A 14 -9.11 -5.29 -5.77
CA SER A 14 -8.52 -6.59 -6.11
C SER A 14 -7.20 -6.45 -6.88
N LYS A 15 -7.13 -5.51 -7.86
CA LYS A 15 -5.89 -5.08 -8.56
C LYS A 15 -4.85 -4.54 -7.58
N ALA A 16 -5.33 -3.89 -6.53
CA ALA A 16 -4.58 -3.35 -5.39
C ALA A 16 -3.71 -4.39 -4.63
N ALA A 17 -4.03 -5.69 -4.73
CA ALA A 17 -3.17 -6.78 -4.23
C ALA A 17 -1.80 -6.83 -4.92
N LYS A 18 -1.68 -6.34 -6.17
CA LYS A 18 -0.38 -6.18 -6.87
C LYS A 18 0.50 -5.11 -6.21
N LEU A 19 -0.08 -4.06 -5.60
CA LEU A 19 0.67 -3.12 -4.78
C LEU A 19 1.16 -3.76 -3.48
N ARG A 20 0.38 -4.63 -2.81
CA ARG A 20 0.93 -5.40 -1.67
C ARG A 20 2.21 -6.16 -2.06
N GLU A 21 2.14 -6.98 -3.12
CA GLU A 21 3.28 -7.78 -3.61
C GLU A 21 4.50 -6.92 -4.01
N ALA A 22 4.29 -5.85 -4.80
CA ALA A 22 5.38 -4.99 -5.27
C ALA A 22 5.93 -4.06 -4.16
N ALA A 23 5.06 -3.34 -3.46
CA ALA A 23 5.45 -2.29 -2.50
C ALA A 23 6.16 -2.85 -1.26
N ILE A 24 5.94 -4.11 -0.86
CA ILE A 24 6.76 -4.74 0.21
C ILE A 24 8.26 -4.75 -0.16
N LYS A 25 8.62 -4.95 -1.43
CA LYS A 25 10.01 -4.79 -1.91
C LYS A 25 10.44 -3.32 -1.86
N THR A 26 9.66 -2.43 -2.47
CA THR A 26 9.89 -0.97 -2.48
C THR A 26 10.13 -0.31 -1.11
N LEU A 27 9.28 -0.65 -0.13
CA LEU A 27 9.40 -0.16 1.24
C LEU A 27 10.61 -0.75 1.99
N LYS A 28 10.93 -2.04 1.80
CA LYS A 28 12.16 -2.64 2.38
C LYS A 28 13.47 -1.93 1.99
N ARG A 29 13.60 -1.49 0.72
CA ARG A 29 14.73 -0.66 0.24
C ARG A 29 14.62 0.84 0.55
N HIS A 30 13.53 1.29 1.19
CA HIS A 30 13.25 2.70 1.54
C HIS A 30 12.56 2.83 2.92
N ASN A 31 13.28 2.50 4.00
CA ASN A 31 12.78 2.61 5.38
C ASN A 31 12.55 4.06 5.86
N ALA A 32 13.06 5.08 5.14
CA ALA A 32 12.73 6.50 5.37
C ALA A 32 11.35 6.88 4.80
N ALA A 33 10.72 7.94 5.31
CA ALA A 33 9.38 8.38 4.88
C ALA A 33 9.33 8.86 3.40
N ILE A 34 8.17 8.71 2.75
CA ILE A 34 7.98 9.01 1.32
C ILE A 34 6.54 9.46 1.01
N LYS A 35 6.34 10.40 0.08
CA LYS A 35 5.02 10.81 -0.47
C LYS A 35 4.42 9.71 -1.35
N SER A 36 3.10 9.59 -1.34
CA SER A 36 2.32 8.65 -2.15
C SER A 36 2.74 8.61 -3.63
N SER A 37 2.70 9.76 -4.31
CA SER A 37 3.10 9.92 -5.73
C SER A 37 4.58 9.61 -6.00
N GLU A 38 5.49 9.85 -5.05
CA GLU A 38 6.91 9.43 -5.14
C GLU A 38 7.05 7.91 -5.00
N LEU A 39 6.32 7.31 -4.05
CA LEU A 39 6.28 5.86 -3.86
C LEU A 39 5.66 5.14 -5.06
N GLN A 40 4.63 5.72 -5.68
CA GLN A 40 4.05 5.32 -6.96
C GLN A 40 5.11 5.19 -8.06
N LYS A 41 5.96 6.21 -8.24
CA LYS A 41 7.10 6.13 -9.18
C LYS A 41 8.14 5.07 -8.80
N GLU A 42 8.43 4.91 -7.51
CA GLU A 42 9.36 3.86 -7.04
C GLU A 42 8.81 2.43 -7.20
N ILE A 43 7.50 2.22 -7.09
CA ILE A 43 6.83 0.94 -7.42
C ILE A 43 6.79 0.71 -8.95
N GLU A 44 6.61 1.77 -9.75
CA GLU A 44 6.72 1.67 -11.22
C GLU A 44 8.13 1.21 -11.63
N LYS A 45 9.19 1.71 -10.97
CA LYS A 45 10.56 1.19 -11.13
C LYS A 45 10.69 -0.26 -10.64
N GLU A 46 10.02 -0.62 -9.54
CA GLU A 46 10.12 -1.94 -8.90
C GLU A 46 9.54 -3.09 -9.74
N SER A 47 8.38 -2.88 -10.38
CA SER A 47 7.62 -3.95 -11.05
C SER A 47 6.99 -3.58 -12.41
N GLY A 48 7.05 -2.32 -12.84
CA GLY A 48 6.54 -1.87 -14.15
C GLY A 48 5.01 -1.86 -14.34
N LEU A 49 4.23 -2.09 -13.28
CA LEU A 49 2.76 -2.14 -13.30
C LEU A 49 2.12 -0.76 -13.10
N GLU A 50 0.82 -0.66 -13.40
CA GLU A 50 -0.02 0.50 -13.04
C GLU A 50 -0.18 0.60 -11.52
N ILE A 51 -0.48 1.80 -10.99
CA ILE A 51 -0.54 2.05 -9.53
C ILE A 51 -1.99 2.37 -9.07
N PRO A 52 -2.68 1.40 -8.46
CA PRO A 52 -3.97 1.57 -7.77
C PRO A 52 -4.02 2.63 -6.65
N ASN A 53 -5.22 2.84 -6.09
CA ASN A 53 -5.49 3.90 -5.12
C ASN A 53 -4.54 3.82 -3.91
N MET A 54 -3.68 4.84 -3.81
CA MET A 54 -2.63 4.89 -2.80
C MET A 54 -3.21 5.10 -1.40
N THR A 55 -4.14 6.04 -1.23
CA THR A 55 -4.80 6.27 0.05
C THR A 55 -5.46 5.05 0.69
N THR A 56 -6.30 4.34 -0.06
CA THR A 56 -6.83 3.03 0.38
C THR A 56 -5.78 1.93 0.54
N PHE A 57 -4.86 1.74 -0.42
CA PHE A 57 -3.81 0.72 -0.28
C PHE A 57 -2.85 0.90 0.89
N MET A 58 -2.25 2.08 1.06
CA MET A 58 -1.32 2.34 2.16
C MET A 58 -2.03 2.25 3.53
N GLN A 59 -3.26 2.75 3.69
CA GLN A 59 -4.02 2.53 4.93
C GLN A 59 -4.43 1.05 5.14
N SER A 60 -4.80 0.32 4.08
CA SER A 60 -5.03 -1.14 4.16
C SER A 60 -3.76 -1.86 4.64
N LEU A 61 -2.60 -1.51 4.08
CA LEU A 61 -1.29 -2.04 4.47
C LEU A 61 -0.96 -1.69 5.94
N ILE A 62 -1.26 -0.47 6.40
CA ILE A 62 -1.11 -0.08 7.81
C ILE A 62 -1.98 -0.92 8.76
N LYS A 63 -3.29 -1.06 8.49
CA LYS A 63 -4.19 -1.83 9.37
C LYS A 63 -3.89 -3.34 9.36
N MET A 64 -3.37 -3.88 8.25
CA MET A 64 -2.83 -5.25 8.19
C MET A 64 -1.53 -5.43 9.01
N TYR A 65 -0.58 -4.48 8.86
CA TYR A 65 0.78 -4.59 9.41
C TYR A 65 1.26 -3.28 10.06
N PRO A 66 1.23 -3.17 11.42
CA PRO A 66 1.66 -1.97 12.16
C PRO A 66 3.13 -1.55 11.99
N GLU A 67 3.99 -2.36 11.36
CA GLU A 67 5.35 -1.96 10.96
C GLU A 67 5.34 -0.86 9.88
N VAL A 68 4.23 -0.74 9.12
CA VAL A 68 3.96 0.37 8.20
C VAL A 68 3.16 1.47 8.91
N LYS A 69 3.52 2.74 8.72
CA LYS A 69 2.95 3.91 9.40
C LYS A 69 2.75 5.11 8.46
N LYS A 70 2.00 6.13 8.91
CA LYS A 70 1.67 7.37 8.17
C LYS A 70 2.17 8.61 8.93
N PRO A 71 3.35 9.18 8.58
CA PRO A 71 3.82 10.44 9.15
C PRO A 71 2.96 11.67 8.83
N TYR A 72 2.40 11.79 7.60
CA TYR A 72 1.62 12.97 7.19
C TYR A 72 0.60 12.73 6.03
N ARG A 73 -0.09 13.77 5.53
CA ARG A 73 -1.03 13.79 4.39
C ARG A 73 -0.43 13.08 3.17
N GLY A 74 -0.81 11.82 2.95
CA GLY A 74 -0.26 10.97 1.91
C GLY A 74 1.25 10.72 2.02
N GLN A 75 1.86 10.87 3.19
CA GLN A 75 3.25 10.50 3.47
C GLN A 75 3.28 9.27 4.38
N TYR A 76 4.07 8.26 3.99
CA TYR A 76 4.12 6.92 4.56
C TYR A 76 5.54 6.43 4.87
N ILE A 77 5.69 5.42 5.74
CA ILE A 77 7.00 4.85 6.15
C ILE A 77 6.88 3.38 6.55
N LEU A 78 7.96 2.60 6.44
CA LEU A 78 8.08 1.23 6.98
C LEU A 78 9.26 1.14 7.95
N GLU A 79 8.99 0.68 9.18
CA GLU A 79 10.00 0.43 10.21
C GLU A 79 10.48 -1.05 10.20
N GLY A 80 11.75 -1.28 10.56
CA GLY A 80 12.32 -2.62 10.73
C GLY A 80 12.28 -3.46 9.44
N GLU A 81 11.81 -4.71 9.57
CA GLU A 81 11.57 -5.64 8.44
C GLU A 81 10.19 -6.31 8.54
N ILE A 82 9.51 -6.46 7.40
CA ILE A 82 8.12 -6.99 7.30
C ILE A 82 8.03 -8.53 7.33
N GLU A 83 9.14 -9.23 7.09
CA GLU A 83 9.16 -10.68 6.87
C GLU A 83 8.55 -11.49 8.01
N SER A 84 8.65 -11.00 9.25
CA SER A 84 8.09 -11.65 10.44
C SER A 84 6.56 -11.62 10.54
N LEU A 85 5.89 -10.81 9.73
CA LEU A 85 4.41 -10.74 9.66
C LEU A 85 3.86 -11.24 8.31
N GLU A 86 4.64 -11.12 7.23
CA GLU A 86 4.29 -11.69 5.90
C GLU A 86 4.54 -13.20 5.82
N HIS A 87 5.57 -13.69 6.53
CA HIS A 87 6.05 -15.07 6.55
C HIS A 87 6.30 -15.55 8.01
N HIS A 88 6.97 -16.69 8.20
CA HIS A 88 7.24 -17.31 9.52
C HIS A 88 7.89 -16.31 10.50
N HIS A 89 7.42 -16.28 11.75
CA HIS A 89 7.76 -15.23 12.75
C HIS A 89 9.23 -15.20 13.21
N HIS A 90 9.84 -16.35 13.52
CA HIS A 90 11.18 -16.45 14.14
C HIS A 90 12.02 -17.62 13.60
N HIS A 91 13.32 -17.40 13.34
CA HIS A 91 14.24 -18.41 12.76
C HIS A 91 14.58 -19.55 13.72
N HIS A 92 14.78 -19.24 15.02
CA HIS A 92 15.32 -20.15 16.04
C HIS A 92 16.64 -20.82 15.59
N GLY A 1 -34.47 -2.66 -16.90
CA GLY A 1 -35.52 -2.71 -15.88
C GLY A 1 -35.64 -1.44 -15.04
N THR A 2 -36.86 -0.97 -14.77
CA THR A 2 -37.10 0.30 -14.05
C THR A 2 -36.49 0.41 -12.65
N THR A 3 -36.31 -0.73 -11.97
CA THR A 3 -35.67 -0.87 -10.64
C THR A 3 -34.16 -0.56 -10.56
N ARG A 4 -33.47 -0.45 -11.71
CA ARG A 4 -32.04 -0.17 -11.82
C ARG A 4 -31.65 1.18 -11.21
N ARG A 5 -30.78 1.15 -10.18
CA ARG A 5 -30.11 2.33 -9.59
C ARG A 5 -29.12 2.95 -10.59
N ARG A 6 -28.73 4.22 -10.40
CA ARG A 6 -27.92 4.97 -11.40
C ARG A 6 -26.63 4.23 -11.80
N ARG A 7 -26.23 4.43 -13.06
CA ARG A 7 -25.19 3.67 -13.82
C ARG A 7 -24.02 3.06 -13.02
N GLY A 8 -23.12 3.87 -12.45
CA GLY A 8 -21.86 3.41 -11.84
C GLY A 8 -22.00 2.76 -10.46
N THR A 9 -21.03 1.91 -10.10
CA THR A 9 -20.83 1.30 -8.78
C THR A 9 -19.40 0.76 -8.56
N ALA A 10 -19.01 0.32 -7.35
CA ALA A 10 -17.68 -0.26 -7.11
C ALA A 10 -17.59 -1.25 -5.92
N ARG A 11 -16.42 -1.88 -5.79
CA ARG A 11 -15.95 -2.73 -4.68
C ARG A 11 -14.41 -2.69 -4.55
N PRO A 12 -13.79 -3.23 -3.47
CA PRO A 12 -12.32 -3.22 -3.26
C PRO A 12 -11.50 -3.94 -4.36
N GLY A 13 -10.20 -3.64 -4.44
CA GLY A 13 -9.32 -4.06 -5.55
C GLY A 13 -9.04 -5.56 -5.69
N SER A 14 -8.85 -5.99 -6.95
CA SER A 14 -8.36 -7.31 -7.40
C SER A 14 -6.94 -7.23 -7.99
N LYS A 15 -6.63 -6.19 -8.77
CA LYS A 15 -5.27 -5.81 -9.26
C LYS A 15 -4.30 -5.58 -8.10
N ALA A 16 -4.86 -5.07 -7.00
CA ALA A 16 -4.18 -4.54 -5.82
C ALA A 16 -3.29 -5.54 -5.02
N ALA A 17 -3.53 -6.85 -5.08
CA ALA A 17 -2.78 -7.85 -4.28
C ALA A 17 -1.28 -7.98 -4.68
N LYS A 18 -0.98 -8.15 -5.97
CA LYS A 18 0.42 -8.21 -6.47
C LYS A 18 1.22 -6.94 -6.17
N LEU A 19 0.53 -5.81 -6.14
CA LEU A 19 1.10 -4.51 -5.74
C LEU A 19 1.43 -4.45 -4.24
N ARG A 20 0.69 -5.12 -3.34
CA ARG A 20 1.11 -5.28 -1.92
C ARG A 20 2.45 -6.01 -1.84
N GLU A 21 2.62 -7.07 -2.65
CA GLU A 21 3.88 -7.83 -2.66
C GLU A 21 5.09 -6.98 -3.12
N ALA A 22 4.90 -6.17 -4.18
CA ALA A 22 5.91 -5.23 -4.67
C ALA A 22 6.16 -4.05 -3.72
N ALA A 23 5.11 -3.54 -3.06
CA ALA A 23 5.19 -2.41 -2.14
C ALA A 23 6.12 -2.68 -0.96
N ILE A 24 6.05 -3.87 -0.35
CA ILE A 24 6.92 -4.24 0.77
C ILE A 24 8.41 -4.23 0.38
N LYS A 25 8.76 -4.81 -0.78
CA LYS A 25 10.16 -4.84 -1.26
C LYS A 25 10.66 -3.45 -1.69
N THR A 26 9.81 -2.65 -2.31
CA THR A 26 10.08 -1.22 -2.58
C THR A 26 10.30 -0.38 -1.32
N LEU A 27 9.49 -0.57 -0.27
CA LEU A 27 9.68 0.08 1.03
C LEU A 27 10.97 -0.41 1.73
N LYS A 28 11.37 -1.67 1.56
CA LYS A 28 12.70 -2.14 2.03
C LYS A 28 13.89 -1.39 1.42
N ARG A 29 13.85 -1.01 0.13
CA ARG A 29 14.91 -0.15 -0.47
C ARG A 29 14.73 1.35 -0.21
N HIS A 30 13.50 1.80 0.10
CA HIS A 30 13.13 3.19 0.41
C HIS A 30 12.33 3.28 1.73
N ASN A 31 13.02 3.08 2.86
CA ASN A 31 12.37 2.98 4.19
C ASN A 31 11.82 4.32 4.71
N ALA A 32 12.53 5.43 4.43
CA ALA A 32 12.24 6.76 4.96
C ALA A 32 10.96 7.40 4.38
N ALA A 33 10.51 8.51 4.99
CA ALA A 33 9.26 9.18 4.60
C ALA A 33 9.28 9.64 3.13
N ILE A 34 8.17 9.37 2.42
CA ILE A 34 8.02 9.58 0.97
C ILE A 34 6.56 9.94 0.63
N LYS A 35 6.34 10.82 -0.36
CA LYS A 35 4.99 11.10 -0.89
C LYS A 35 4.43 9.87 -1.63
N SER A 36 3.11 9.66 -1.52
CA SER A 36 2.37 8.55 -2.11
C SER A 36 2.59 8.41 -3.63
N SER A 37 2.55 9.51 -4.39
CA SER A 37 2.81 9.54 -5.83
C SER A 37 4.23 9.12 -6.23
N GLU A 38 5.24 9.52 -5.46
CA GLU A 38 6.64 9.09 -5.66
C GLU A 38 6.82 7.60 -5.32
N LEU A 39 6.19 7.14 -4.23
CA LEU A 39 6.17 5.73 -3.84
C LEU A 39 5.45 4.86 -4.88
N GLN A 40 4.33 5.34 -5.43
CA GLN A 40 3.64 4.75 -6.59
C GLN A 40 4.58 4.57 -7.80
N LYS A 41 5.33 5.60 -8.20
CA LYS A 41 6.27 5.53 -9.33
C LYS A 41 7.39 4.51 -9.09
N GLU A 42 7.96 4.48 -7.88
CA GLU A 42 8.97 3.48 -7.50
C GLU A 42 8.42 2.03 -7.46
N ILE A 43 7.19 1.83 -6.99
CA ILE A 43 6.53 0.52 -7.02
C ILE A 43 6.13 0.12 -8.45
N GLU A 44 5.82 1.07 -9.33
CA GLU A 44 5.60 0.81 -10.76
C GLU A 44 6.89 0.35 -11.45
N LYS A 45 8.06 0.88 -11.07
CA LYS A 45 9.36 0.35 -11.53
C LYS A 45 9.59 -1.08 -11.07
N GLU A 46 9.13 -1.44 -9.86
CA GLU A 46 9.24 -2.80 -9.30
C GLU A 46 8.29 -3.81 -9.96
N SER A 47 7.00 -3.46 -10.07
CA SER A 47 5.92 -4.37 -10.49
C SER A 47 5.53 -4.31 -11.98
N GLY A 48 5.83 -3.21 -12.67
CA GLY A 48 5.34 -2.93 -14.03
C GLY A 48 3.88 -2.45 -14.07
N LEU A 49 3.26 -2.16 -12.91
CA LEU A 49 1.85 -1.76 -12.75
C LEU A 49 1.70 -0.53 -11.86
N GLU A 50 0.66 0.26 -12.06
CA GLU A 50 0.34 1.42 -11.22
C GLU A 50 -0.18 0.97 -9.84
N ILE A 51 0.33 1.58 -8.76
CA ILE A 51 -0.17 1.36 -7.39
C ILE A 51 -1.68 1.71 -7.24
N PRO A 52 -2.46 1.01 -6.38
CA PRO A 52 -3.91 1.19 -6.21
C PRO A 52 -4.31 2.54 -5.61
N ASN A 53 -5.59 2.70 -5.23
CA ASN A 53 -6.05 3.86 -4.45
C ASN A 53 -5.13 4.02 -3.23
N MET A 54 -4.32 5.09 -3.21
CA MET A 54 -3.25 5.19 -2.23
C MET A 54 -3.77 5.35 -0.81
N THR A 55 -4.85 6.09 -0.59
CA THR A 55 -5.46 6.20 0.73
C THR A 55 -6.02 4.91 1.31
N THR A 56 -6.83 4.14 0.57
CA THR A 56 -7.21 2.79 0.99
C THR A 56 -6.05 1.81 1.15
N PHE A 57 -5.14 1.76 0.18
CA PHE A 57 -4.05 0.80 0.16
C PHE A 57 -2.99 0.99 1.26
N MET A 58 -2.51 2.21 1.43
CA MET A 58 -1.54 2.55 2.47
C MET A 58 -2.16 2.44 3.88
N GLN A 59 -3.43 2.87 4.10
CA GLN A 59 -4.12 2.61 5.37
C GLN A 59 -4.42 1.11 5.60
N SER A 60 -4.68 0.32 4.55
CA SER A 60 -4.78 -1.15 4.64
C SER A 60 -3.46 -1.77 5.13
N LEU A 61 -2.33 -1.35 4.55
CA LEU A 61 -0.99 -1.72 5.03
C LEU A 61 -0.77 -1.28 6.48
N ILE A 62 -1.18 -0.07 6.88
CA ILE A 62 -1.05 0.44 8.25
C ILE A 62 -1.85 -0.40 9.26
N LYS A 63 -3.14 -0.68 9.00
CA LYS A 63 -3.97 -1.47 9.92
C LYS A 63 -3.50 -2.94 10.02
N MET A 64 -2.96 -3.50 8.92
CA MET A 64 -2.36 -4.84 8.93
C MET A 64 -1.00 -4.90 9.66
N TYR A 65 -0.15 -3.87 9.50
CA TYR A 65 1.23 -3.87 9.97
C TYR A 65 1.49 -2.45 10.53
N PRO A 66 1.43 -2.26 11.87
CA PRO A 66 1.73 -0.99 12.54
C PRO A 66 3.17 -0.45 12.31
N GLU A 67 4.06 -1.28 11.76
CA GLU A 67 5.39 -0.90 11.28
C GLU A 67 5.33 0.13 10.13
N VAL A 68 4.28 0.07 9.29
CA VAL A 68 3.96 1.10 8.29
C VAL A 68 3.24 2.26 8.99
N LYS A 69 3.67 3.51 8.76
CA LYS A 69 3.17 4.73 9.45
C LYS A 69 2.91 5.88 8.47
N LYS A 70 2.17 6.90 8.93
CA LYS A 70 1.71 8.04 8.12
C LYS A 70 2.11 9.38 8.76
N PRO A 71 3.25 9.97 8.36
CA PRO A 71 3.61 11.34 8.77
C PRO A 71 2.61 12.42 8.34
N TYR A 72 1.97 12.29 7.15
CA TYR A 72 0.93 13.23 6.69
C TYR A 72 0.00 12.59 5.63
N ARG A 73 -1.13 13.22 5.21
CA ARG A 73 -1.92 12.67 4.11
C ARG A 73 -1.09 12.55 2.83
N GLY A 74 -1.14 11.37 2.23
CA GLY A 74 -0.27 11.03 1.10
C GLY A 74 1.22 11.07 1.43
N GLN A 75 1.64 10.91 2.69
CA GLN A 75 3.06 10.78 3.05
C GLN A 75 3.23 9.65 4.07
N TYR A 76 3.99 8.62 3.69
CA TYR A 76 4.12 7.34 4.40
C TYR A 76 5.57 6.90 4.64
N ILE A 77 5.78 5.98 5.59
CA ILE A 77 7.11 5.48 6.03
C ILE A 77 6.99 4.02 6.52
N LEU A 78 8.07 3.22 6.46
CA LEU A 78 8.16 1.87 7.04
C LEU A 78 9.33 1.77 8.03
N GLU A 79 9.03 1.45 9.29
CA GLU A 79 10.01 1.25 10.38
C GLU A 79 10.32 -0.23 10.63
N GLY A 80 11.59 -0.62 10.50
CA GLY A 80 12.08 -1.99 10.74
C GLY A 80 11.61 -3.02 9.71
N GLU A 81 11.67 -4.31 10.07
CA GLU A 81 11.18 -5.43 9.25
C GLU A 81 9.65 -5.40 9.02
N ILE A 82 9.24 -6.15 7.99
CA ILE A 82 7.86 -6.28 7.51
C ILE A 82 7.56 -7.68 6.89
N GLU A 83 8.59 -8.46 6.52
CA GLU A 83 8.44 -9.82 5.94
C GLU A 83 8.48 -10.97 6.97
N SER A 84 8.75 -10.68 8.25
CA SER A 84 8.84 -11.70 9.33
C SER A 84 7.48 -12.32 9.67
N LEU A 85 7.51 -13.41 10.44
CA LEU A 85 6.34 -14.02 11.08
C LEU A 85 5.94 -13.13 12.27
N GLU A 86 5.50 -11.91 11.96
CA GLU A 86 5.28 -10.80 12.89
C GLU A 86 4.41 -11.03 14.13
N HIS A 87 4.69 -10.22 15.15
CA HIS A 87 4.20 -10.31 16.53
C HIS A 87 2.73 -9.91 16.76
N HIS A 88 1.98 -9.58 15.69
CA HIS A 88 0.62 -9.02 15.74
C HIS A 88 -0.46 -10.02 16.21
N HIS A 89 -0.21 -11.34 16.11
CA HIS A 89 -1.13 -12.41 16.52
C HIS A 89 -1.42 -12.40 18.04
N HIS A 90 -2.61 -12.87 18.44
CA HIS A 90 -3.03 -12.96 19.85
C HIS A 90 -2.16 -13.93 20.67
N HIS A 91 -2.05 -13.68 21.99
CA HIS A 91 -1.31 -14.55 22.95
C HIS A 91 -1.93 -15.95 23.10
N HIS A 92 -1.16 -16.90 23.63
CA HIS A 92 -1.64 -18.24 24.03
C HIS A 92 -2.69 -18.16 25.16
N GLY A 1 -39.40 1.53 -13.75
CA GLY A 1 -39.12 2.47 -12.65
C GLY A 1 -39.00 1.82 -11.26
N THR A 2 -38.45 0.60 -11.18
CA THR A 2 -38.28 -0.15 -9.92
C THR A 2 -37.32 0.48 -8.91
N THR A 3 -37.47 0.17 -7.61
CA THR A 3 -36.78 0.79 -6.46
C THR A 3 -35.28 0.46 -6.25
N ARG A 4 -34.58 0.08 -7.33
CA ARG A 4 -33.15 -0.28 -7.32
C ARG A 4 -32.22 0.92 -7.07
N ARG A 5 -30.99 0.64 -6.64
CA ARG A 5 -29.89 1.61 -6.57
C ARG A 5 -29.31 1.90 -7.96
N ARG A 6 -28.55 3.00 -8.09
CA ARG A 6 -27.76 3.33 -9.29
C ARG A 6 -26.67 2.27 -9.56
N ARG A 7 -26.25 2.13 -10.83
CA ARG A 7 -25.30 1.10 -11.27
C ARG A 7 -23.90 1.28 -10.63
N GLY A 8 -23.47 2.53 -10.40
CA GLY A 8 -22.21 2.84 -9.74
C GLY A 8 -22.11 2.19 -8.36
N THR A 9 -20.99 1.52 -8.10
CA THR A 9 -20.60 0.89 -6.84
C THR A 9 -19.15 0.44 -6.89
N ALA A 10 -18.50 0.26 -5.73
CA ALA A 10 -17.09 -0.19 -5.65
C ALA A 10 -16.74 -0.91 -4.33
N ARG A 11 -15.50 -1.42 -4.26
CA ARG A 11 -14.79 -2.01 -3.10
C ARG A 11 -13.26 -1.83 -3.21
N PRO A 12 -12.46 -1.96 -2.11
CA PRO A 12 -10.99 -1.89 -2.18
C PRO A 12 -10.39 -2.79 -3.25
N GLY A 13 -9.31 -2.36 -3.91
CA GLY A 13 -8.76 -2.99 -5.12
C GLY A 13 -8.37 -4.48 -5.10
N SER A 14 -8.58 -5.14 -6.26
CA SER A 14 -8.11 -6.49 -6.65
C SER A 14 -6.83 -6.42 -7.49
N LYS A 15 -6.77 -5.49 -8.46
CA LYS A 15 -5.58 -5.17 -9.27
C LYS A 15 -4.43 -4.64 -8.37
N ALA A 16 -4.82 -3.99 -7.27
CA ALA A 16 -3.95 -3.51 -6.19
C ALA A 16 -3.05 -4.59 -5.52
N ALA A 17 -3.31 -5.89 -5.69
CA ALA A 17 -2.39 -6.96 -5.26
C ALA A 17 -0.98 -6.86 -5.91
N LYS A 18 -0.89 -6.31 -7.13
CA LYS A 18 0.41 -5.94 -7.76
C LYS A 18 1.18 -4.89 -6.97
N LEU A 19 0.47 -3.96 -6.31
CA LEU A 19 1.08 -3.03 -5.37
C LEU A 19 1.52 -3.72 -4.08
N ARG A 20 0.80 -4.71 -3.53
CA ARG A 20 1.24 -5.44 -2.32
C ARG A 20 2.65 -6.03 -2.49
N GLU A 21 2.84 -6.85 -3.53
CA GLU A 21 4.16 -7.49 -3.78
C GLU A 21 5.26 -6.47 -4.10
N ALA A 22 4.95 -5.43 -4.90
CA ALA A 22 5.92 -4.41 -5.27
C ALA A 22 6.24 -3.43 -4.12
N ALA A 23 5.27 -3.09 -3.27
CA ALA A 23 5.45 -2.17 -2.15
C ALA A 23 6.36 -2.75 -1.08
N ILE A 24 6.29 -4.06 -0.75
CA ILE A 24 7.22 -4.64 0.24
C ILE A 24 8.67 -4.56 -0.23
N LYS A 25 8.98 -4.90 -1.50
CA LYS A 25 10.34 -4.76 -2.07
C LYS A 25 10.80 -3.29 -2.15
N THR A 26 9.91 -2.39 -2.56
CA THR A 26 10.18 -0.94 -2.59
C THR A 26 10.43 -0.37 -1.19
N LEU A 27 9.62 -0.74 -0.19
CA LEU A 27 9.78 -0.31 1.20
C LEU A 27 11.01 -0.98 1.88
N LYS A 28 11.45 -2.17 1.42
CA LYS A 28 12.72 -2.77 1.84
C LYS A 28 13.94 -1.92 1.43
N ARG A 29 13.99 -1.37 0.20
CA ARG A 29 15.07 -0.43 -0.22
C ARG A 29 14.89 0.99 0.32
N HIS A 30 13.65 1.44 0.55
CA HIS A 30 13.30 2.79 1.05
C HIS A 30 12.26 2.72 2.18
N ASN A 31 12.69 2.35 3.40
CA ASN A 31 11.74 2.13 4.51
C ASN A 31 11.26 3.44 5.17
N ALA A 32 12.03 4.54 5.06
CA ALA A 32 11.73 5.85 5.66
C ALA A 32 10.51 6.54 5.02
N ALA A 33 9.99 7.58 5.71
CA ALA A 33 8.74 8.25 5.34
C ALA A 33 8.77 8.88 3.93
N ILE A 34 7.71 8.65 3.15
CA ILE A 34 7.63 9.01 1.72
C ILE A 34 6.18 9.34 1.33
N LYS A 35 5.97 10.34 0.44
CA LYS A 35 4.63 10.70 -0.07
C LYS A 35 4.10 9.66 -1.06
N SER A 36 2.78 9.49 -1.09
CA SER A 36 1.97 8.70 -2.04
C SER A 36 2.48 8.76 -3.48
N SER A 37 2.68 9.94 -4.05
CA SER A 37 3.16 10.16 -5.44
C SER A 37 4.62 9.77 -5.67
N GLU A 38 5.49 9.99 -4.69
CA GLU A 38 6.90 9.55 -4.78
C GLU A 38 7.01 8.02 -4.65
N LEU A 39 6.23 7.42 -3.74
CA LEU A 39 6.13 5.96 -3.59
C LEU A 39 5.46 5.31 -4.82
N GLN A 40 4.43 5.94 -5.40
CA GLN A 40 3.83 5.57 -6.69
C GLN A 40 4.89 5.49 -7.80
N LYS A 41 5.75 6.51 -7.94
CA LYS A 41 6.88 6.52 -8.92
C LYS A 41 7.87 5.38 -8.70
N GLU A 42 8.29 5.16 -7.46
CA GLU A 42 9.18 4.04 -7.09
C GLU A 42 8.56 2.65 -7.29
N ILE A 43 7.25 2.48 -7.00
CA ILE A 43 6.54 1.22 -7.28
C ILE A 43 6.28 1.03 -8.80
N GLU A 44 6.09 2.10 -9.57
CA GLU A 44 6.01 2.01 -11.05
C GLU A 44 7.36 1.53 -11.65
N LYS A 45 8.49 1.98 -11.09
CA LYS A 45 9.83 1.45 -11.43
C LYS A 45 10.06 0.01 -10.97
N GLU A 46 9.46 -0.41 -9.84
CA GLU A 46 9.48 -1.81 -9.38
C GLU A 46 8.66 -2.76 -10.29
N SER A 47 7.41 -2.41 -10.58
CA SER A 47 6.43 -3.28 -11.24
C SER A 47 6.38 -3.16 -12.77
N GLY A 48 6.66 -1.98 -13.33
CA GLY A 48 6.43 -1.70 -14.75
C GLY A 48 4.94 -1.49 -15.10
N LEU A 49 4.05 -1.38 -14.10
CA LEU A 49 2.59 -1.32 -14.23
C LEU A 49 2.00 0.03 -13.79
N GLU A 50 0.75 0.28 -14.16
CA GLU A 50 -0.03 1.42 -13.64
C GLU A 50 -0.32 1.24 -12.13
N ILE A 51 -0.53 2.34 -11.40
CA ILE A 51 -0.59 2.34 -9.93
C ILE A 51 -1.99 2.66 -9.38
N PRO A 52 -2.71 1.66 -8.81
CA PRO A 52 -3.94 1.86 -8.06
C PRO A 52 -3.87 2.86 -6.90
N ASN A 53 -5.06 3.21 -6.40
CA ASN A 53 -5.29 4.30 -5.44
C ASN A 53 -4.37 4.18 -4.21
N MET A 54 -3.42 5.11 -4.07
CA MET A 54 -2.48 5.08 -2.95
C MET A 54 -3.18 5.24 -1.59
N THR A 55 -4.13 6.15 -1.44
CA THR A 55 -4.86 6.31 -0.16
C THR A 55 -5.52 5.03 0.37
N THR A 56 -6.29 4.35 -0.49
CA THR A 56 -6.89 3.04 -0.15
C THR A 56 -5.92 1.87 -0.09
N PHE A 57 -5.00 1.73 -1.06
CA PHE A 57 -3.96 0.70 -1.01
C PHE A 57 -3.00 0.80 0.16
N MET A 58 -2.43 1.97 0.43
CA MET A 58 -1.51 2.16 1.56
C MET A 58 -2.24 1.91 2.89
N GLN A 59 -3.53 2.28 3.06
CA GLN A 59 -4.31 1.87 4.23
C GLN A 59 -4.62 0.35 4.29
N SER A 60 -4.93 -0.29 3.16
CA SER A 60 -5.09 -1.76 3.06
C SER A 60 -3.80 -2.49 3.47
N LEU A 61 -2.66 -1.99 3.00
CA LEU A 61 -1.31 -2.39 3.38
C LEU A 61 -1.08 -2.18 4.89
N ILE A 62 -1.47 -1.05 5.48
CA ILE A 62 -1.34 -0.78 6.93
C ILE A 62 -2.13 -1.80 7.77
N LYS A 63 -3.43 -1.98 7.50
CA LYS A 63 -4.29 -2.90 8.30
C LYS A 63 -3.92 -4.38 8.11
N MET A 64 -3.31 -4.72 6.96
CA MET A 64 -2.80 -6.07 6.65
C MET A 64 -1.38 -6.32 7.20
N TYR A 65 -0.54 -5.28 7.33
CA TYR A 65 0.86 -5.33 7.78
C TYR A 65 1.21 -4.27 8.85
N PRO A 66 1.08 -4.57 10.16
CA PRO A 66 1.22 -3.57 11.24
C PRO A 66 2.55 -2.80 11.35
N GLU A 67 3.64 -3.27 10.72
CA GLU A 67 4.91 -2.52 10.65
C GLU A 67 4.85 -1.29 9.73
N VAL A 68 3.89 -1.22 8.80
CA VAL A 68 3.58 -0.03 7.98
C VAL A 68 2.73 0.98 8.76
N LYS A 69 3.07 2.27 8.67
CA LYS A 69 2.39 3.39 9.37
C LYS A 69 2.18 4.63 8.49
N LYS A 70 1.32 5.56 8.93
CA LYS A 70 0.99 6.83 8.26
C LYS A 70 1.40 8.04 9.14
N PRO A 71 2.64 8.57 9.02
CA PRO A 71 3.06 9.79 9.70
C PRO A 71 2.27 11.07 9.32
N TYR A 72 1.83 11.25 8.05
CA TYR A 72 1.10 12.47 7.63
C TYR A 72 0.16 12.29 6.41
N ARG A 73 -0.53 13.35 5.94
CA ARG A 73 -1.36 13.39 4.72
C ARG A 73 -0.66 12.71 3.54
N GLY A 74 -1.11 11.51 3.19
CA GLY A 74 -0.51 10.69 2.11
C GLY A 74 0.97 10.33 2.32
N GLN A 75 1.55 10.51 3.52
CA GLN A 75 2.93 10.16 3.84
C GLN A 75 2.98 8.90 4.69
N TYR A 76 3.68 7.88 4.20
CA TYR A 76 3.70 6.51 4.71
C TYR A 76 5.13 6.02 5.02
N ILE A 77 5.29 5.06 5.92
CA ILE A 77 6.60 4.54 6.41
C ILE A 77 6.50 3.04 6.73
N LEU A 78 7.61 2.29 6.68
CA LEU A 78 7.70 0.91 7.16
C LEU A 78 8.83 0.79 8.20
N GLU A 79 8.52 0.32 9.41
CA GLU A 79 9.51 0.06 10.46
C GLU A 79 10.26 -1.26 10.22
N GLY A 80 11.58 -1.20 10.04
CA GLY A 80 12.43 -2.35 9.70
C GLY A 80 12.02 -3.06 8.39
N GLU A 81 12.40 -4.34 8.27
CA GLU A 81 11.93 -5.23 7.21
C GLU A 81 10.60 -5.91 7.59
N ILE A 82 9.80 -6.33 6.61
CA ILE A 82 8.43 -6.85 6.86
C ILE A 82 8.45 -8.17 7.68
N GLU A 83 9.54 -8.94 7.63
CA GLU A 83 9.78 -10.14 8.43
C GLU A 83 9.85 -9.88 9.95
N SER A 84 9.90 -8.61 10.39
CA SER A 84 9.75 -8.25 11.81
C SER A 84 8.43 -8.74 12.44
N LEU A 85 7.40 -9.02 11.61
CA LEU A 85 6.14 -9.65 12.05
C LEU A 85 6.29 -11.12 12.53
N GLU A 86 7.43 -11.77 12.27
CA GLU A 86 7.70 -13.17 12.65
C GLU A 86 8.99 -13.40 13.47
N HIS A 87 9.55 -12.33 14.08
CA HIS A 87 10.64 -12.40 15.07
C HIS A 87 10.51 -11.31 16.15
N HIS A 88 11.23 -11.46 17.27
CA HIS A 88 11.31 -10.43 18.35
C HIS A 88 11.84 -9.09 17.81
N HIS A 89 11.34 -7.96 18.35
CA HIS A 89 11.59 -6.61 17.80
C HIS A 89 11.63 -5.50 18.87
N HIS A 90 12.40 -4.43 18.63
CA HIS A 90 12.73 -3.36 19.61
C HIS A 90 11.50 -2.63 20.21
N HIS A 91 10.42 -2.48 19.44
CA HIS A 91 9.16 -1.82 19.88
C HIS A 91 8.27 -2.66 20.83
N HIS A 92 8.63 -3.93 21.11
CA HIS A 92 7.77 -4.90 21.82
C HIS A 92 6.37 -5.04 21.16
N GLY A 1 -27.54 10.86 -13.01
CA GLY A 1 -27.54 10.23 -14.34
C GLY A 1 -28.95 9.88 -14.87
N THR A 2 -29.07 9.75 -16.19
CA THR A 2 -30.32 9.42 -16.91
C THR A 2 -30.79 7.95 -16.85
N THR A 3 -29.94 7.08 -16.29
CA THR A 3 -30.12 5.61 -16.14
C THR A 3 -31.40 5.11 -15.45
N ARG A 4 -31.82 3.88 -15.77
CA ARG A 4 -32.93 3.13 -15.11
C ARG A 4 -32.88 3.21 -13.57
N ARG A 5 -31.67 3.05 -13.01
CA ARG A 5 -31.26 3.28 -11.61
C ARG A 5 -29.81 3.72 -11.63
N ARG A 6 -29.38 4.56 -10.68
CA ARG A 6 -28.00 5.10 -10.64
C ARG A 6 -26.96 3.97 -10.53
N ARG A 7 -26.24 3.78 -11.66
CA ARG A 7 -25.33 2.65 -11.97
C ARG A 7 -24.09 2.48 -11.10
N GLY A 8 -23.44 3.57 -10.69
CA GLY A 8 -22.12 3.50 -10.05
C GLY A 8 -22.07 2.77 -8.70
N THR A 9 -21.01 1.98 -8.52
CA THR A 9 -20.65 1.20 -7.34
C THR A 9 -19.21 0.67 -7.45
N ALA A 10 -18.61 0.17 -6.36
CA ALA A 10 -17.31 -0.51 -6.38
C ALA A 10 -17.10 -1.52 -5.23
N ARG A 11 -15.98 -2.25 -5.30
CA ARG A 11 -15.46 -3.20 -4.31
C ARG A 11 -13.90 -3.15 -4.29
N PRO A 12 -13.21 -3.79 -3.31
CA PRO A 12 -11.74 -3.79 -3.22
C PRO A 12 -11.04 -4.33 -4.48
N GLY A 13 -9.84 -3.82 -4.80
CA GLY A 13 -9.16 -4.09 -6.08
C GLY A 13 -8.69 -5.54 -6.29
N SER A 14 -8.73 -5.98 -7.55
CA SER A 14 -8.13 -7.23 -8.07
C SER A 14 -6.71 -7.00 -8.63
N LYS A 15 -6.52 -5.91 -9.40
CA LYS A 15 -5.20 -5.42 -9.86
C LYS A 15 -4.31 -4.99 -8.68
N ALA A 16 -4.94 -4.53 -7.60
CA ALA A 16 -4.31 -4.01 -6.39
C ALA A 16 -3.36 -5.00 -5.66
N ALA A 17 -3.46 -6.31 -5.92
CA ALA A 17 -2.50 -7.32 -5.45
C ALA A 17 -1.07 -7.14 -6.02
N LYS A 18 -0.93 -6.66 -7.26
CA LYS A 18 0.37 -6.25 -7.84
C LYS A 18 0.99 -5.06 -7.12
N LEU A 19 0.17 -4.16 -6.56
CA LEU A 19 0.64 -3.09 -5.67
C LEU A 19 1.28 -3.69 -4.42
N ARG A 20 0.60 -4.63 -3.74
CA ARG A 20 1.09 -5.26 -2.50
C ARG A 20 2.50 -5.85 -2.63
N GLU A 21 2.71 -6.74 -3.60
CA GLU A 21 4.02 -7.39 -3.75
C GLU A 21 5.13 -6.40 -4.17
N ALA A 22 4.85 -5.44 -5.06
CA ALA A 22 5.83 -4.43 -5.47
C ALA A 22 6.12 -3.41 -4.35
N ALA A 23 5.11 -3.00 -3.58
CA ALA A 23 5.24 -2.02 -2.52
C ALA A 23 6.17 -2.47 -1.40
N ILE A 24 6.07 -3.73 -0.93
CA ILE A 24 6.88 -4.13 0.23
C ILE A 24 8.38 -4.19 -0.10
N LYS A 25 8.76 -4.61 -1.31
CA LYS A 25 10.15 -4.50 -1.83
C LYS A 25 10.63 -3.05 -1.93
N THR A 26 9.79 -2.18 -2.48
CA THR A 26 10.04 -0.72 -2.53
C THR A 26 10.19 -0.06 -1.14
N LEU A 27 9.37 -0.44 -0.17
CA LEU A 27 9.47 0.04 1.21
C LEU A 27 10.73 -0.49 1.93
N LYS A 28 11.08 -1.77 1.73
CA LYS A 28 12.31 -2.38 2.29
C LYS A 28 13.61 -1.65 1.92
N ARG A 29 13.74 -1.17 0.67
CA ARG A 29 14.98 -0.51 0.17
C ARG A 29 15.08 1.00 0.47
N HIS A 30 14.03 1.65 1.00
CA HIS A 30 14.05 3.07 1.45
C HIS A 30 14.29 3.20 2.96
N ASN A 31 14.84 4.35 3.39
CA ASN A 31 15.28 4.61 4.78
C ASN A 31 14.48 5.71 5.53
N ALA A 32 13.48 6.33 4.88
CA ALA A 32 12.74 7.49 5.40
C ALA A 32 11.29 7.58 4.87
N ALA A 33 10.48 8.46 5.45
CA ALA A 33 9.09 8.71 5.02
C ALA A 33 8.99 9.31 3.60
N ILE A 34 7.91 9.01 2.90
CA ILE A 34 7.67 9.43 1.51
C ILE A 34 6.17 9.64 1.21
N LYS A 35 5.82 10.65 0.38
CA LYS A 35 4.43 10.90 -0.07
C LYS A 35 3.93 9.78 -0.96
N SER A 36 2.67 9.40 -0.81
CA SER A 36 2.00 8.27 -1.46
C SER A 36 2.09 8.25 -3.00
N SER A 37 1.99 9.40 -3.66
CA SER A 37 2.17 9.55 -5.12
C SER A 37 3.63 9.38 -5.57
N GLU A 38 4.60 9.92 -4.81
CA GLU A 38 6.03 9.71 -5.06
C GLU A 38 6.45 8.26 -4.77
N LEU A 39 5.89 7.66 -3.71
CA LEU A 39 6.00 6.24 -3.43
C LEU A 39 5.43 5.39 -4.58
N GLN A 40 4.26 5.75 -5.13
CA GLN A 40 3.75 5.16 -6.37
C GLN A 40 4.79 5.21 -7.49
N LYS A 41 5.38 6.37 -7.80
CA LYS A 41 6.42 6.50 -8.85
C LYS A 41 7.60 5.56 -8.62
N GLU A 42 8.10 5.47 -7.39
CA GLU A 42 9.16 4.51 -7.02
C GLU A 42 8.71 3.04 -7.21
N ILE A 43 7.46 2.71 -6.87
CA ILE A 43 6.89 1.38 -7.10
C ILE A 43 6.67 1.10 -8.60
N GLU A 44 6.38 2.11 -9.45
CA GLU A 44 6.30 1.94 -10.90
C GLU A 44 7.67 1.57 -11.52
N LYS A 45 8.79 2.03 -10.93
CA LYS A 45 10.14 1.57 -11.30
C LYS A 45 10.38 0.10 -10.91
N GLU A 46 9.93 -0.31 -9.73
CA GLU A 46 9.97 -1.70 -9.27
C GLU A 46 9.11 -2.65 -10.14
N SER A 47 7.86 -2.26 -10.42
CA SER A 47 6.84 -3.12 -11.04
C SER A 47 6.76 -3.05 -12.57
N GLY A 48 7.11 -1.91 -13.18
CA GLY A 48 6.92 -1.63 -14.60
C GLY A 48 5.46 -1.38 -15.05
N LEU A 49 4.53 -1.12 -14.11
CA LEU A 49 3.08 -0.94 -14.38
C LEU A 49 2.51 0.33 -13.71
N GLU A 50 1.41 0.85 -14.27
CA GLU A 50 0.63 1.96 -13.74
C GLU A 50 -0.03 1.55 -12.41
N ILE A 51 0.52 2.04 -11.30
CA ILE A 51 0.19 1.59 -9.95
C ILE A 51 -1.24 1.94 -9.47
N PRO A 52 -1.98 0.97 -8.87
CA PRO A 52 -3.32 1.18 -8.29
C PRO A 52 -3.43 2.17 -7.11
N ASN A 53 -4.63 2.29 -6.54
CA ASN A 53 -4.96 3.25 -5.47
C ASN A 53 -4.02 3.08 -4.25
N MET A 54 -3.31 4.16 -3.91
CA MET A 54 -2.42 4.21 -2.76
C MET A 54 -3.17 4.19 -1.41
N THR A 55 -4.12 5.10 -1.16
CA THR A 55 -4.75 5.28 0.15
C THR A 55 -5.43 4.05 0.77
N THR A 56 -6.21 3.33 -0.05
CA THR A 56 -6.79 2.04 0.34
C THR A 56 -5.75 0.97 0.63
N PHE A 57 -4.79 0.77 -0.27
CA PHE A 57 -3.73 -0.22 -0.07
C PHE A 57 -2.75 0.04 1.08
N MET A 58 -2.20 1.26 1.19
CA MET A 58 -1.29 1.62 2.29
C MET A 58 -1.98 1.45 3.67
N GLN A 59 -3.25 1.85 3.84
CA GLN A 59 -3.97 1.50 5.07
C GLN A 59 -4.29 0.01 5.25
N SER A 60 -4.58 -0.73 4.16
CA SER A 60 -4.71 -2.20 4.23
C SER A 60 -3.41 -2.87 4.72
N LEU A 61 -2.25 -2.40 4.23
CA LEU A 61 -0.95 -2.83 4.69
C LEU A 61 -0.71 -2.45 6.16
N ILE A 62 -1.07 -1.23 6.58
CA ILE A 62 -0.95 -0.77 7.97
C ILE A 62 -1.77 -1.62 8.95
N LYS A 63 -3.06 -1.91 8.64
CA LYS A 63 -3.89 -2.73 9.55
C LYS A 63 -3.42 -4.19 9.63
N MET A 64 -2.77 -4.71 8.60
CA MET A 64 -2.08 -6.01 8.64
C MET A 64 -0.71 -5.98 9.35
N TYR A 65 0.04 -4.87 9.23
CA TYR A 65 1.43 -4.72 9.66
C TYR A 65 1.71 -3.44 10.49
N PRO A 66 1.61 -3.49 11.83
CA PRO A 66 1.79 -2.32 12.69
C PRO A 66 3.14 -1.58 12.58
N GLU A 67 4.17 -2.22 12.02
CA GLU A 67 5.45 -1.58 11.69
C GLU A 67 5.35 -0.56 10.53
N VAL A 68 4.31 -0.64 9.70
CA VAL A 68 3.98 0.40 8.72
C VAL A 68 3.17 1.52 9.37
N LYS A 69 3.52 2.78 9.09
CA LYS A 69 2.96 3.98 9.76
C LYS A 69 2.72 5.14 8.79
N LYS A 70 1.93 6.12 9.25
CA LYS A 70 1.52 7.33 8.50
C LYS A 70 1.93 8.61 9.27
N PRO A 71 3.13 9.15 9.04
CA PRO A 71 3.55 10.42 9.61
C PRO A 71 2.63 11.63 9.29
N TYR A 72 2.11 11.73 8.05
CA TYR A 72 1.26 12.86 7.61
C TYR A 72 0.32 12.54 6.42
N ARG A 73 -0.41 13.52 5.85
CA ARG A 73 -1.31 13.43 4.69
C ARG A 73 -0.71 12.67 3.50
N GLY A 74 -1.00 11.37 3.44
CA GLY A 74 -0.39 10.41 2.51
C GLY A 74 1.14 10.26 2.63
N GLN A 75 1.78 10.81 3.66
CA GLN A 75 3.19 10.54 3.99
C GLN A 75 3.26 9.26 4.82
N TYR A 76 3.89 8.21 4.28
CA TYR A 76 3.99 6.85 4.83
C TYR A 76 5.43 6.38 5.11
N ILE A 77 5.61 5.39 5.98
CA ILE A 77 6.91 4.78 6.31
C ILE A 77 6.76 3.32 6.78
N LEU A 78 7.81 2.51 6.66
CA LEU A 78 7.93 1.16 7.25
C LEU A 78 9.15 1.13 8.18
N GLU A 79 8.93 0.79 9.45
CA GLU A 79 9.98 0.59 10.45
C GLU A 79 10.66 -0.79 10.28
N GLY A 80 11.91 -0.80 9.82
CA GLY A 80 12.73 -2.01 9.67
C GLY A 80 12.16 -3.05 8.70
N GLU A 81 12.46 -4.33 8.95
CA GLU A 81 11.99 -5.47 8.15
C GLU A 81 10.54 -5.88 8.46
N ILE A 82 9.77 -6.28 7.43
CA ILE A 82 8.36 -6.70 7.59
C ILE A 82 8.21 -8.06 8.31
N GLU A 83 9.27 -8.88 8.35
CA GLU A 83 9.32 -10.22 8.95
C GLU A 83 9.37 -10.24 10.51
N SER A 84 8.76 -9.25 11.17
CA SER A 84 8.68 -9.15 12.64
C SER A 84 7.88 -10.30 13.30
N LEU A 85 8.32 -10.74 14.48
CA LEU A 85 7.76 -11.88 15.23
C LEU A 85 6.35 -11.65 15.83
N GLU A 86 5.82 -10.43 15.77
CA GLU A 86 4.48 -10.08 16.30
C GLU A 86 3.31 -10.72 15.54
N HIS A 87 3.55 -11.21 14.31
CA HIS A 87 2.54 -11.76 13.39
C HIS A 87 3.12 -12.82 12.44
N HIS A 88 2.28 -13.76 11.99
CA HIS A 88 2.69 -14.92 11.17
C HIS A 88 1.77 -15.14 9.94
N HIS A 89 1.44 -14.03 9.23
CA HIS A 89 0.58 -14.03 8.04
C HIS A 89 1.18 -14.86 6.88
N HIS A 90 0.33 -15.35 5.97
CA HIS A 90 0.75 -16.15 4.79
C HIS A 90 1.64 -15.37 3.81
N HIS A 91 2.60 -16.05 3.16
CA HIS A 91 3.53 -15.45 2.18
C HIS A 91 2.85 -15.06 0.85
N HIS A 92 1.82 -15.82 0.45
CA HIS A 92 0.93 -15.48 -0.67
C HIS A 92 0.19 -14.15 -0.43
N GLY A 1 -39.93 -0.13 -21.92
CA GLY A 1 -40.48 -0.52 -20.60
C GLY A 1 -39.43 -0.93 -19.55
N THR A 2 -38.21 -1.26 -19.98
CA THR A 2 -37.11 -1.76 -19.12
C THR A 2 -36.71 -0.85 -17.94
N THR A 3 -36.58 -1.43 -16.74
CA THR A 3 -36.06 -0.73 -15.54
C THR A 3 -34.56 -0.41 -15.57
N ARG A 4 -34.07 0.49 -14.70
CA ARG A 4 -32.65 0.86 -14.56
C ARG A 4 -32.34 1.40 -13.15
N ARG A 5 -31.07 1.49 -12.78
CA ARG A 5 -30.56 1.99 -11.47
C ARG A 5 -29.33 2.91 -11.65
N ARG A 6 -28.94 3.63 -10.59
CA ARG A 6 -27.69 4.43 -10.57
C ARG A 6 -26.47 3.51 -10.71
N ARG A 7 -25.54 3.86 -11.61
CA ARG A 7 -24.45 2.95 -12.04
C ARG A 7 -23.39 2.67 -10.95
N GLY A 8 -22.87 3.72 -10.31
CA GLY A 8 -21.72 3.62 -9.43
C GLY A 8 -21.88 2.72 -8.20
N THR A 9 -20.86 1.90 -7.95
CA THR A 9 -20.64 1.01 -6.79
C THR A 9 -19.19 0.47 -6.86
N ALA A 10 -18.62 0.00 -5.74
CA ALA A 10 -17.26 -0.55 -5.69
C ALA A 10 -16.95 -1.46 -4.49
N ARG A 11 -15.78 -2.13 -4.56
CA ARG A 11 -15.14 -2.95 -3.51
C ARG A 11 -13.60 -2.88 -3.62
N PRO A 12 -12.82 -3.17 -2.55
CA PRO A 12 -11.34 -3.18 -2.59
C PRO A 12 -10.80 -4.06 -3.73
N GLY A 13 -9.67 -3.66 -4.33
CA GLY A 13 -9.12 -4.23 -5.57
C GLY A 13 -8.70 -5.71 -5.62
N SER A 14 -8.83 -6.30 -6.82
CA SER A 14 -8.30 -7.62 -7.23
C SER A 14 -6.92 -7.47 -7.91
N LYS A 15 -6.75 -6.41 -8.73
CA LYS A 15 -5.47 -5.96 -9.33
C LYS A 15 -4.44 -5.64 -8.25
N ALA A 16 -4.94 -5.07 -7.14
CA ALA A 16 -4.19 -4.48 -6.05
C ALA A 16 -3.23 -5.44 -5.30
N ALA A 17 -3.49 -6.74 -5.29
CA ALA A 17 -2.63 -7.74 -4.61
C ALA A 17 -1.21 -7.83 -5.21
N LYS A 18 -1.08 -7.78 -6.55
CA LYS A 18 0.23 -7.74 -7.24
C LYS A 18 1.04 -6.51 -6.85
N LEU A 19 0.34 -5.37 -6.67
CA LEU A 19 0.92 -4.12 -6.21
C LEU A 19 1.23 -4.14 -4.71
N ARG A 20 0.50 -4.88 -3.86
CA ARG A 20 0.85 -5.07 -2.43
C ARG A 20 2.26 -5.65 -2.29
N GLU A 21 2.56 -6.68 -3.08
CA GLU A 21 3.89 -7.30 -3.10
C GLU A 21 4.97 -6.33 -3.62
N ALA A 22 4.66 -5.53 -4.66
CA ALA A 22 5.55 -4.47 -5.13
C ALA A 22 5.80 -3.38 -4.08
N ALA A 23 4.75 -2.92 -3.38
CA ALA A 23 4.82 -1.85 -2.40
C ALA A 23 5.67 -2.23 -1.18
N ILE A 24 5.53 -3.44 -0.63
CA ILE A 24 6.34 -3.86 0.52
C ILE A 24 7.80 -4.05 0.13
N LYS A 25 8.11 -4.57 -1.08
CA LYS A 25 9.49 -4.59 -1.63
C LYS A 25 10.07 -3.19 -1.83
N THR A 26 9.27 -2.28 -2.39
CA THR A 26 9.63 -0.86 -2.58
C THR A 26 9.94 -0.16 -1.25
N LEU A 27 9.11 -0.35 -0.23
CA LEU A 27 9.37 0.17 1.12
C LEU A 27 10.59 -0.48 1.78
N LYS A 28 10.82 -1.80 1.62
CA LYS A 28 12.03 -2.48 2.16
C LYS A 28 13.36 -1.93 1.60
N ARG A 29 13.40 -1.45 0.35
CA ARG A 29 14.57 -0.72 -0.21
C ARG A 29 14.55 0.80 0.06
N HIS A 30 13.38 1.41 0.28
CA HIS A 30 13.17 2.84 0.59
C HIS A 30 12.41 3.03 1.92
N ASN A 31 13.08 2.72 3.03
CA ASN A 31 12.46 2.64 4.37
C ASN A 31 12.02 4.00 4.95
N ALA A 32 12.76 5.08 4.65
CA ALA A 32 12.53 6.43 5.16
C ALA A 32 11.23 7.08 4.60
N ALA A 33 10.76 8.16 5.25
CA ALA A 33 9.50 8.80 4.92
C ALA A 33 9.47 9.34 3.48
N ILE A 34 8.37 9.08 2.77
CA ILE A 34 8.18 9.38 1.33
C ILE A 34 6.70 9.71 1.01
N LYS A 35 6.46 10.66 0.08
CA LYS A 35 5.11 10.99 -0.39
C LYS A 35 4.54 9.89 -1.31
N SER A 36 3.22 9.73 -1.24
CA SER A 36 2.34 8.93 -2.10
C SER A 36 2.74 8.89 -3.58
N SER A 37 2.91 10.05 -4.21
CA SER A 37 3.28 10.19 -5.62
C SER A 37 4.71 9.80 -5.96
N GLU A 38 5.65 9.96 -5.04
CA GLU A 38 7.04 9.49 -5.21
C GLU A 38 7.16 7.98 -4.95
N LEU A 39 6.47 7.46 -3.92
CA LEU A 39 6.35 6.02 -3.66
C LEU A 39 5.62 5.29 -4.81
N GLN A 40 4.60 5.92 -5.41
CA GLN A 40 3.92 5.49 -6.63
C GLN A 40 4.88 5.31 -7.82
N LYS A 41 5.75 6.30 -8.10
CA LYS A 41 6.77 6.18 -9.17
C LYS A 41 7.72 5.00 -8.92
N GLU A 42 8.20 4.84 -7.69
CA GLU A 42 9.08 3.73 -7.31
C GLU A 42 8.37 2.35 -7.35
N ILE A 43 7.08 2.30 -7.01
CA ILE A 43 6.24 1.09 -7.18
C ILE A 43 6.02 0.78 -8.66
N GLU A 44 5.83 1.78 -9.52
CA GLU A 44 5.69 1.58 -10.96
C GLU A 44 7.01 1.10 -11.60
N LYS A 45 8.16 1.61 -11.12
CA LYS A 45 9.50 1.10 -11.46
C LYS A 45 9.74 -0.36 -11.02
N GLU A 46 9.21 -0.77 -9.86
CA GLU A 46 9.26 -2.15 -9.37
C GLU A 46 8.35 -3.13 -10.14
N SER A 47 7.07 -2.78 -10.29
CA SER A 47 6.02 -3.69 -10.82
C SER A 47 5.81 -3.61 -12.34
N GLY A 48 6.09 -2.47 -12.95
CA GLY A 48 5.78 -2.16 -14.35
C GLY A 48 4.36 -1.61 -14.59
N LEU A 49 3.56 -1.33 -13.54
CA LEU A 49 2.22 -0.75 -13.64
C LEU A 49 1.83 0.16 -12.46
N GLU A 50 0.72 0.88 -12.60
CA GLU A 50 0.25 1.86 -11.62
C GLU A 50 -0.20 1.30 -10.26
N ILE A 51 -0.02 2.14 -9.25
CA ILE A 51 -0.38 1.93 -7.84
C ILE A 51 -1.93 1.93 -7.69
N PRO A 52 -2.55 1.16 -6.76
CA PRO A 52 -4.00 1.15 -6.55
C PRO A 52 -4.55 2.47 -5.94
N ASN A 53 -5.84 2.50 -5.54
CA ASN A 53 -6.39 3.66 -4.82
C ASN A 53 -5.47 4.04 -3.66
N MET A 54 -4.92 5.26 -3.70
CA MET A 54 -3.85 5.67 -2.78
C MET A 54 -4.22 5.47 -1.31
N THR A 55 -5.37 6.02 -0.87
CA THR A 55 -5.76 5.96 0.54
C THR A 55 -6.28 4.63 1.06
N THR A 56 -7.11 3.90 0.30
CA THR A 56 -7.45 2.51 0.65
C THR A 56 -6.25 1.59 0.72
N PHE A 57 -5.37 1.65 -0.28
CA PHE A 57 -4.25 0.72 -0.40
C PHE A 57 -3.13 0.90 0.61
N MET A 58 -2.71 2.14 0.87
CA MET A 58 -1.75 2.42 1.95
C MET A 58 -2.31 2.06 3.33
N GLN A 59 -3.56 2.38 3.67
CA GLN A 59 -4.14 1.93 4.95
C GLN A 59 -4.33 0.40 5.02
N SER A 60 -4.67 -0.25 3.91
CA SER A 60 -4.71 -1.72 3.81
C SER A 60 -3.32 -2.33 4.08
N LEU A 61 -2.27 -1.77 3.47
CA LEU A 61 -0.89 -2.14 3.72
C LEU A 61 -0.47 -1.92 5.18
N ILE A 62 -0.90 -0.82 5.81
CA ILE A 62 -0.65 -0.53 7.23
C ILE A 62 -1.32 -1.56 8.16
N LYS A 63 -2.61 -1.88 7.96
CA LYS A 63 -3.31 -2.84 8.84
C LYS A 63 -2.84 -4.30 8.64
N MET A 64 -2.34 -4.64 7.44
CA MET A 64 -1.67 -5.94 7.19
C MET A 64 -0.24 -5.99 7.77
N TYR A 65 0.51 -4.88 7.74
CA TYR A 65 1.92 -4.80 8.11
C TYR A 65 2.13 -3.55 9.01
N PRO A 66 1.91 -3.66 10.35
CA PRO A 66 2.00 -2.53 11.29
C PRO A 66 3.37 -1.81 11.34
N GLU A 67 4.41 -2.40 10.76
CA GLU A 67 5.72 -1.79 10.51
C GLU A 67 5.61 -0.55 9.60
N VAL A 68 4.64 -0.52 8.69
CA VAL A 68 4.26 0.67 7.90
C VAL A 68 3.48 1.69 8.73
N LYS A 69 3.83 2.98 8.61
CA LYS A 69 3.24 4.10 9.37
C LYS A 69 2.98 5.33 8.49
N LYS A 70 2.16 6.27 8.96
CA LYS A 70 1.73 7.50 8.26
C LYS A 70 2.12 8.78 9.05
N PRO A 71 3.31 9.37 8.82
CA PRO A 71 3.69 10.65 9.41
C PRO A 71 2.77 11.84 9.05
N TYR A 72 2.29 11.96 7.80
CA TYR A 72 1.46 13.11 7.36
C TYR A 72 0.53 12.82 6.14
N ARG A 73 -0.21 13.81 5.61
CA ARG A 73 -1.04 13.71 4.38
C ARG A 73 -0.24 13.08 3.24
N GLY A 74 -0.61 11.84 2.87
CA GLY A 74 0.08 11.05 1.86
C GLY A 74 1.57 10.77 2.14
N GLN A 75 2.07 11.04 3.35
CA GLN A 75 3.46 10.79 3.75
C GLN A 75 3.53 9.53 4.60
N TYR A 76 4.30 8.54 4.13
CA TYR A 76 4.36 7.18 4.66
C TYR A 76 5.80 6.69 4.92
N ILE A 77 6.01 5.77 5.87
CA ILE A 77 7.34 5.28 6.29
C ILE A 77 7.26 3.79 6.68
N LEU A 78 8.38 3.05 6.64
CA LEU A 78 8.49 1.66 7.11
C LEU A 78 9.57 1.51 8.20
N GLU A 79 9.17 1.04 9.40
CA GLU A 79 10.06 0.82 10.55
C GLU A 79 10.30 -0.68 10.80
N GLY A 80 11.51 -1.17 10.49
CA GLY A 80 11.88 -2.59 10.58
C GLY A 80 11.29 -3.46 9.44
N GLU A 81 11.81 -4.69 9.30
CA GLU A 81 11.43 -5.62 8.23
C GLU A 81 10.13 -6.38 8.55
N ILE A 82 9.34 -6.68 7.51
CA ILE A 82 8.05 -7.41 7.64
C ILE A 82 8.25 -8.86 8.10
N GLU A 83 9.40 -9.46 7.79
CA GLU A 83 9.80 -10.79 8.23
C GLU A 83 9.90 -10.92 9.76
N SER A 84 9.88 -9.80 10.52
CA SER A 84 9.75 -9.81 11.99
C SER A 84 8.42 -10.42 12.45
N LEU A 85 7.39 -10.45 11.59
CA LEU A 85 6.14 -11.19 11.81
C LEU A 85 6.30 -12.73 11.68
N GLU A 86 7.42 -13.21 11.13
CA GLU A 86 7.63 -14.61 10.74
C GLU A 86 8.83 -15.29 11.43
N HIS A 87 9.97 -14.60 11.58
CA HIS A 87 11.18 -15.17 12.18
C HIS A 87 11.08 -15.34 13.71
N HIS A 88 11.96 -16.18 14.28
CA HIS A 88 12.09 -16.38 15.74
C HIS A 88 12.42 -15.05 16.47
N HIS A 89 12.12 -14.96 17.77
CA HIS A 89 12.20 -13.71 18.58
C HIS A 89 11.40 -12.53 17.97
N HIS A 90 10.18 -12.80 17.49
CA HIS A 90 9.25 -11.78 16.94
C HIS A 90 8.82 -10.73 17.97
N HIS A 91 8.36 -9.55 17.52
CA HIS A 91 7.75 -8.51 18.38
C HIS A 91 6.43 -8.99 19.03
N HIS A 92 5.92 -8.25 20.02
CA HIS A 92 4.59 -8.48 20.62
C HIS A 92 3.45 -8.31 19.58
N GLY A 1 -20.28 -2.36 -22.79
CA GLY A 1 -21.52 -1.66 -22.39
C GLY A 1 -21.40 -0.13 -22.41
N THR A 2 -22.54 0.58 -22.46
CA THR A 2 -22.63 2.04 -22.54
C THR A 2 -23.69 2.68 -21.62
N THR A 3 -23.57 3.96 -21.32
CA THR A 3 -24.37 4.71 -20.32
C THR A 3 -25.86 4.94 -20.66
N ARG A 4 -26.65 3.86 -20.65
CA ARG A 4 -28.13 3.84 -20.72
C ARG A 4 -28.85 4.41 -19.48
N ARG A 5 -28.15 4.39 -18.32
CA ARG A 5 -28.59 4.89 -17.01
C ARG A 5 -27.38 5.36 -16.19
N ARG A 6 -27.56 6.34 -15.29
CA ARG A 6 -26.49 6.93 -14.44
C ARG A 6 -26.09 6.05 -13.23
N ARG A 7 -25.81 4.77 -13.47
CA ARG A 7 -25.42 3.77 -12.45
C ARG A 7 -23.97 3.94 -11.95
N GLY A 8 -23.59 3.23 -10.89
CA GLY A 8 -22.20 3.10 -10.44
C GLY A 8 -22.08 2.64 -8.98
N THR A 9 -20.99 1.95 -8.66
CA THR A 9 -20.61 1.46 -7.33
C THR A 9 -19.16 0.96 -7.30
N ALA A 10 -18.58 0.64 -6.12
CA ALA A 10 -17.26 0.01 -6.01
C ALA A 10 -17.12 -0.92 -4.78
N ARG A 11 -15.98 -1.60 -4.72
CA ARG A 11 -15.48 -2.44 -3.60
C ARG A 11 -13.94 -2.38 -3.56
N PRO A 12 -13.25 -2.74 -2.45
CA PRO A 12 -11.79 -2.71 -2.37
C PRO A 12 -11.09 -3.58 -3.44
N GLY A 13 -9.84 -3.23 -3.76
CA GLY A 13 -9.09 -3.78 -4.90
C GLY A 13 -8.84 -5.30 -4.88
N SER A 14 -8.71 -5.88 -6.08
CA SER A 14 -8.28 -7.28 -6.35
C SER A 14 -7.09 -7.36 -7.32
N LYS A 15 -6.95 -6.40 -8.27
CA LYS A 15 -5.73 -6.24 -9.10
C LYS A 15 -4.54 -5.86 -8.21
N ALA A 16 -4.86 -5.15 -7.13
CA ALA A 16 -3.97 -4.58 -6.12
C ALA A 16 -3.00 -5.56 -5.44
N ALA A 17 -3.29 -6.86 -5.35
CA ALA A 17 -2.48 -7.84 -4.60
C ALA A 17 -1.03 -7.99 -5.12
N LYS A 18 -0.81 -7.99 -6.44
CA LYS A 18 0.54 -8.01 -7.02
C LYS A 18 1.34 -6.75 -6.62
N LEU A 19 0.66 -5.60 -6.58
CA LEU A 19 1.25 -4.33 -6.13
C LEU A 19 1.46 -4.27 -4.62
N ARG A 20 0.66 -4.98 -3.81
CA ARG A 20 0.89 -5.14 -2.35
C ARG A 20 2.27 -5.72 -2.06
N GLU A 21 2.62 -6.79 -2.78
CA GLU A 21 3.95 -7.40 -2.69
C GLU A 21 5.07 -6.43 -3.12
N ALA A 22 4.90 -5.73 -4.25
CA ALA A 22 5.87 -4.72 -4.72
C ALA A 22 5.98 -3.52 -3.76
N ALA A 23 4.89 -3.07 -3.15
CA ALA A 23 4.85 -1.93 -2.24
C ALA A 23 5.63 -2.20 -0.94
N ILE A 24 5.42 -3.33 -0.27
CA ILE A 24 6.16 -3.64 0.97
C ILE A 24 7.65 -3.86 0.68
N LYS A 25 7.99 -4.48 -0.46
CA LYS A 25 9.37 -4.68 -0.94
C LYS A 25 10.07 -3.36 -1.27
N THR A 26 9.36 -2.42 -1.92
CA THR A 26 9.84 -1.03 -2.11
C THR A 26 10.04 -0.28 -0.79
N LEU A 27 9.10 -0.38 0.15
CA LEU A 27 9.22 0.24 1.47
C LEU A 27 10.36 -0.33 2.32
N LYS A 28 10.79 -1.59 2.12
CA LYS A 28 12.02 -2.13 2.74
C LYS A 28 13.30 -1.49 2.18
N ARG A 29 13.42 -1.31 0.85
CA ARG A 29 14.58 -0.61 0.25
C ARG A 29 14.60 0.91 0.45
N HIS A 30 13.42 1.54 0.52
CA HIS A 30 13.20 2.95 0.92
C HIS A 30 12.47 3.02 2.28
N ASN A 31 13.22 2.79 3.37
CA ASN A 31 12.70 2.70 4.74
C ASN A 31 12.10 4.02 5.26
N ALA A 32 12.75 5.15 4.94
CA ALA A 32 12.40 6.49 5.43
C ALA A 32 11.10 7.08 4.82
N ALA A 33 10.58 8.15 5.43
CA ALA A 33 9.30 8.74 5.07
C ALA A 33 9.25 9.29 3.62
N ILE A 34 8.14 9.06 2.90
CA ILE A 34 7.98 9.36 1.47
C ILE A 34 6.51 9.70 1.13
N LYS A 35 6.28 10.61 0.16
CA LYS A 35 4.93 10.95 -0.36
C LYS A 35 4.36 9.84 -1.25
N SER A 36 3.04 9.69 -1.25
CA SER A 36 2.22 8.82 -2.11
C SER A 36 2.64 8.83 -3.58
N SER A 37 2.82 10.00 -4.21
CA SER A 37 3.24 10.12 -5.62
C SER A 37 4.67 9.63 -5.89
N GLU A 38 5.63 9.98 -5.03
CA GLU A 38 7.02 9.52 -5.14
C GLU A 38 7.18 8.03 -4.84
N LEU A 39 6.39 7.51 -3.89
CA LEU A 39 6.28 6.08 -3.62
C LEU A 39 5.62 5.34 -4.79
N GLN A 40 4.52 5.86 -5.34
CA GLN A 40 3.82 5.34 -6.53
C GLN A 40 4.76 5.21 -7.74
N LYS A 41 5.58 6.23 -8.03
CA LYS A 41 6.64 6.15 -9.06
C LYS A 41 7.60 4.98 -8.80
N GLU A 42 8.03 4.82 -7.55
CA GLU A 42 8.91 3.72 -7.15
C GLU A 42 8.24 2.32 -7.22
N ILE A 43 6.96 2.17 -6.85
CA ILE A 43 6.25 0.88 -7.04
C ILE A 43 6.05 0.59 -8.54
N GLU A 44 5.78 1.61 -9.38
CA GLU A 44 5.68 1.41 -10.83
C GLU A 44 6.99 0.90 -11.42
N LYS A 45 8.15 1.44 -10.98
CA LYS A 45 9.48 0.93 -11.34
C LYS A 45 9.77 -0.46 -10.76
N GLU A 46 9.25 -0.78 -9.56
CA GLU A 46 9.42 -2.09 -8.92
C GLU A 46 8.63 -3.20 -9.65
N SER A 47 7.38 -2.93 -10.04
CA SER A 47 6.44 -3.92 -10.58
C SER A 47 6.31 -3.93 -12.12
N GLY A 48 6.56 -2.79 -12.79
CA GLY A 48 6.30 -2.63 -14.23
C GLY A 48 4.80 -2.54 -14.59
N LEU A 49 3.95 -2.14 -13.63
CA LEU A 49 2.48 -2.13 -13.72
C LEU A 49 1.88 -0.87 -13.07
N GLU A 50 0.62 -0.59 -13.39
CA GLU A 50 -0.14 0.54 -12.82
C GLU A 50 -0.42 0.35 -11.31
N ILE A 51 -0.35 1.45 -10.55
CA ILE A 51 -0.37 1.42 -9.07
C ILE A 51 -1.70 1.90 -8.49
N PRO A 52 -2.32 1.14 -7.55
CA PRO A 52 -3.65 1.45 -7.00
C PRO A 52 -3.68 2.68 -6.07
N ASN A 53 -4.88 3.06 -5.63
CA ASN A 53 -5.18 4.26 -4.82
C ASN A 53 -4.30 4.35 -3.57
N MET A 54 -3.30 5.22 -3.56
CA MET A 54 -2.34 5.29 -2.45
C MET A 54 -2.99 5.62 -1.09
N THR A 55 -4.12 6.32 -1.04
CA THR A 55 -4.88 6.48 0.19
C THR A 55 -5.48 5.20 0.75
N THR A 56 -6.36 4.54 0.00
CA THR A 56 -6.95 3.26 0.40
C THR A 56 -5.97 2.09 0.48
N PHE A 57 -5.14 1.90 -0.54
CA PHE A 57 -4.16 0.82 -0.63
C PHE A 57 -2.98 0.85 0.36
N MET A 58 -2.38 2.02 0.62
CA MET A 58 -1.37 2.11 1.69
C MET A 58 -2.04 1.97 3.07
N GLN A 59 -3.28 2.45 3.30
CA GLN A 59 -4.02 2.13 4.53
C GLN A 59 -4.34 0.62 4.66
N SER A 60 -4.70 -0.05 3.57
CA SER A 60 -4.88 -1.51 3.54
C SER A 60 -3.58 -2.23 3.94
N LEU A 61 -2.44 -1.80 3.37
CA LEU A 61 -1.11 -2.29 3.74
C LEU A 61 -0.78 -2.04 5.22
N ILE A 62 -1.10 -0.86 5.76
CA ILE A 62 -0.93 -0.49 7.18
C ILE A 62 -1.76 -1.38 8.12
N LYS A 63 -3.07 -1.57 7.86
CA LYS A 63 -3.92 -2.40 8.75
C LYS A 63 -3.54 -3.89 8.69
N MET A 64 -3.03 -4.38 7.56
CA MET A 64 -2.44 -5.73 7.47
C MET A 64 -1.07 -5.83 8.17
N TYR A 65 -0.24 -4.78 8.11
CA TYR A 65 1.16 -4.78 8.55
C TYR A 65 1.49 -3.49 9.35
N PRO A 66 1.32 -3.48 10.69
CA PRO A 66 1.63 -2.34 11.57
C PRO A 66 3.07 -1.82 11.49
N GLU A 67 3.99 -2.57 10.87
CA GLU A 67 5.34 -2.14 10.49
C GLU A 67 5.33 -0.92 9.57
N VAL A 68 4.29 -0.75 8.74
CA VAL A 68 4.01 0.46 7.95
C VAL A 68 3.20 1.49 8.77
N LYS A 69 3.51 2.78 8.63
CA LYS A 69 2.85 3.91 9.34
C LYS A 69 2.60 5.11 8.40
N LYS A 70 1.73 6.04 8.81
CA LYS A 70 1.37 7.29 8.09
C LYS A 70 1.73 8.54 8.94
N PRO A 71 2.94 9.13 8.77
CA PRO A 71 3.30 10.38 9.42
C PRO A 71 2.46 11.61 9.01
N TYR A 72 1.99 11.70 7.74
CA TYR A 72 1.26 12.88 7.23
C TYR A 72 0.28 12.61 6.05
N ARG A 73 -0.40 13.63 5.48
CA ARG A 73 -1.28 13.56 4.30
C ARG A 73 -0.62 12.80 3.14
N GLY A 74 -1.03 11.55 2.93
CA GLY A 74 -0.43 10.65 1.93
C GLY A 74 1.08 10.41 2.12
N GLN A 75 1.63 10.64 3.31
CA GLN A 75 3.05 10.50 3.64
C GLN A 75 3.22 9.27 4.53
N TYR A 76 4.03 8.31 4.09
CA TYR A 76 4.16 6.95 4.67
C TYR A 76 5.61 6.57 5.01
N ILE A 77 5.81 5.61 5.92
CA ILE A 77 7.13 5.11 6.39
C ILE A 77 7.01 3.63 6.80
N LEU A 78 8.13 2.90 6.87
CA LEU A 78 8.21 1.51 7.33
C LEU A 78 9.26 1.36 8.45
N GLU A 79 9.01 0.45 9.39
CA GLU A 79 9.91 0.10 10.50
C GLU A 79 10.01 -1.43 10.66
N GLY A 80 11.18 -1.99 10.34
CA GLY A 80 11.47 -3.43 10.43
C GLY A 80 10.87 -4.30 9.31
N GLU A 81 11.41 -5.50 9.14
CA GLU A 81 11.01 -6.49 8.14
C GLU A 81 9.68 -7.18 8.51
N ILE A 82 8.85 -7.47 7.50
CA ILE A 82 7.50 -8.06 7.65
C ILE A 82 7.53 -9.60 7.64
N GLU A 83 8.37 -10.17 6.78
CA GLU A 83 8.40 -11.60 6.45
C GLU A 83 9.11 -12.52 7.46
N SER A 84 9.75 -11.95 8.49
CA SER A 84 10.35 -12.72 9.59
C SER A 84 9.34 -13.60 10.33
N LEU A 85 9.75 -14.82 10.71
CA LEU A 85 8.94 -15.74 11.52
C LEU A 85 8.76 -15.25 12.97
N GLU A 86 9.57 -14.28 13.41
CA GLU A 86 9.61 -13.73 14.77
C GLU A 86 9.58 -12.19 14.74
N HIS A 87 8.73 -11.60 13.86
CA HIS A 87 8.60 -10.15 13.57
C HIS A 87 8.01 -9.29 14.72
N HIS A 88 8.34 -9.59 15.98
CA HIS A 88 7.81 -9.00 17.23
C HIS A 88 8.37 -7.58 17.52
N HIS A 89 8.17 -6.66 16.58
CA HIS A 89 8.64 -5.26 16.65
C HIS A 89 7.92 -4.44 17.73
N HIS A 90 8.50 -3.29 18.10
CA HIS A 90 8.01 -2.35 19.13
C HIS A 90 6.61 -1.76 18.82
N HIS A 91 6.01 -1.07 19.80
CA HIS A 91 4.70 -0.38 19.68
C HIS A 91 4.63 0.61 18.51
N HIS A 92 3.43 0.87 18.00
CA HIS A 92 3.16 1.89 16.96
C HIS A 92 3.60 3.30 17.43
N GLY A 1 -23.90 -6.09 -13.73
CA GLY A 1 -24.97 -5.21 -14.18
C GLY A 1 -25.71 -4.52 -13.02
N THR A 2 -25.91 -3.21 -13.12
CA THR A 2 -26.40 -2.36 -12.03
C THR A 2 -27.79 -2.63 -11.44
N THR A 3 -27.94 -2.34 -10.15
CA THR A 3 -29.22 -2.31 -9.43
C THR A 3 -30.16 -1.18 -9.88
N ARG A 4 -31.39 -1.09 -9.34
CA ARG A 4 -32.34 -0.01 -9.65
C ARG A 4 -31.96 1.37 -9.02
N ARG A 5 -30.80 1.44 -8.37
CA ARG A 5 -30.11 2.67 -7.92
C ARG A 5 -29.56 3.43 -9.16
N ARG A 6 -28.91 4.59 -8.95
CA ARG A 6 -28.13 5.31 -10.00
C ARG A 6 -27.08 4.36 -10.65
N ARG A 7 -26.66 4.67 -11.88
CA ARG A 7 -25.85 3.77 -12.74
C ARG A 7 -24.60 3.13 -12.11
N GLY A 8 -23.63 3.93 -11.68
CA GLY A 8 -22.32 3.41 -11.24
C GLY A 8 -22.32 2.72 -9.87
N THR A 9 -21.36 1.83 -9.63
CA THR A 9 -21.05 1.21 -8.33
C THR A 9 -19.61 0.64 -8.22
N ALA A 10 -19.08 0.35 -7.02
CA ALA A 10 -17.71 -0.15 -6.85
C ALA A 10 -17.49 -1.04 -5.61
N ARG A 11 -16.30 -1.66 -5.57
CA ARG A 11 -15.77 -2.47 -4.46
C ARG A 11 -14.22 -2.37 -4.38
N PRO A 12 -13.54 -2.87 -3.32
CA PRO A 12 -12.06 -2.83 -3.20
C PRO A 12 -11.30 -3.53 -4.33
N GLY A 13 -10.06 -3.12 -4.59
CA GLY A 13 -9.27 -3.52 -5.76
C GLY A 13 -8.93 -5.02 -5.89
N SER A 14 -8.91 -5.52 -7.13
CA SER A 14 -8.42 -6.85 -7.54
C SER A 14 -6.92 -6.85 -7.91
N LYS A 15 -6.47 -5.92 -8.78
CA LYS A 15 -5.02 -5.83 -9.10
C LYS A 15 -4.21 -5.21 -7.95
N ALA A 16 -4.89 -4.56 -7.01
CA ALA A 16 -4.33 -3.99 -5.79
C ALA A 16 -3.53 -4.97 -4.91
N ALA A 17 -3.72 -6.29 -5.04
CA ALA A 17 -2.86 -7.31 -4.42
C ALA A 17 -1.42 -7.33 -4.99
N LYS A 18 -1.24 -7.07 -6.29
CA LYS A 18 0.08 -6.97 -6.94
C LYS A 18 0.87 -5.75 -6.42
N LEU A 19 0.17 -4.64 -6.12
CA LEU A 19 0.74 -3.45 -5.48
C LEU A 19 1.30 -3.78 -4.09
N ARG A 20 0.54 -4.47 -3.23
CA ARG A 20 1.02 -4.90 -1.90
C ARG A 20 2.36 -5.66 -1.97
N GLU A 21 2.44 -6.64 -2.86
CA GLU A 21 3.62 -7.49 -3.05
C GLU A 21 4.87 -6.70 -3.49
N ALA A 22 4.77 -5.82 -4.48
CA ALA A 22 5.89 -4.98 -4.94
C ALA A 22 6.21 -3.81 -3.98
N ALA A 23 5.20 -3.24 -3.33
CA ALA A 23 5.35 -2.13 -2.37
C ALA A 23 6.20 -2.51 -1.16
N ILE A 24 6.12 -3.74 -0.63
CA ILE A 24 6.86 -4.11 0.59
C ILE A 24 8.38 -4.15 0.34
N LYS A 25 8.84 -4.65 -0.81
CA LYS A 25 10.27 -4.61 -1.20
C LYS A 25 10.77 -3.17 -1.37
N THR A 26 9.94 -2.34 -1.99
CA THR A 26 10.17 -0.89 -2.11
C THR A 26 10.24 -0.15 -0.77
N LEU A 27 9.33 -0.44 0.15
CA LEU A 27 9.30 0.13 1.51
C LEU A 27 10.49 -0.35 2.36
N LYS A 28 10.97 -1.59 2.17
CA LYS A 28 12.18 -2.09 2.86
C LYS A 28 13.42 -1.26 2.51
N ARG A 29 13.62 -0.90 1.22
CA ARG A 29 14.70 0.05 0.84
C ARG A 29 14.42 1.52 1.21
N HIS A 30 13.16 1.97 1.15
CA HIS A 30 12.69 3.29 1.63
C HIS A 30 12.26 3.28 3.10
N ASN A 31 13.24 3.13 4.00
CA ASN A 31 13.06 3.29 5.46
C ASN A 31 12.78 4.74 5.91
N ALA A 32 13.13 5.75 5.10
CA ALA A 32 12.74 7.16 5.29
C ALA A 32 11.33 7.48 4.75
N ALA A 33 10.74 8.59 5.22
CA ALA A 33 9.42 9.06 4.78
C ALA A 33 9.41 9.46 3.28
N ILE A 34 8.31 9.17 2.59
CA ILE A 34 8.14 9.40 1.13
C ILE A 34 6.67 9.72 0.80
N LYS A 35 6.42 10.60 -0.19
CA LYS A 35 5.07 10.83 -0.74
C LYS A 35 4.59 9.60 -1.52
N SER A 36 3.29 9.32 -1.45
CA SER A 36 2.57 8.26 -2.18
C SER A 36 2.93 8.23 -3.67
N SER A 37 2.83 9.36 -4.39
CA SER A 37 3.18 9.47 -5.82
C SER A 37 4.65 9.15 -6.15
N GLU A 38 5.58 9.58 -5.30
CA GLU A 38 7.01 9.28 -5.46
C GLU A 38 7.32 7.80 -5.21
N LEU A 39 6.65 7.21 -4.20
CA LEU A 39 6.68 5.78 -3.94
C LEU A 39 6.04 4.98 -5.09
N GLN A 40 4.92 5.46 -5.65
CA GLN A 40 4.29 4.94 -6.87
C GLN A 40 5.25 4.87 -8.07
N LYS A 41 6.06 5.91 -8.31
CA LYS A 41 7.07 5.91 -9.39
C LYS A 41 8.12 4.80 -9.22
N GLU A 42 8.60 4.64 -7.98
CA GLU A 42 9.50 3.53 -7.64
C GLU A 42 8.84 2.15 -7.80
N ILE A 43 7.61 1.97 -7.32
CA ILE A 43 6.88 0.68 -7.47
C ILE A 43 6.50 0.40 -8.93
N GLU A 44 6.22 1.40 -9.76
CA GLU A 44 5.98 1.22 -11.20
C GLU A 44 7.23 0.66 -11.91
N LYS A 45 8.43 1.11 -11.52
CA LYS A 45 9.70 0.50 -11.97
C LYS A 45 9.99 -0.88 -11.36
N GLU A 46 9.51 -1.14 -10.13
CA GLU A 46 9.65 -2.42 -9.44
C GLU A 46 8.76 -3.53 -10.07
N SER A 47 7.51 -3.18 -10.40
CA SER A 47 6.44 -4.11 -10.83
C SER A 47 6.20 -4.16 -12.35
N GLY A 48 6.51 -3.06 -13.06
CA GLY A 48 6.24 -2.89 -14.49
C GLY A 48 4.76 -2.62 -14.84
N LEU A 49 3.91 -2.24 -13.87
CA LEU A 49 2.48 -1.98 -14.08
C LEU A 49 2.01 -0.64 -13.46
N GLU A 50 0.83 -0.18 -13.88
CA GLU A 50 0.19 1.05 -13.38
C GLU A 50 -0.32 0.89 -11.94
N ILE A 51 -0.02 1.84 -11.06
CA ILE A 51 -0.25 1.73 -9.61
C ILE A 51 -1.72 2.01 -9.21
N PRO A 52 -2.43 1.06 -8.54
CA PRO A 52 -3.79 1.27 -8.03
C PRO A 52 -3.89 2.21 -6.80
N ASN A 53 -5.09 2.35 -6.20
CA ASN A 53 -5.37 3.37 -5.19
C ASN A 53 -4.43 3.28 -3.98
N MET A 54 -3.63 4.35 -3.81
CA MET A 54 -2.59 4.43 -2.79
C MET A 54 -3.20 4.62 -1.40
N THR A 55 -4.14 5.56 -1.23
CA THR A 55 -4.80 5.80 0.07
C THR A 55 -5.45 4.57 0.70
N THR A 56 -6.23 3.80 -0.07
CA THR A 56 -6.76 2.50 0.39
C THR A 56 -5.70 1.44 0.63
N PHE A 57 -4.74 1.25 -0.29
CA PHE A 57 -3.63 0.32 -0.07
C PHE A 57 -2.73 0.58 1.15
N MET A 58 -2.12 1.76 1.22
CA MET A 58 -1.23 2.10 2.32
C MET A 58 -1.94 2.08 3.68
N GLN A 59 -3.20 2.54 3.81
CA GLN A 59 -3.97 2.37 5.06
C GLN A 59 -4.31 0.89 5.35
N SER A 60 -4.69 0.09 4.35
CA SER A 60 -4.90 -1.36 4.50
C SER A 60 -3.62 -2.06 5.01
N LEU A 61 -2.45 -1.68 4.47
CA LEU A 61 -1.16 -2.15 4.98
C LEU A 61 -0.89 -1.67 6.42
N ILE A 62 -1.19 -0.41 6.76
CA ILE A 62 -0.99 0.15 8.11
C ILE A 62 -1.80 -0.60 9.18
N LYS A 63 -3.10 -0.84 8.95
CA LYS A 63 -3.96 -1.58 9.89
C LYS A 63 -3.55 -3.06 10.03
N MET A 64 -2.94 -3.65 8.98
CA MET A 64 -2.36 -5.00 9.02
C MET A 64 -0.97 -5.07 9.69
N TYR A 65 -0.15 -4.02 9.55
CA TYR A 65 1.23 -3.91 10.02
C TYR A 65 1.61 -2.59 10.73
N PRO A 66 1.59 -2.51 12.08
CA PRO A 66 1.87 -1.28 12.83
C PRO A 66 3.28 -0.65 12.65
N GLU A 67 4.25 -1.40 12.10
CA GLU A 67 5.58 -0.86 11.74
C GLU A 67 5.52 0.12 10.54
N VAL A 68 4.44 0.07 9.75
CA VAL A 68 4.11 1.06 8.71
C VAL A 68 3.32 2.20 9.33
N LYS A 69 3.72 3.44 9.01
CA LYS A 69 3.21 4.69 9.61
C LYS A 69 2.96 5.77 8.56
N LYS A 70 2.19 6.79 8.95
CA LYS A 70 1.69 7.87 8.08
C LYS A 70 2.04 9.26 8.66
N PRO A 71 3.22 9.83 8.31
CA PRO A 71 3.57 11.20 8.67
C PRO A 71 2.55 12.28 8.23
N TYR A 72 1.84 12.13 7.10
CA TYR A 72 0.75 13.04 6.70
C TYR A 72 -0.12 12.33 5.63
N ARG A 73 -1.21 12.95 5.14
CA ARG A 73 -1.99 12.37 4.03
C ARG A 73 -1.13 12.21 2.78
N GLY A 74 -1.17 11.01 2.22
CA GLY A 74 -0.30 10.61 1.12
C GLY A 74 1.20 10.68 1.45
N GLN A 75 1.62 10.65 2.72
CA GLN A 75 3.03 10.58 3.13
C GLN A 75 3.19 9.45 4.13
N TYR A 76 4.02 8.46 3.78
CA TYR A 76 4.15 7.17 4.48
C TYR A 76 5.61 6.78 4.78
N ILE A 77 5.80 5.82 5.69
CA ILE A 77 7.13 5.30 6.12
C ILE A 77 6.98 3.88 6.67
N LEU A 78 8.02 3.05 6.53
CA LEU A 78 8.15 1.74 7.20
C LEU A 78 9.39 1.79 8.10
N GLU A 79 9.19 1.71 9.42
CA GLU A 79 10.28 1.72 10.41
C GLU A 79 10.89 0.30 10.58
N GLY A 80 12.12 0.10 10.09
CA GLY A 80 12.81 -1.20 10.15
C GLY A 80 12.17 -2.30 9.31
N GLU A 81 12.32 -3.56 9.74
CA GLU A 81 11.64 -4.71 9.12
C GLU A 81 10.12 -4.70 9.31
N ILE A 82 9.39 -5.23 8.31
CA ILE A 82 7.93 -5.39 8.36
C ILE A 82 7.53 -6.44 9.42
N GLU A 83 8.36 -7.48 9.58
CA GLU A 83 8.18 -8.54 10.58
C GLU A 83 8.57 -8.11 12.02
N SER A 84 9.04 -6.87 12.23
CA SER A 84 9.44 -6.36 13.55
C SER A 84 8.27 -6.27 14.55
N LEU A 85 7.00 -6.34 14.10
CA LEU A 85 5.82 -6.33 14.99
C LEU A 85 5.79 -7.47 16.04
N GLU A 86 6.63 -8.50 15.89
CA GLU A 86 6.83 -9.57 16.89
C GLU A 86 7.58 -9.12 18.16
N HIS A 87 8.27 -7.96 18.15
CA HIS A 87 9.03 -7.47 19.32
C HIS A 87 8.12 -7.13 20.52
N HIS A 88 8.65 -7.28 21.73
CA HIS A 88 7.96 -7.03 23.01
C HIS A 88 8.95 -6.64 24.13
N HIS A 89 8.42 -6.17 25.27
CA HIS A 89 9.20 -5.95 26.51
C HIS A 89 9.93 -7.24 26.94
N HIS A 90 11.20 -7.14 27.34
CA HIS A 90 12.06 -8.29 27.70
C HIS A 90 13.19 -7.89 28.66
N HIS A 91 13.77 -8.86 29.38
CA HIS A 91 14.93 -8.66 30.26
C HIS A 91 16.15 -8.13 29.49
N HIS A 92 16.77 -7.06 29.98
CA HIS A 92 17.94 -6.39 29.37
C HIS A 92 18.80 -5.66 30.43
N GLY A 1 -40.17 4.44 -9.33
CA GLY A 1 -41.27 4.16 -10.27
C GLY A 1 -40.83 3.40 -11.53
N THR A 2 -41.41 3.76 -12.69
CA THR A 2 -41.16 3.10 -13.99
C THR A 2 -39.80 3.34 -14.64
N THR A 3 -39.06 4.38 -14.22
CA THR A 3 -37.70 4.68 -14.71
C THR A 3 -36.62 3.63 -14.39
N ARG A 4 -35.51 3.63 -15.15
CA ARG A 4 -34.40 2.67 -15.06
C ARG A 4 -33.69 2.74 -13.70
N ARG A 5 -33.27 1.57 -13.19
CA ARG A 5 -32.39 1.42 -12.00
C ARG A 5 -31.08 2.19 -12.18
N ARG A 6 -30.60 2.91 -11.16
CA ARG A 6 -29.28 3.60 -11.19
C ARG A 6 -28.12 2.58 -11.20
N ARG A 7 -27.04 2.93 -11.91
CA ARG A 7 -25.93 2.03 -12.27
C ARG A 7 -24.88 1.68 -11.20
N GLY A 8 -23.87 2.53 -11.01
CA GLY A 8 -22.67 2.22 -10.24
C GLY A 8 -22.74 1.82 -8.77
N THR A 9 -21.69 1.10 -8.36
CA THR A 9 -21.35 0.61 -7.01
C THR A 9 -19.89 0.10 -6.97
N ALA A 10 -19.26 -0.11 -5.81
CA ALA A 10 -17.88 -0.58 -5.73
C ALA A 10 -17.52 -1.39 -4.45
N ARG A 11 -16.30 -1.96 -4.48
CA ARG A 11 -15.59 -2.64 -3.37
C ARG A 11 -14.06 -2.42 -3.49
N PRO A 12 -13.24 -2.62 -2.42
CA PRO A 12 -11.78 -2.43 -2.45
C PRO A 12 -11.06 -3.22 -3.56
N GLY A 13 -9.91 -2.73 -4.04
CA GLY A 13 -9.21 -3.20 -5.23
C GLY A 13 -8.68 -4.65 -5.24
N SER A 14 -8.65 -5.25 -6.44
CA SER A 14 -8.00 -6.54 -6.78
C SER A 14 -6.69 -6.32 -7.55
N LYS A 15 -6.65 -5.40 -8.53
CA LYS A 15 -5.44 -4.90 -9.24
C LYS A 15 -4.39 -4.37 -8.25
N ALA A 16 -4.88 -3.80 -7.16
CA ALA A 16 -4.14 -3.29 -6.00
C ALA A 16 -3.15 -4.30 -5.36
N ALA A 17 -3.34 -5.62 -5.56
CA ALA A 17 -2.38 -6.65 -5.15
C ALA A 17 -0.98 -6.51 -5.81
N LYS A 18 -0.88 -5.91 -7.02
CA LYS A 18 0.42 -5.59 -7.65
C LYS A 18 1.20 -4.56 -6.83
N LEU A 19 0.52 -3.61 -6.18
CA LEU A 19 1.13 -2.69 -5.22
C LEU A 19 1.60 -3.42 -3.96
N ARG A 20 0.85 -4.40 -3.44
CA ARG A 20 1.30 -5.19 -2.25
C ARG A 20 2.69 -5.84 -2.46
N GLU A 21 2.87 -6.61 -3.53
CA GLU A 21 4.14 -7.32 -3.78
C GLU A 21 5.30 -6.35 -4.08
N ALA A 22 5.04 -5.27 -4.83
CA ALA A 22 6.02 -4.24 -5.12
C ALA A 22 6.43 -3.43 -3.87
N ALA A 23 5.45 -3.05 -3.03
CA ALA A 23 5.67 -2.23 -1.84
C ALA A 23 6.57 -2.90 -0.81
N ILE A 24 6.42 -4.22 -0.57
CA ILE A 24 7.30 -4.91 0.39
C ILE A 24 8.78 -4.81 -0.03
N LYS A 25 9.11 -4.96 -1.33
CA LYS A 25 10.49 -4.75 -1.84
C LYS A 25 10.94 -3.30 -1.77
N THR A 26 10.12 -2.34 -2.22
CA THR A 26 10.40 -0.89 -2.16
C THR A 26 10.67 -0.45 -0.73
N LEU A 27 9.90 -0.92 0.25
CA LEU A 27 10.06 -0.57 1.67
C LEU A 27 11.25 -1.32 2.33
N LYS A 28 11.60 -2.52 1.88
CA LYS A 28 12.84 -3.23 2.28
C LYS A 28 14.11 -2.47 1.89
N ARG A 29 14.21 -2.00 0.63
CA ARG A 29 15.41 -1.28 0.15
C ARG A 29 15.61 0.11 0.80
N HIS A 30 14.54 0.74 1.31
CA HIS A 30 14.60 1.95 2.15
C HIS A 30 13.36 2.09 3.06
N ASN A 31 13.55 1.92 4.37
CA ASN A 31 12.46 1.97 5.38
C ASN A 31 11.86 3.36 5.61
N ALA A 32 12.61 4.45 5.31
CA ALA A 32 12.28 5.82 5.68
C ALA A 32 10.95 6.35 5.05
N ALA A 33 10.35 7.34 5.71
CA ALA A 33 9.02 7.85 5.36
C ALA A 33 8.97 8.53 3.98
N ILE A 34 7.82 8.42 3.29
CA ILE A 34 7.65 8.89 1.91
C ILE A 34 6.17 9.27 1.62
N LYS A 35 5.93 10.30 0.80
CA LYS A 35 4.59 10.63 0.27
C LYS A 35 4.12 9.58 -0.75
N SER A 36 2.82 9.32 -0.76
CA SER A 36 2.07 8.50 -1.72
C SER A 36 2.57 8.63 -3.16
N SER A 37 2.53 9.84 -3.73
CA SER A 37 2.93 10.15 -5.11
C SER A 37 4.40 9.83 -5.41
N GLU A 38 5.30 10.00 -4.42
CA GLU A 38 6.72 9.66 -4.58
C GLU A 38 6.94 8.14 -4.53
N LEU A 39 6.23 7.41 -3.66
CA LEU A 39 6.21 5.94 -3.69
C LEU A 39 5.54 5.41 -4.97
N GLN A 40 4.54 6.10 -5.53
CA GLN A 40 3.96 5.82 -6.85
C GLN A 40 5.04 5.81 -7.96
N LYS A 41 5.97 6.79 -7.97
CA LYS A 41 7.11 6.81 -8.89
C LYS A 41 8.09 5.66 -8.64
N GLU A 42 8.32 5.31 -7.39
CA GLU A 42 9.21 4.19 -7.00
C GLU A 42 8.63 2.84 -7.47
N ILE A 43 7.32 2.62 -7.25
CA ILE A 43 6.62 1.40 -7.70
C ILE A 43 6.48 1.37 -9.23
N GLU A 44 6.32 2.52 -9.89
CA GLU A 44 6.34 2.60 -11.35
C GLU A 44 7.72 2.20 -11.91
N LYS A 45 8.84 2.53 -11.23
CA LYS A 45 10.17 2.00 -11.58
C LYS A 45 10.35 0.52 -11.21
N GLU A 46 9.64 0.02 -10.20
CA GLU A 46 9.65 -1.40 -9.79
C GLU A 46 8.93 -2.33 -10.79
N SER A 47 7.76 -1.94 -11.31
CA SER A 47 6.88 -2.82 -12.10
C SER A 47 6.21 -2.19 -13.33
N GLY A 48 6.35 -0.88 -13.57
CA GLY A 48 5.93 -0.22 -14.82
C GLY A 48 4.43 0.04 -15.02
N LEU A 49 3.57 -0.40 -14.08
CA LEU A 49 2.10 -0.27 -14.18
C LEU A 49 1.56 1.14 -13.87
N GLU A 50 0.30 1.37 -14.27
CA GLU A 50 -0.47 2.55 -13.84
C GLU A 50 -0.99 2.27 -12.42
N ILE A 51 -0.50 3.04 -11.45
CA ILE A 51 -0.66 2.83 -10.00
C ILE A 51 -2.12 2.94 -9.50
N PRO A 52 -2.66 1.87 -8.85
CA PRO A 52 -3.94 1.91 -8.14
C PRO A 52 -4.07 2.90 -6.98
N ASN A 53 -5.26 2.98 -6.37
CA ASN A 53 -5.63 3.98 -5.37
C ASN A 53 -4.68 3.94 -4.17
N MET A 54 -3.89 5.01 -4.01
CA MET A 54 -2.85 5.07 -2.98
C MET A 54 -3.43 5.10 -1.56
N THR A 55 -4.48 5.90 -1.30
CA THR A 55 -5.09 5.97 0.02
C THR A 55 -5.75 4.69 0.53
N THR A 56 -6.57 4.04 -0.30
CA THR A 56 -7.09 2.69 0.01
C THR A 56 -6.03 1.60 0.06
N PHE A 57 -5.09 1.53 -0.88
CA PHE A 57 -3.98 0.59 -0.82
C PHE A 57 -3.10 0.69 0.43
N MET A 58 -2.62 1.90 0.74
CA MET A 58 -1.67 2.10 1.84
C MET A 58 -2.32 1.90 3.21
N GLN A 59 -3.60 2.27 3.40
CA GLN A 59 -4.33 1.88 4.62
C GLN A 59 -4.68 0.38 4.67
N SER A 60 -4.99 -0.26 3.53
CA SER A 60 -5.11 -1.72 3.45
C SER A 60 -3.80 -2.40 3.88
N LEU A 61 -2.66 -1.90 3.41
CA LEU A 61 -1.33 -2.36 3.79
C LEU A 61 -1.05 -2.15 5.30
N ILE A 62 -1.49 -1.03 5.90
CA ILE A 62 -1.42 -0.81 7.36
C ILE A 62 -2.22 -1.86 8.16
N LYS A 63 -3.53 -2.04 7.86
CA LYS A 63 -4.37 -2.98 8.63
C LYS A 63 -3.95 -4.45 8.42
N MET A 64 -3.43 -4.78 7.24
CA MET A 64 -2.88 -6.10 6.91
C MET A 64 -1.51 -6.35 7.56
N TYR A 65 -0.63 -5.33 7.63
CA TYR A 65 0.73 -5.42 8.16
C TYR A 65 1.02 -4.21 9.11
N PRO A 66 0.77 -4.34 10.44
CA PRO A 66 0.94 -3.25 11.42
C PRO A 66 2.36 -2.64 11.51
N GLU A 67 3.36 -3.28 10.90
CA GLU A 67 4.71 -2.77 10.68
C GLU A 67 4.72 -1.48 9.82
N VAL A 68 3.73 -1.35 8.94
CA VAL A 68 3.42 -0.13 8.19
C VAL A 68 2.59 0.86 9.00
N LYS A 69 2.97 2.15 8.96
CA LYS A 69 2.33 3.27 9.69
C LYS A 69 2.23 4.54 8.82
N LYS A 70 1.46 5.53 9.29
CA LYS A 70 1.18 6.82 8.60
C LYS A 70 1.67 8.02 9.45
N PRO A 71 2.88 8.56 9.20
CA PRO A 71 3.35 9.81 9.83
C PRO A 71 2.48 11.07 9.54
N TYR A 72 2.00 11.27 8.30
CA TYR A 72 1.27 12.51 7.91
C TYR A 72 0.31 12.37 6.71
N ARG A 73 -0.35 13.45 6.24
CA ARG A 73 -1.22 13.52 5.05
C ARG A 73 -0.62 12.83 3.82
N GLY A 74 -1.08 11.61 3.54
CA GLY A 74 -0.55 10.76 2.47
C GLY A 74 0.95 10.39 2.61
N GLN A 75 1.55 10.50 3.81
CA GLN A 75 2.93 10.11 4.10
C GLN A 75 2.96 8.86 4.98
N TYR A 76 3.69 7.83 4.52
CA TYR A 76 3.74 6.47 5.07
C TYR A 76 5.16 5.96 5.36
N ILE A 77 5.30 4.94 6.21
CA ILE A 77 6.58 4.34 6.64
C ILE A 77 6.40 2.85 6.96
N LEU A 78 7.46 2.04 6.93
CA LEU A 78 7.49 0.64 7.41
C LEU A 78 8.68 0.45 8.36
N GLU A 79 8.43 0.02 9.59
CA GLU A 79 9.47 -0.20 10.61
C GLU A 79 9.99 -1.63 10.61
N GLY A 80 11.32 -1.80 10.62
CA GLY A 80 12.01 -3.10 10.69
C GLY A 80 11.90 -3.95 9.42
N GLU A 81 11.93 -5.27 9.60
CA GLU A 81 11.71 -6.27 8.54
C GLU A 81 10.29 -6.84 8.61
N ILE A 82 9.62 -7.04 7.47
CA ILE A 82 8.23 -7.54 7.42
C ILE A 82 8.08 -8.97 7.98
N GLU A 83 9.17 -9.75 7.96
CA GLU A 83 9.28 -11.09 8.57
C GLU A 83 9.03 -11.10 10.10
N SER A 84 9.06 -9.94 10.77
CA SER A 84 8.69 -9.76 12.18
C SER A 84 7.20 -10.02 12.52
N LEU A 85 6.34 -10.28 11.52
CA LEU A 85 4.89 -10.59 11.66
C LEU A 85 4.57 -11.75 12.63
N GLU A 86 5.54 -12.60 13.00
CA GLU A 86 5.35 -13.74 13.90
C GLU A 86 4.98 -13.40 15.36
N HIS A 87 4.84 -12.11 15.71
CA HIS A 87 4.30 -11.64 17.01
C HIS A 87 2.84 -12.07 17.28
N HIS A 88 2.08 -12.47 16.25
CA HIS A 88 0.67 -12.91 16.32
C HIS A 88 0.44 -14.16 17.19
N HIS A 89 -0.81 -14.39 17.61
CA HIS A 89 -1.22 -15.59 18.36
C HIS A 89 -1.01 -16.88 17.56
N HIS A 90 -0.74 -18.01 18.25
CA HIS A 90 -0.49 -19.32 17.64
C HIS A 90 -1.76 -19.92 16.98
N HIS A 91 -1.60 -20.79 15.99
CA HIS A 91 -2.70 -21.50 15.29
C HIS A 91 -3.46 -22.46 16.24
N HIS A 92 -4.76 -22.70 15.97
CA HIS A 92 -5.63 -23.55 16.80
C HIS A 92 -5.19 -25.03 16.84
N GLY A 1 -38.93 10.23 -12.66
CA GLY A 1 -37.98 9.19 -12.21
C GLY A 1 -38.02 7.87 -13.00
N THR A 2 -37.47 6.80 -12.44
CA THR A 2 -37.48 5.44 -13.01
C THR A 2 -37.43 4.32 -11.96
N THR A 3 -38.00 3.16 -12.30
CA THR A 3 -37.88 1.90 -11.54
C THR A 3 -36.51 1.20 -11.63
N ARG A 4 -35.70 1.53 -12.66
CA ARG A 4 -34.36 0.93 -12.91
C ARG A 4 -33.35 1.31 -11.82
N ARG A 5 -32.40 0.40 -11.49
CA ARG A 5 -31.25 0.69 -10.61
C ARG A 5 -30.33 1.76 -11.22
N ARG A 6 -29.71 2.60 -10.37
CA ARG A 6 -28.62 3.52 -10.76
C ARG A 6 -27.32 2.69 -10.76
N ARG A 7 -26.53 2.74 -11.84
CA ARG A 7 -25.38 1.83 -12.05
C ARG A 7 -24.18 2.04 -11.10
N GLY A 8 -24.10 3.16 -10.39
CA GLY A 8 -23.02 3.45 -9.43
C GLY A 8 -22.95 2.42 -8.29
N THR A 9 -21.78 1.79 -8.13
CA THR A 9 -21.39 0.91 -7.02
C THR A 9 -19.91 0.48 -7.13
N ALA A 10 -19.27 0.10 -6.01
CA ALA A 10 -17.91 -0.47 -5.99
C ALA A 10 -17.65 -1.26 -4.70
N ARG A 11 -16.48 -1.91 -4.65
CA ARG A 11 -15.89 -2.59 -3.47
C ARG A 11 -14.34 -2.46 -3.48
N PRO A 12 -13.61 -2.81 -2.39
CA PRO A 12 -12.16 -2.71 -2.34
C PRO A 12 -11.40 -3.50 -3.41
N GLY A 13 -10.18 -3.06 -3.75
CA GLY A 13 -9.40 -3.54 -4.90
C GLY A 13 -8.91 -5.00 -4.87
N SER A 14 -8.90 -5.62 -6.06
CA SER A 14 -8.27 -6.92 -6.36
C SER A 14 -6.91 -6.77 -7.07
N LYS A 15 -6.83 -5.84 -8.05
CA LYS A 15 -5.60 -5.40 -8.76
C LYS A 15 -4.56 -4.88 -7.76
N ALA A 16 -5.06 -4.23 -6.70
CA ALA A 16 -4.31 -3.67 -5.57
C ALA A 16 -3.37 -4.66 -4.84
N ALA A 17 -3.61 -5.98 -4.93
CA ALA A 17 -2.69 -7.02 -4.41
C ALA A 17 -1.29 -6.98 -5.04
N LYS A 18 -1.16 -6.53 -6.30
CA LYS A 18 0.15 -6.29 -6.95
C LYS A 18 0.97 -5.22 -6.24
N LEU A 19 0.31 -4.18 -5.70
CA LEU A 19 0.95 -3.18 -4.84
C LEU A 19 1.41 -3.77 -3.51
N ARG A 20 0.65 -4.65 -2.86
CA ARG A 20 1.11 -5.30 -1.61
C ARG A 20 2.49 -5.96 -1.79
N GLU A 21 2.63 -6.73 -2.86
CA GLU A 21 3.90 -7.43 -3.18
C GLU A 21 5.05 -6.47 -3.53
N ALA A 22 4.83 -5.55 -4.48
CA ALA A 22 5.88 -4.62 -4.94
C ALA A 22 6.21 -3.54 -3.90
N ALA A 23 5.24 -3.08 -3.11
CA ALA A 23 5.48 -2.09 -2.04
C ALA A 23 6.38 -2.68 -0.95
N ILE A 24 6.20 -3.94 -0.53
CA ILE A 24 7.14 -4.52 0.46
C ILE A 24 8.60 -4.52 -0.04
N LYS A 25 8.85 -4.85 -1.30
CA LYS A 25 10.20 -4.80 -1.91
C LYS A 25 10.75 -3.36 -2.01
N THR A 26 9.92 -2.44 -2.53
CA THR A 26 10.21 -1.00 -2.60
C THR A 26 10.52 -0.33 -1.25
N LEU A 27 9.75 -0.67 -0.21
CA LEU A 27 9.95 -0.19 1.16
C LEU A 27 11.17 -0.85 1.83
N LYS A 28 11.43 -2.15 1.60
CA LYS A 28 12.63 -2.86 2.10
C LYS A 28 13.95 -2.20 1.71
N ARG A 29 14.07 -1.67 0.48
CA ARG A 29 15.27 -0.93 0.02
C ARG A 29 15.39 0.52 0.51
N HIS A 30 14.44 0.99 1.34
CA HIS A 30 14.42 2.32 1.99
C HIS A 30 14.37 2.26 3.53
N ASN A 31 14.60 3.39 4.19
CA ASN A 31 14.69 3.55 5.66
C ASN A 31 14.12 4.89 6.19
N ALA A 32 13.23 5.54 5.42
CA ALA A 32 12.66 6.86 5.74
C ALA A 32 11.26 7.07 5.12
N ALA A 33 10.54 8.10 5.57
CA ALA A 33 9.22 8.45 5.05
C ALA A 33 9.24 8.91 3.57
N ILE A 34 8.12 8.71 2.85
CA ILE A 34 7.98 9.01 1.42
C ILE A 34 6.55 9.47 1.08
N LYS A 35 6.41 10.42 0.15
CA LYS A 35 5.11 10.92 -0.35
C LYS A 35 4.48 9.94 -1.35
N SER A 36 3.15 9.91 -1.43
CA SER A 36 2.35 8.95 -2.19
C SER A 36 2.74 8.81 -3.65
N SER A 37 2.67 9.90 -4.41
CA SER A 37 3.10 9.96 -5.83
C SER A 37 4.58 9.62 -6.06
N GLU A 38 5.47 9.89 -5.10
CA GLU A 38 6.87 9.44 -5.15
C GLU A 38 7.03 7.92 -4.93
N LEU A 39 6.30 7.35 -3.96
CA LEU A 39 6.24 5.90 -3.73
C LEU A 39 5.58 5.17 -4.92
N GLN A 40 4.55 5.76 -5.54
CA GLN A 40 3.94 5.33 -6.80
C GLN A 40 4.98 5.23 -7.92
N LYS A 41 5.75 6.30 -8.18
CA LYS A 41 6.83 6.27 -9.18
C LYS A 41 7.91 5.23 -8.85
N GLU A 42 8.28 5.08 -7.58
CA GLU A 42 9.21 4.04 -7.14
C GLU A 42 8.69 2.60 -7.34
N ILE A 43 7.43 2.31 -6.99
CA ILE A 43 6.80 1.00 -7.20
C ILE A 43 6.62 0.71 -8.69
N GLU A 44 6.32 1.72 -9.52
CA GLU A 44 6.22 1.56 -10.97
C GLU A 44 7.58 1.16 -11.60
N LYS A 45 8.71 1.69 -11.10
CA LYS A 45 10.04 1.20 -11.48
C LYS A 45 10.40 -0.17 -10.89
N GLU A 46 9.85 -0.51 -9.72
CA GLU A 46 10.06 -1.81 -9.06
C GLU A 46 9.36 -2.97 -9.81
N SER A 47 8.15 -2.72 -10.34
CA SER A 47 7.26 -3.76 -10.90
C SER A 47 7.01 -3.66 -12.40
N GLY A 48 7.13 -2.46 -12.99
CA GLY A 48 6.71 -2.16 -14.37
C GLY A 48 5.19 -2.00 -14.56
N LEU A 49 4.42 -2.01 -13.46
CA LEU A 49 2.95 -1.99 -13.44
C LEU A 49 2.35 -0.60 -13.15
N GLU A 50 1.09 -0.40 -13.55
CA GLU A 50 0.29 0.77 -13.15
C GLU A 50 -0.07 0.72 -11.66
N ILE A 51 -0.34 1.89 -11.04
CA ILE A 51 -0.49 2.02 -9.58
C ILE A 51 -1.94 2.35 -9.12
N PRO A 52 -2.65 1.36 -8.51
CA PRO A 52 -3.94 1.55 -7.83
C PRO A 52 -4.03 2.60 -6.72
N ASN A 53 -5.25 2.80 -6.20
CA ASN A 53 -5.60 3.86 -5.25
C ASN A 53 -4.69 3.81 -4.01
N MET A 54 -3.87 4.84 -3.86
CA MET A 54 -2.87 4.92 -2.81
C MET A 54 -3.51 5.05 -1.43
N THR A 55 -4.50 5.92 -1.25
CA THR A 55 -5.18 6.07 0.03
C THR A 55 -5.82 4.81 0.61
N THR A 56 -6.59 4.08 -0.21
CA THR A 56 -7.08 2.73 0.16
C THR A 56 -6.01 1.66 0.26
N PHE A 57 -5.07 1.56 -0.68
CA PHE A 57 -3.97 0.59 -0.59
C PHE A 57 -3.04 0.76 0.62
N MET A 58 -2.47 1.95 0.83
CA MET A 58 -1.59 2.18 1.98
C MET A 58 -2.34 1.99 3.31
N GLN A 59 -3.61 2.39 3.45
CA GLN A 59 -4.39 2.02 4.64
C GLN A 59 -4.66 0.51 4.78
N SER A 60 -4.95 -0.20 3.69
CA SER A 60 -5.08 -1.67 3.70
C SER A 60 -3.76 -2.33 4.14
N LEU A 61 -2.63 -1.82 3.65
CA LEU A 61 -1.30 -2.24 4.06
C LEU A 61 -1.04 -1.97 5.55
N ILE A 62 -1.43 -0.79 6.07
CA ILE A 62 -1.31 -0.42 7.50
C ILE A 62 -2.13 -1.33 8.41
N LYS A 63 -3.41 -1.62 8.09
CA LYS A 63 -4.24 -2.50 8.91
C LYS A 63 -3.79 -3.97 8.84
N MET A 64 -3.19 -4.41 7.72
CA MET A 64 -2.53 -5.71 7.61
C MET A 64 -1.19 -5.78 8.38
N TYR A 65 -0.37 -4.72 8.31
CA TYR A 65 1.00 -4.65 8.84
C TYR A 65 1.21 -3.38 9.70
N PRO A 66 1.06 -3.46 11.04
CA PRO A 66 1.22 -2.31 11.94
C PRO A 66 2.63 -1.67 11.95
N GLU A 67 3.64 -2.34 11.38
CA GLU A 67 4.97 -1.76 11.12
C GLU A 67 4.93 -0.62 10.08
N VAL A 68 3.91 -0.57 9.22
CA VAL A 68 3.64 0.57 8.33
C VAL A 68 2.85 1.65 9.07
N LYS A 69 3.24 2.92 8.89
CA LYS A 69 2.65 4.11 9.55
C LYS A 69 2.43 5.28 8.57
N LYS A 70 1.59 6.24 8.96
CA LYS A 70 1.18 7.43 8.18
C LYS A 70 1.58 8.74 8.90
N PRO A 71 2.79 9.30 8.65
CA PRO A 71 3.19 10.62 9.14
C PRO A 71 2.25 11.78 8.73
N TYR A 72 1.63 11.74 7.54
CA TYR A 72 0.61 12.75 7.12
C TYR A 72 -0.23 12.17 5.97
N ARG A 73 -1.27 12.89 5.47
CA ARG A 73 -2.02 12.40 4.29
C ARG A 73 -1.09 12.24 3.08
N GLY A 74 -1.17 11.06 2.46
CA GLY A 74 -0.27 10.71 1.36
C GLY A 74 1.22 10.69 1.76
N GLN A 75 1.58 10.55 3.04
CA GLN A 75 2.97 10.40 3.49
C GLN A 75 3.05 9.22 4.46
N TYR A 76 3.85 8.21 4.09
CA TYR A 76 3.90 6.89 4.73
C TYR A 76 5.36 6.44 5.00
N ILE A 77 5.53 5.45 5.88
CA ILE A 77 6.83 4.87 6.27
C ILE A 77 6.64 3.42 6.75
N LEU A 78 7.67 2.57 6.57
CA LEU A 78 7.76 1.22 7.15
C LEU A 78 8.93 1.18 8.15
N GLU A 79 8.64 0.85 9.41
CA GLU A 79 9.67 0.62 10.43
C GLU A 79 10.30 -0.79 10.32
N GLY A 80 11.63 -0.86 10.19
CA GLY A 80 12.39 -2.12 10.17
C GLY A 80 12.06 -3.06 9.00
N GLU A 81 12.38 -4.34 9.17
CA GLU A 81 11.99 -5.43 8.25
C GLU A 81 10.54 -5.87 8.48
N ILE A 82 9.78 -6.17 7.40
CA ILE A 82 8.36 -6.56 7.51
C ILE A 82 8.18 -7.89 8.29
N GLU A 83 9.19 -8.78 8.28
CA GLU A 83 9.25 -10.04 9.02
C GLU A 83 9.20 -9.87 10.57
N SER A 84 9.39 -8.64 11.08
CA SER A 84 9.26 -8.30 12.50
C SER A 84 7.82 -8.42 13.05
N LEU A 85 6.81 -8.66 12.21
CA LEU A 85 5.38 -8.76 12.56
C LEU A 85 4.96 -9.90 13.52
N GLU A 86 5.88 -10.75 13.99
CA GLU A 86 5.56 -11.97 14.76
C GLU A 86 4.82 -11.68 16.09
N HIS A 87 4.98 -10.46 16.66
CA HIS A 87 4.19 -10.01 17.83
C HIS A 87 2.70 -9.75 17.49
N HIS A 88 2.41 -9.32 16.25
CA HIS A 88 1.05 -9.08 15.70
C HIS A 88 0.39 -10.38 15.18
N HIS A 89 1.22 -11.29 14.64
CA HIS A 89 0.85 -12.67 14.26
C HIS A 89 0.43 -13.51 15.50
N HIS A 90 -0.18 -14.69 15.29
CA HIS A 90 -0.70 -15.55 16.37
C HIS A 90 0.36 -15.90 17.42
N HIS A 91 0.04 -15.69 18.70
CA HIS A 91 0.92 -16.00 19.86
C HIS A 91 1.05 -17.51 20.10
N HIS A 92 1.97 -17.90 20.98
CA HIS A 92 2.37 -19.29 21.27
C HIS A 92 2.44 -19.53 22.79
N GLY A 1 -41.33 -2.20 -2.34
CA GLY A 1 -40.04 -1.78 -1.79
C GLY A 1 -39.40 -0.59 -2.52
N THR A 2 -38.38 0.02 -1.93
CA THR A 2 -37.62 1.16 -2.48
C THR A 2 -36.94 0.92 -3.83
N THR A 3 -36.97 1.92 -4.74
CA THR A 3 -36.29 1.86 -6.05
C THR A 3 -34.75 1.72 -6.01
N ARG A 4 -34.16 1.21 -7.10
CA ARG A 4 -32.70 1.03 -7.27
C ARG A 4 -32.00 2.41 -7.34
N ARG A 5 -30.84 2.52 -6.68
CA ARG A 5 -29.94 3.71 -6.78
C ARG A 5 -29.28 3.81 -8.17
N ARG A 6 -28.57 4.91 -8.45
CA ARG A 6 -27.79 5.11 -9.70
C ARG A 6 -26.83 3.93 -9.95
N ARG A 7 -26.54 3.64 -11.24
CA ARG A 7 -25.84 2.40 -11.68
C ARG A 7 -24.44 2.16 -11.09
N GLY A 8 -23.67 3.22 -10.76
CA GLY A 8 -22.32 3.05 -10.21
C GLY A 8 -22.31 2.33 -8.85
N THR A 9 -21.22 1.62 -8.57
CA THR A 9 -20.91 0.89 -7.33
C THR A 9 -19.45 0.40 -7.35
N ALA A 10 -18.86 0.06 -6.18
CA ALA A 10 -17.50 -0.48 -6.06
C ALA A 10 -17.31 -1.36 -4.81
N ARG A 11 -16.12 -1.97 -4.72
CA ARG A 11 -15.56 -2.73 -3.58
C ARG A 11 -14.01 -2.60 -3.55
N PRO A 12 -13.31 -3.01 -2.48
CA PRO A 12 -11.85 -2.93 -2.38
C PRO A 12 -11.09 -3.65 -3.51
N GLY A 13 -9.91 -3.17 -3.90
CA GLY A 13 -9.17 -3.61 -5.12
C GLY A 13 -8.61 -5.05 -5.11
N SER A 14 -8.65 -5.69 -6.29
CA SER A 14 -8.00 -6.96 -6.62
C SER A 14 -6.66 -6.73 -7.32
N LYS A 15 -6.58 -5.78 -8.28
CA LYS A 15 -5.33 -5.31 -8.93
C LYS A 15 -4.36 -4.73 -7.90
N ALA A 16 -4.92 -4.12 -6.86
CA ALA A 16 -4.23 -3.55 -5.70
C ALA A 16 -3.30 -4.57 -4.95
N ALA A 17 -3.52 -5.88 -5.07
CA ALA A 17 -2.61 -6.92 -4.55
C ALA A 17 -1.23 -6.95 -5.27
N LYS A 18 -1.17 -6.58 -6.56
CA LYS A 18 0.11 -6.41 -7.28
C LYS A 18 0.93 -5.25 -6.71
N LEU A 19 0.24 -4.20 -6.27
CA LEU A 19 0.83 -3.08 -5.53
C LEU A 19 1.47 -3.57 -4.22
N ARG A 20 0.78 -4.43 -3.42
CA ARG A 20 1.33 -5.02 -2.17
C ARG A 20 2.69 -5.70 -2.40
N GLU A 21 2.80 -6.53 -3.44
CA GLU A 21 4.01 -7.32 -3.69
C GLU A 21 5.22 -6.45 -4.06
N ALA A 22 5.02 -5.45 -4.93
CA ALA A 22 6.08 -4.51 -5.29
C ALA A 22 6.37 -3.48 -4.16
N ALA A 23 5.36 -3.09 -3.39
CA ALA A 23 5.49 -2.15 -2.26
C ALA A 23 6.39 -2.67 -1.16
N ILE A 24 6.27 -3.93 -0.72
CA ILE A 24 7.11 -4.48 0.36
C ILE A 24 8.61 -4.43 0.00
N LYS A 25 8.98 -4.79 -1.24
CA LYS A 25 10.37 -4.76 -1.73
C LYS A 25 10.91 -3.31 -1.81
N THR A 26 10.11 -2.43 -2.42
CA THR A 26 10.40 -0.98 -2.52
C THR A 26 10.53 -0.29 -1.16
N LEU A 27 9.72 -0.67 -0.17
CA LEU A 27 9.81 -0.17 1.20
C LEU A 27 11.02 -0.74 1.96
N LYS A 28 11.30 -2.05 1.85
CA LYS A 28 12.44 -2.70 2.52
C LYS A 28 13.82 -2.12 2.16
N ARG A 29 14.00 -1.58 0.95
CA ARG A 29 15.25 -0.87 0.55
C ARG A 29 15.43 0.54 1.16
N HIS A 30 14.44 1.03 1.93
CA HIS A 30 14.44 2.35 2.61
C HIS A 30 14.08 2.28 4.11
N ASN A 31 14.30 3.38 4.84
CA ASN A 31 14.10 3.48 6.31
C ASN A 31 13.54 4.86 6.77
N ALA A 32 12.80 5.55 5.89
CA ALA A 32 12.26 6.89 6.12
C ALA A 32 10.86 7.08 5.50
N ALA A 33 10.13 8.11 5.95
CA ALA A 33 8.77 8.41 5.47
C ALA A 33 8.76 9.00 4.04
N ILE A 34 7.68 8.73 3.29
CA ILE A 34 7.53 9.14 1.89
C ILE A 34 6.07 9.44 1.53
N LYS A 35 5.82 10.39 0.62
CA LYS A 35 4.47 10.68 0.09
C LYS A 35 4.04 9.65 -0.95
N SER A 36 2.73 9.41 -0.99
CA SER A 36 1.99 8.58 -1.95
C SER A 36 2.58 8.62 -3.37
N SER A 37 2.54 9.79 -4.04
CA SER A 37 2.99 9.93 -5.44
C SER A 37 4.48 9.62 -5.63
N GLU A 38 5.34 10.00 -4.68
CA GLU A 38 6.77 9.67 -4.74
C GLU A 38 7.05 8.17 -4.57
N LEU A 39 6.31 7.51 -3.67
CA LEU A 39 6.36 6.06 -3.54
C LEU A 39 5.78 5.35 -4.78
N GLN A 40 4.70 5.88 -5.36
CA GLN A 40 4.15 5.45 -6.66
C GLN A 40 5.19 5.47 -7.78
N LYS A 41 5.97 6.55 -7.91
CA LYS A 41 7.06 6.66 -8.90
C LYS A 41 8.15 5.60 -8.68
N GLU A 42 8.53 5.36 -7.43
CA GLU A 42 9.49 4.31 -7.04
C GLU A 42 8.96 2.91 -7.40
N ILE A 43 7.70 2.59 -7.05
CA ILE A 43 7.07 1.30 -7.35
C ILE A 43 6.83 1.11 -8.86
N GLU A 44 6.51 2.18 -9.60
CA GLU A 44 6.41 2.17 -11.07
C GLU A 44 7.77 1.83 -11.71
N LYS A 45 8.88 2.36 -11.19
CA LYS A 45 10.25 1.95 -11.59
C LYS A 45 10.59 0.52 -11.14
N GLU A 46 10.03 0.04 -10.03
CA GLU A 46 10.25 -1.33 -9.54
C GLU A 46 9.59 -2.41 -10.41
N SER A 47 8.32 -2.21 -10.83
CA SER A 47 7.50 -3.27 -11.47
C SER A 47 6.77 -2.88 -12.78
N GLY A 48 6.84 -1.61 -13.23
CA GLY A 48 6.37 -1.17 -14.55
C GLY A 48 4.85 -0.94 -14.72
N LEU A 49 4.02 -1.42 -13.78
CA LEU A 49 2.57 -1.26 -13.80
C LEU A 49 2.08 0.17 -13.51
N GLU A 50 0.81 0.44 -13.87
CA GLU A 50 0.10 1.66 -13.48
C GLU A 50 -0.41 1.48 -12.04
N ILE A 51 0.01 2.35 -11.11
CA ILE A 51 -0.19 2.18 -9.66
C ILE A 51 -1.66 2.39 -9.20
N PRO A 52 -2.30 1.38 -8.55
CA PRO A 52 -3.65 1.47 -7.98
C PRO A 52 -3.85 2.52 -6.86
N ASN A 53 -5.09 2.64 -6.36
CA ASN A 53 -5.50 3.67 -5.38
C ASN A 53 -4.60 3.64 -4.13
N MET A 54 -3.84 4.72 -3.94
CA MET A 54 -2.84 4.81 -2.87
C MET A 54 -3.48 4.92 -1.49
N THR A 55 -4.46 5.80 -1.27
CA THR A 55 -5.14 5.92 0.02
C THR A 55 -5.78 4.65 0.57
N THR A 56 -6.52 3.92 -0.26
CA THR A 56 -7.04 2.58 0.09
C THR A 56 -5.97 1.50 0.20
N PHE A 57 -5.01 1.40 -0.74
CA PHE A 57 -3.90 0.45 -0.60
C PHE A 57 -3.01 0.66 0.63
N MET A 58 -2.47 1.86 0.85
CA MET A 58 -1.60 2.13 2.00
C MET A 58 -2.33 1.93 3.34
N GLN A 59 -3.64 2.20 3.46
CA GLN A 59 -4.40 1.80 4.66
C GLN A 59 -4.67 0.28 4.75
N SER A 60 -4.97 -0.39 3.64
CA SER A 60 -5.04 -1.86 3.60
C SER A 60 -3.70 -2.48 4.04
N LEU A 61 -2.59 -1.95 3.55
CA LEU A 61 -1.22 -2.31 3.92
C LEU A 61 -0.97 -2.10 5.42
N ILE A 62 -1.40 -0.97 6.00
CA ILE A 62 -1.30 -0.70 7.45
C ILE A 62 -2.04 -1.76 8.29
N LYS A 63 -3.33 -2.02 8.01
CA LYS A 63 -4.10 -2.99 8.81
C LYS A 63 -3.66 -4.44 8.55
N MET A 64 -3.21 -4.76 7.34
CA MET A 64 -2.67 -6.07 6.95
C MET A 64 -1.26 -6.36 7.51
N TYR A 65 -0.45 -5.32 7.71
CA TYR A 65 0.93 -5.35 8.19
C TYR A 65 1.22 -4.21 9.19
N PRO A 66 1.05 -4.43 10.52
CA PRO A 66 1.23 -3.41 11.57
C PRO A 66 2.63 -2.75 11.60
N GLU A 67 3.61 -3.35 10.92
CA GLU A 67 4.94 -2.79 10.64
C GLU A 67 4.89 -1.45 9.88
N VAL A 68 3.82 -1.20 9.12
CA VAL A 68 3.58 0.04 8.35
C VAL A 68 2.71 1.04 9.13
N LYS A 69 3.03 2.34 9.01
CA LYS A 69 2.36 3.48 9.68
C LYS A 69 2.15 4.67 8.74
N LYS A 70 1.29 5.62 9.15
CA LYS A 70 0.95 6.88 8.47
C LYS A 70 1.42 8.10 9.31
N PRO A 71 2.61 8.68 9.02
CA PRO A 71 3.03 9.93 9.61
C PRO A 71 2.13 11.15 9.30
N TYR A 72 1.64 11.30 8.05
CA TYR A 72 0.85 12.48 7.64
C TYR A 72 -0.10 12.27 6.43
N ARG A 73 -0.80 13.30 5.95
CA ARG A 73 -1.66 13.35 4.75
C ARG A 73 -1.00 12.65 3.54
N GLY A 74 -1.40 11.42 3.26
CA GLY A 74 -0.80 10.59 2.19
C GLY A 74 0.71 10.31 2.37
N GLN A 75 1.27 10.47 3.56
CA GLN A 75 2.66 10.14 3.89
C GLN A 75 2.71 8.91 4.80
N TYR A 76 3.56 7.96 4.42
CA TYR A 76 3.64 6.60 4.99
C TYR A 76 5.08 6.15 5.27
N ILE A 77 5.26 5.15 6.15
CA ILE A 77 6.57 4.57 6.51
C ILE A 77 6.45 3.07 6.90
N LEU A 78 7.49 2.27 6.63
CA LEU A 78 7.65 0.89 7.14
C LEU A 78 8.77 0.85 8.19
N GLU A 79 8.53 0.20 9.33
CA GLU A 79 9.52 0.02 10.41
C GLU A 79 9.73 -1.46 10.76
N GLY A 80 11.00 -1.83 10.99
CA GLY A 80 11.42 -3.22 11.23
C GLY A 80 11.34 -4.14 9.98
N GLU A 81 11.64 -5.42 10.18
CA GLU A 81 11.43 -6.43 9.14
C GLU A 81 9.93 -6.81 9.02
N ILE A 82 9.43 -6.90 7.78
CA ILE A 82 8.02 -7.25 7.47
C ILE A 82 7.83 -8.77 7.20
N GLU A 83 8.84 -9.58 7.58
CA GLU A 83 8.88 -11.03 7.40
C GLU A 83 7.93 -11.81 8.35
N SER A 84 7.25 -11.13 9.28
CA SER A 84 6.16 -11.67 10.11
C SER A 84 4.87 -11.78 9.28
N LEU A 85 4.93 -12.61 8.23
CA LEU A 85 3.88 -12.77 7.21
C LEU A 85 2.53 -13.25 7.78
N GLU A 86 2.52 -13.88 8.96
CA GLU A 86 1.32 -14.29 9.68
C GLU A 86 0.35 -13.12 10.01
N HIS A 87 0.81 -11.86 9.91
CA HIS A 87 -0.06 -10.66 9.98
C HIS A 87 -1.05 -10.55 8.81
N HIS A 88 -0.72 -11.03 7.61
CA HIS A 88 -1.52 -10.76 6.39
C HIS A 88 -2.94 -11.39 6.43
N HIS A 89 -3.92 -10.66 5.89
CA HIS A 89 -5.35 -11.03 5.79
C HIS A 89 -6.09 -10.19 4.71
N HIS A 90 -7.31 -10.59 4.34
CA HIS A 90 -8.15 -9.89 3.34
C HIS A 90 -8.59 -8.47 3.76
N HIS A 91 -9.09 -7.67 2.81
CA HIS A 91 -9.77 -6.37 3.09
C HIS A 91 -10.98 -6.56 4.03
N HIS A 92 -11.36 -5.53 4.80
CA HIS A 92 -12.43 -5.57 5.82
C HIS A 92 -12.32 -6.79 6.77
N GLY A 1 -26.18 -5.56 -14.00
CA GLY A 1 -25.52 -5.99 -12.76
C GLY A 1 -26.51 -6.19 -11.61
N THR A 2 -26.17 -7.05 -10.66
CA THR A 2 -27.07 -7.44 -9.57
C THR A 2 -27.44 -6.32 -8.58
N THR A 3 -26.60 -5.30 -8.42
CA THR A 3 -26.88 -4.09 -7.63
C THR A 3 -27.89 -3.12 -8.27
N ARG A 4 -29.12 -3.03 -7.72
CA ARG A 4 -30.22 -2.23 -8.31
C ARG A 4 -30.45 -0.84 -7.70
N ARG A 5 -29.47 -0.35 -6.92
CA ARG A 5 -29.35 1.04 -6.42
C ARG A 5 -29.09 1.99 -7.61
N ARG A 6 -28.94 3.31 -7.35
CA ARG A 6 -28.44 4.28 -8.36
C ARG A 6 -27.25 3.68 -9.13
N ARG A 7 -27.15 3.98 -10.43
CA ARG A 7 -26.27 3.34 -11.43
C ARG A 7 -24.93 2.78 -10.91
N GLY A 8 -24.02 3.63 -10.43
CA GLY A 8 -22.67 3.18 -10.02
C GLY A 8 -22.59 2.51 -8.63
N THR A 9 -21.62 1.61 -8.43
CA THR A 9 -21.26 1.01 -7.14
C THR A 9 -19.82 0.49 -7.08
N ALA A 10 -19.27 0.21 -5.89
CA ALA A 10 -17.88 -0.21 -5.70
C ALA A 10 -17.60 -1.08 -4.45
N ARG A 11 -16.38 -1.64 -4.41
CA ARG A 11 -15.73 -2.36 -3.30
C ARG A 11 -14.19 -2.22 -3.37
N PRO A 12 -13.43 -2.47 -2.27
CA PRO A 12 -11.96 -2.41 -2.26
C PRO A 12 -11.29 -3.22 -3.38
N GLY A 13 -10.18 -2.75 -3.93
CA GLY A 13 -9.57 -3.29 -5.16
C GLY A 13 -9.04 -4.73 -5.14
N SER A 14 -9.09 -5.35 -6.32
CA SER A 14 -8.47 -6.65 -6.68
C SER A 14 -7.12 -6.46 -7.40
N LYS A 15 -7.03 -5.47 -8.31
CA LYS A 15 -5.77 -5.01 -8.95
C LYS A 15 -4.78 -4.48 -7.91
N ALA A 16 -5.31 -3.85 -6.86
CA ALA A 16 -4.59 -3.22 -5.74
C ALA A 16 -3.61 -4.18 -5.00
N ALA A 17 -3.89 -5.50 -4.99
CA ALA A 17 -2.98 -6.53 -4.46
C ALA A 17 -1.61 -6.61 -5.18
N LYS A 18 -1.55 -6.31 -6.49
CA LYS A 18 -0.28 -6.22 -7.25
C LYS A 18 0.61 -5.08 -6.77
N LEU A 19 0.01 -3.97 -6.31
CA LEU A 19 0.71 -2.84 -5.66
C LEU A 19 1.33 -3.30 -4.34
N ARG A 20 0.58 -4.04 -3.50
CA ARG A 20 1.10 -4.60 -2.23
C ARG A 20 2.30 -5.54 -2.46
N GLU A 21 2.21 -6.41 -3.46
CA GLU A 21 3.27 -7.36 -3.83
C GLU A 21 4.59 -6.68 -4.24
N ALA A 22 4.52 -5.56 -4.98
CA ALA A 22 5.70 -4.73 -5.27
C ALA A 22 6.16 -3.92 -4.03
N ALA A 23 5.24 -3.23 -3.36
CA ALA A 23 5.52 -2.25 -2.31
C ALA A 23 6.23 -2.80 -1.07
N ILE A 24 6.08 -4.09 -0.74
CA ILE A 24 6.87 -4.74 0.33
C ILE A 24 8.38 -4.73 0.01
N LYS A 25 8.77 -4.95 -1.24
CA LYS A 25 10.18 -4.79 -1.69
C LYS A 25 10.60 -3.31 -1.70
N THR A 26 9.75 -2.45 -2.26
CA THR A 26 9.93 -0.99 -2.28
C THR A 26 10.16 -0.31 -0.93
N LEU A 27 9.34 -0.62 0.07
CA LEU A 27 9.48 -0.08 1.43
C LEU A 27 10.65 -0.71 2.21
N LYS A 28 11.01 -1.98 1.97
CA LYS A 28 12.22 -2.58 2.58
C LYS A 28 13.54 -1.96 2.09
N ARG A 29 13.62 -1.50 0.82
CA ARG A 29 14.78 -0.71 0.32
C ARG A 29 14.69 0.80 0.63
N HIS A 30 13.47 1.34 0.78
CA HIS A 30 13.18 2.75 1.13
C HIS A 30 12.37 2.86 2.44
N ASN A 31 13.02 2.55 3.56
CA ASN A 31 12.37 2.43 4.89
C ASN A 31 11.83 3.76 5.43
N ALA A 32 12.54 4.87 5.16
CA ALA A 32 12.23 6.22 5.63
C ALA A 32 10.96 6.81 4.97
N ALA A 33 10.44 7.91 5.53
CA ALA A 33 9.15 8.49 5.12
C ALA A 33 9.13 8.92 3.64
N ILE A 34 8.02 8.61 2.95
CA ILE A 34 7.85 8.80 1.50
C ILE A 34 6.39 9.13 1.17
N LYS A 35 6.12 10.06 0.24
CA LYS A 35 4.75 10.36 -0.25
C LYS A 35 4.24 9.26 -1.20
N SER A 36 2.92 9.07 -1.24
CA SER A 36 2.20 8.23 -2.21
C SER A 36 2.72 8.34 -3.64
N SER A 37 2.78 9.56 -4.20
CA SER A 37 3.30 9.86 -5.55
C SER A 37 4.79 9.51 -5.75
N GLU A 38 5.61 9.61 -4.70
CA GLU A 38 7.03 9.20 -4.73
C GLU A 38 7.17 7.67 -4.69
N LEU A 39 6.38 7.00 -3.82
CA LEU A 39 6.31 5.54 -3.75
C LEU A 39 5.81 4.97 -5.09
N GLN A 40 4.76 5.54 -5.68
CA GLN A 40 4.26 5.28 -7.04
C GLN A 40 5.40 5.27 -8.08
N LYS A 41 6.26 6.29 -8.09
CA LYS A 41 7.41 6.37 -9.01
C LYS A 41 8.47 5.29 -8.76
N GLU A 42 8.71 4.93 -7.51
CA GLU A 42 9.57 3.78 -7.16
C GLU A 42 8.96 2.41 -7.53
N ILE A 43 7.62 2.25 -7.48
CA ILE A 43 6.94 1.06 -8.03
C ILE A 43 7.00 1.04 -9.56
N GLU A 44 6.92 2.21 -10.23
CA GLU A 44 7.11 2.29 -11.68
C GLU A 44 8.53 1.87 -12.09
N LYS A 45 9.54 2.19 -11.27
CA LYS A 45 10.92 1.67 -11.42
C LYS A 45 11.03 0.16 -11.15
N GLU A 46 10.34 -0.35 -10.12
CA GLU A 46 10.36 -1.78 -9.74
C GLU A 46 9.64 -2.72 -10.73
N SER A 47 8.45 -2.33 -11.23
CA SER A 47 7.57 -3.21 -12.00
C SER A 47 6.90 -2.56 -13.23
N GLY A 48 6.65 -1.24 -13.21
CA GLY A 48 6.21 -0.48 -14.39
C GLY A 48 4.72 -0.58 -14.75
N LEU A 49 3.88 -1.14 -13.87
CA LEU A 49 2.42 -1.20 -14.06
C LEU A 49 1.71 0.16 -13.88
N GLU A 50 0.45 0.23 -14.32
CA GLU A 50 -0.44 1.36 -14.04
C GLU A 50 -0.87 1.31 -12.56
N ILE A 51 -0.39 2.28 -11.76
CA ILE A 51 -0.50 2.28 -10.28
C ILE A 51 -1.95 2.41 -9.76
N PRO A 52 -2.45 1.42 -8.97
CA PRO A 52 -3.76 1.48 -8.31
C PRO A 52 -3.88 2.54 -7.19
N ASN A 53 -5.05 2.58 -6.53
CA ASN A 53 -5.35 3.59 -5.50
C ASN A 53 -4.34 3.52 -4.34
N MET A 54 -3.51 4.56 -4.22
CA MET A 54 -2.40 4.61 -3.27
C MET A 54 -2.93 4.66 -1.83
N THR A 55 -3.90 5.52 -1.55
CA THR A 55 -4.51 5.69 -0.23
C THR A 55 -5.16 4.45 0.38
N THR A 56 -6.07 3.80 -0.36
CA THR A 56 -6.69 2.54 0.09
C THR A 56 -5.71 1.40 0.24
N PHE A 57 -4.77 1.21 -0.71
CA PHE A 57 -3.65 0.28 -0.52
C PHE A 57 -2.80 0.51 0.73
N MET A 58 -2.16 1.68 0.84
CA MET A 58 -1.16 1.97 1.87
C MET A 58 -1.76 1.91 3.28
N GLN A 59 -3.00 2.38 3.46
CA GLN A 59 -3.70 2.22 4.74
C GLN A 59 -4.16 0.77 5.00
N SER A 60 -4.58 0.01 3.98
CA SER A 60 -4.87 -1.42 4.11
C SER A 60 -3.64 -2.22 4.57
N LEU A 61 -2.46 -1.90 4.01
CA LEU A 61 -1.18 -2.45 4.47
C LEU A 61 -0.91 -2.06 5.93
N ILE A 62 -1.12 -0.80 6.31
CA ILE A 62 -0.90 -0.34 7.70
C ILE A 62 -1.77 -1.08 8.73
N LYS A 63 -3.09 -1.27 8.49
CA LYS A 63 -3.98 -1.97 9.44
C LYS A 63 -3.65 -3.46 9.57
N MET A 64 -3.16 -4.10 8.49
CA MET A 64 -2.67 -5.49 8.51
C MET A 64 -1.27 -5.62 9.15
N TYR A 65 -0.43 -4.58 9.05
CA TYR A 65 0.98 -4.57 9.46
C TYR A 65 1.42 -3.29 10.21
N PRO A 66 1.28 -3.23 11.55
CA PRO A 66 1.64 -2.06 12.38
C PRO A 66 3.08 -1.56 12.25
N GLU A 67 3.97 -2.37 11.66
CA GLU A 67 5.34 -2.01 11.25
C GLU A 67 5.35 -0.82 10.27
N VAL A 68 4.31 -0.70 9.44
CA VAL A 68 4.04 0.45 8.58
C VAL A 68 3.21 1.53 9.29
N LYS A 69 3.54 2.81 9.10
CA LYS A 69 2.91 3.96 9.78
C LYS A 69 2.71 5.16 8.85
N LYS A 70 1.93 6.15 9.29
CA LYS A 70 1.56 7.39 8.56
C LYS A 70 2.02 8.66 9.32
N PRO A 71 3.21 9.23 9.00
CA PRO A 71 3.61 10.54 9.51
C PRO A 71 2.76 11.73 9.01
N TYR A 72 2.28 11.76 7.75
CA TYR A 72 1.50 12.89 7.21
C TYR A 72 0.52 12.55 6.05
N ARG A 73 -0.15 13.54 5.43
CA ARG A 73 -1.07 13.42 4.27
C ARG A 73 -0.48 12.57 3.15
N GLY A 74 -0.87 11.29 3.10
CA GLY A 74 -0.36 10.31 2.14
C GLY A 74 1.16 10.09 2.23
N GLN A 75 1.79 10.44 3.36
CA GLN A 75 3.18 10.17 3.64
C GLN A 75 3.28 9.02 4.65
N TYR A 76 3.98 7.96 4.24
CA TYR A 76 4.04 6.66 4.93
C TYR A 76 5.50 6.23 5.19
N ILE A 77 5.73 5.31 6.13
CA ILE A 77 7.06 4.86 6.59
C ILE A 77 6.99 3.39 7.07
N LEU A 78 8.08 2.63 7.02
CA LEU A 78 8.16 1.22 7.46
C LEU A 78 9.32 1.00 8.45
N GLU A 79 9.01 0.48 9.64
CA GLU A 79 9.97 0.14 10.70
C GLU A 79 10.40 -1.34 10.69
N GLY A 80 11.71 -1.62 10.71
CA GLY A 80 12.28 -2.97 10.91
C GLY A 80 11.90 -4.00 9.83
N GLU A 81 11.88 -5.28 10.22
CA GLU A 81 11.37 -6.38 9.38
C GLU A 81 9.82 -6.37 9.34
N ILE A 82 9.22 -6.46 8.13
CA ILE A 82 7.76 -6.34 7.96
C ILE A 82 6.95 -7.44 8.68
N GLU A 83 7.50 -8.66 8.76
CA GLU A 83 6.89 -9.81 9.44
C GLU A 83 7.14 -9.85 10.97
N SER A 84 7.57 -8.75 11.61
CA SER A 84 7.92 -8.72 13.04
C SER A 84 6.80 -9.25 13.98
N LEU A 85 5.53 -8.94 13.66
CA LEU A 85 4.33 -9.45 14.32
C LEU A 85 4.16 -10.99 14.27
N GLU A 86 4.90 -11.70 13.42
CA GLU A 86 4.95 -13.17 13.33
C GLU A 86 6.32 -13.79 13.63
N HIS A 87 7.42 -13.06 13.41
CA HIS A 87 8.80 -13.45 13.73
C HIS A 87 9.08 -13.39 15.25
N HIS A 88 8.49 -14.30 16.02
CA HIS A 88 8.55 -14.37 17.51
C HIS A 88 9.90 -14.84 18.10
N HIS A 89 11.03 -14.33 17.60
CA HIS A 89 12.39 -14.60 18.13
C HIS A 89 12.64 -13.91 19.48
N HIS A 90 13.70 -14.29 20.20
CA HIS A 90 14.19 -13.60 21.41
C HIS A 90 14.61 -12.14 21.13
N HIS A 91 14.79 -11.33 22.18
CA HIS A 91 15.29 -9.94 22.09
C HIS A 91 16.77 -9.87 21.64
N HIS A 92 17.23 -8.68 21.24
CA HIS A 92 18.64 -8.37 20.97
C HIS A 92 19.52 -8.50 22.23
N GLY A 1 -23.03 4.43 -28.79
CA GLY A 1 -24.01 5.51 -28.64
C GLY A 1 -24.26 5.97 -27.19
N THR A 2 -25.23 6.87 -27.00
CA THR A 2 -25.62 7.37 -25.67
C THR A 2 -26.15 6.31 -24.69
N THR A 3 -25.97 6.56 -23.38
CA THR A 3 -26.23 5.60 -22.29
C THR A 3 -26.61 6.21 -20.93
N ARG A 4 -27.06 5.36 -19.99
CA ARG A 4 -27.40 5.71 -18.58
C ARG A 4 -26.23 6.36 -17.85
N ARG A 5 -26.48 7.45 -17.10
CA ARG A 5 -25.46 8.10 -16.23
C ARG A 5 -25.09 7.28 -14.99
N ARG A 6 -26.10 6.97 -14.17
CA ARG A 6 -25.99 6.31 -12.86
C ARG A 6 -25.61 4.82 -13.00
N ARG A 7 -24.31 4.55 -13.07
CA ARG A 7 -23.72 3.19 -13.25
C ARG A 7 -22.85 2.75 -12.07
N GLY A 8 -22.35 3.70 -11.28
CA GLY A 8 -21.34 3.46 -10.25
C GLY A 8 -21.75 2.52 -9.11
N THR A 9 -20.77 1.72 -8.69
CA THR A 9 -20.72 0.85 -7.54
C THR A 9 -19.29 0.28 -7.46
N ALA A 10 -18.77 -0.05 -6.27
CA ALA A 10 -17.38 -0.53 -6.14
C ALA A 10 -17.12 -1.39 -4.89
N ARG A 11 -15.94 -2.01 -4.88
CA ARG A 11 -15.37 -2.85 -3.80
C ARG A 11 -13.83 -2.78 -3.78
N PRO A 12 -13.15 -3.11 -2.66
CA PRO A 12 -11.68 -3.10 -2.56
C PRO A 12 -10.99 -3.94 -3.65
N GLY A 13 -9.76 -3.57 -4.05
CA GLY A 13 -9.03 -4.10 -5.21
C GLY A 13 -8.94 -5.63 -5.38
N SER A 14 -8.95 -6.08 -6.64
CA SER A 14 -8.68 -7.47 -7.10
C SER A 14 -7.28 -7.59 -7.72
N LYS A 15 -6.88 -6.61 -8.55
CA LYS A 15 -5.53 -6.50 -9.14
C LYS A 15 -4.47 -6.13 -8.08
N ALA A 16 -4.92 -5.50 -7.00
CA ALA A 16 -4.10 -4.90 -5.93
C ALA A 16 -3.21 -5.88 -5.12
N ALA A 17 -3.44 -7.20 -5.15
CA ALA A 17 -2.63 -8.17 -4.39
C ALA A 17 -1.16 -8.26 -4.84
N LYS A 18 -0.90 -8.29 -6.17
CA LYS A 18 0.48 -8.25 -6.74
C LYS A 18 1.20 -6.96 -6.34
N LEU A 19 0.45 -5.85 -6.30
CA LEU A 19 0.94 -4.53 -5.90
C LEU A 19 1.20 -4.45 -4.39
N ARG A 20 0.43 -5.13 -3.53
CA ARG A 20 0.72 -5.26 -2.08
C ARG A 20 2.12 -5.84 -1.85
N GLU A 21 2.45 -6.92 -2.56
CA GLU A 21 3.78 -7.53 -2.49
C GLU A 21 4.88 -6.61 -3.04
N ALA A 22 4.66 -5.99 -4.20
CA ALA A 22 5.60 -5.01 -4.79
C ALA A 22 5.80 -3.75 -3.91
N ALA A 23 4.79 -3.28 -3.20
CA ALA A 23 4.90 -2.14 -2.27
C ALA A 23 5.79 -2.47 -1.08
N ILE A 24 5.72 -3.69 -0.54
CA ILE A 24 6.65 -4.16 0.50
C ILE A 24 8.09 -4.27 -0.01
N LYS A 25 8.32 -4.79 -1.22
CA LYS A 25 9.65 -4.77 -1.87
C LYS A 25 10.19 -3.35 -2.02
N THR A 26 9.37 -2.45 -2.56
CA THR A 26 9.68 -1.02 -2.70
C THR A 26 9.99 -0.32 -1.38
N LEU A 27 9.17 -0.53 -0.34
CA LEU A 27 9.39 0.03 0.99
C LEU A 27 10.64 -0.54 1.68
N LYS A 28 11.08 -1.78 1.39
CA LYS A 28 12.38 -2.29 1.87
C LYS A 28 13.62 -1.73 1.14
N ARG A 29 13.50 -1.25 -0.11
CA ARG A 29 14.58 -0.48 -0.79
C ARG A 29 14.52 1.04 -0.55
N HIS A 30 13.36 1.57 -0.18
CA HIS A 30 13.13 2.95 0.28
C HIS A 30 12.29 3.00 1.58
N ASN A 31 12.92 2.77 2.74
CA ASN A 31 12.25 2.76 4.05
C ASN A 31 11.69 4.11 4.51
N ALA A 32 12.41 5.21 4.23
CA ALA A 32 12.15 6.56 4.77
C ALA A 32 10.87 7.22 4.20
N ALA A 33 10.41 8.30 4.84
CA ALA A 33 9.15 8.97 4.50
C ALA A 33 9.12 9.49 3.05
N ILE A 34 8.00 9.22 2.36
CA ILE A 34 7.86 9.43 0.92
C ILE A 34 6.39 9.78 0.57
N LYS A 35 6.15 10.64 -0.42
CA LYS A 35 4.79 10.91 -0.94
C LYS A 35 4.27 9.72 -1.77
N SER A 36 2.96 9.49 -1.70
CA SER A 36 2.16 8.58 -2.52
C SER A 36 2.55 8.58 -4.00
N SER A 37 2.67 9.75 -4.63
CA SER A 37 3.03 9.91 -6.05
C SER A 37 4.45 9.45 -6.40
N GLU A 38 5.42 9.62 -5.50
CA GLU A 38 6.79 9.11 -5.70
C GLU A 38 6.90 7.61 -5.44
N LEU A 39 6.26 7.13 -4.36
CA LEU A 39 6.17 5.68 -4.07
C LEU A 39 5.39 4.93 -5.16
N GLN A 40 4.34 5.54 -5.72
CA GLN A 40 3.62 5.10 -6.91
C GLN A 40 4.54 4.84 -8.11
N LYS A 41 5.38 5.82 -8.49
CA LYS A 41 6.36 5.64 -9.58
C LYS A 41 7.35 4.52 -9.29
N GLU A 42 7.86 4.43 -8.06
CA GLU A 42 8.80 3.38 -7.65
C GLU A 42 8.16 1.98 -7.63
N ILE A 43 6.87 1.87 -7.28
CA ILE A 43 6.10 0.62 -7.38
C ILE A 43 5.76 0.26 -8.85
N GLU A 44 5.48 1.26 -9.69
CA GLU A 44 5.31 1.03 -11.13
C GLU A 44 6.59 0.46 -11.76
N LYS A 45 7.78 0.96 -11.37
CA LYS A 45 9.08 0.36 -11.72
C LYS A 45 9.25 -1.07 -11.18
N GLU A 46 8.74 -1.35 -9.98
CA GLU A 46 8.84 -2.67 -9.33
C GLU A 46 7.97 -3.74 -10.00
N SER A 47 6.71 -3.40 -10.31
CA SER A 47 5.67 -4.35 -10.75
C SER A 47 5.30 -4.27 -12.25
N GLY A 48 5.57 -3.15 -12.92
CA GLY A 48 5.28 -2.92 -14.34
C GLY A 48 3.90 -2.34 -14.67
N LEU A 49 3.10 -1.97 -13.65
CA LEU A 49 1.76 -1.37 -13.79
C LEU A 49 1.42 -0.41 -12.64
N GLU A 50 0.31 0.31 -12.76
CA GLU A 50 -0.16 1.26 -11.74
C GLU A 50 -0.54 0.64 -10.38
N ILE A 51 -0.32 1.46 -9.36
CA ILE A 51 -0.50 1.16 -7.95
C ILE A 51 -1.99 1.33 -7.54
N PRO A 52 -2.50 0.65 -6.50
CA PRO A 52 -3.88 0.82 -6.01
C PRO A 52 -4.14 2.23 -5.43
N ASN A 53 -5.40 2.54 -5.05
CA ASN A 53 -5.71 3.81 -4.38
C ASN A 53 -4.82 4.01 -3.14
N MET A 54 -3.84 4.92 -3.20
CA MET A 54 -2.80 5.03 -2.18
C MET A 54 -3.37 5.27 -0.77
N THR A 55 -4.40 6.09 -0.65
CA THR A 55 -5.08 6.35 0.62
C THR A 55 -5.69 5.12 1.29
N THR A 56 -6.53 4.36 0.57
CA THR A 56 -7.02 3.06 1.07
C THR A 56 -5.93 2.02 1.26
N PHE A 57 -4.99 1.93 0.32
CA PHE A 57 -3.97 0.90 0.27
C PHE A 57 -2.85 1.02 1.30
N MET A 58 -2.23 2.20 1.43
CA MET A 58 -1.30 2.44 2.53
C MET A 58 -2.01 2.39 3.90
N GLN A 59 -3.25 2.89 4.06
CA GLN A 59 -3.99 2.67 5.32
C GLN A 59 -4.30 1.17 5.57
N SER A 60 -4.57 0.38 4.54
CA SER A 60 -4.70 -1.09 4.65
C SER A 60 -3.40 -1.73 5.15
N LEU A 61 -2.25 -1.38 4.55
CA LEU A 61 -0.93 -1.80 5.03
C LEU A 61 -0.69 -1.37 6.49
N ILE A 62 -1.05 -0.14 6.86
CA ILE A 62 -0.90 0.38 8.24
C ILE A 62 -1.73 -0.42 9.25
N LYS A 63 -3.03 -0.67 9.00
CA LYS A 63 -3.91 -1.42 9.92
C LYS A 63 -3.51 -2.91 10.00
N MET A 64 -2.95 -3.48 8.94
CA MET A 64 -2.40 -4.84 8.96
C MET A 64 -1.04 -4.94 9.69
N TYR A 65 -0.13 -3.98 9.49
CA TYR A 65 1.26 -4.07 9.94
C TYR A 65 1.65 -2.68 10.52
N PRO A 66 1.68 -2.52 11.86
CA PRO A 66 2.07 -1.28 12.54
C PRO A 66 3.49 -0.76 12.24
N GLU A 67 4.32 -1.59 11.59
CA GLU A 67 5.63 -1.22 11.03
C GLU A 67 5.50 -0.14 9.94
N VAL A 68 4.40 -0.14 9.18
CA VAL A 68 4.03 0.94 8.26
C VAL A 68 3.32 2.06 9.02
N LYS A 69 3.69 3.33 8.74
CA LYS A 69 3.12 4.53 9.41
C LYS A 69 2.86 5.67 8.41
N LYS A 70 2.14 6.71 8.86
CA LYS A 70 1.67 7.87 8.04
C LYS A 70 2.08 9.21 8.71
N PRO A 71 3.24 9.79 8.31
CA PRO A 71 3.61 11.14 8.74
C PRO A 71 2.61 12.25 8.34
N TYR A 72 1.93 12.13 7.19
CA TYR A 72 0.89 13.10 6.74
C TYR A 72 -0.05 12.48 5.70
N ARG A 73 -1.15 13.14 5.26
CA ARG A 73 -1.98 12.58 4.18
C ARG A 73 -1.17 12.42 2.89
N GLY A 74 -1.30 11.25 2.26
CA GLY A 74 -0.46 10.86 1.13
C GLY A 74 1.04 10.79 1.43
N GLN A 75 1.50 10.75 2.69
CA GLN A 75 2.92 10.63 3.05
C GLN A 75 3.08 9.50 4.07
N TYR A 76 3.87 8.47 3.72
CA TYR A 76 3.97 7.20 4.44
C TYR A 76 5.43 6.77 4.63
N ILE A 77 5.68 5.83 5.54
CA ILE A 77 7.02 5.33 5.94
C ILE A 77 6.93 3.85 6.39
N LEU A 78 8.02 3.07 6.26
CA LEU A 78 8.16 1.73 6.83
C LEU A 78 9.34 1.70 7.81
N GLU A 79 9.08 1.35 9.07
CA GLU A 79 10.12 1.12 10.08
C GLU A 79 10.77 -0.27 9.92
N GLY A 80 12.09 -0.31 9.68
CA GLY A 80 12.88 -1.54 9.66
C GLY A 80 12.46 -2.60 8.61
N GLU A 81 12.68 -3.87 8.94
CA GLU A 81 12.24 -5.01 8.13
C GLU A 81 10.76 -5.35 8.41
N ILE A 82 9.92 -5.40 7.36
CA ILE A 82 8.48 -5.66 7.52
C ILE A 82 8.18 -7.02 8.14
N GLU A 83 9.01 -8.03 7.88
CA GLU A 83 8.89 -9.39 8.45
C GLU A 83 8.94 -9.43 10.00
N SER A 84 9.33 -8.34 10.66
CA SER A 84 9.21 -8.16 12.11
C SER A 84 7.75 -8.05 12.60
N LEU A 85 6.76 -7.96 11.70
CA LEU A 85 5.32 -7.89 11.98
C LEU A 85 4.79 -8.97 12.95
N GLU A 86 5.43 -10.13 13.04
CA GLU A 86 5.06 -11.21 13.97
C GLU A 86 5.09 -10.79 15.45
N HIS A 87 5.81 -9.70 15.79
CA HIS A 87 5.83 -9.10 17.14
C HIS A 87 4.53 -8.33 17.48
N HIS A 88 3.72 -7.92 16.49
CA HIS A 88 2.58 -7.00 16.65
C HIS A 88 1.25 -7.42 15.97
N HIS A 89 1.32 -8.18 14.87
CA HIS A 89 0.16 -8.64 14.08
C HIS A 89 -0.72 -9.63 14.87
N HIS A 90 -2.01 -9.74 14.50
CA HIS A 90 -2.98 -10.66 15.10
C HIS A 90 -2.68 -12.13 14.83
N HIS A 91 -3.34 -13.04 15.56
CA HIS A 91 -3.29 -14.50 15.33
C HIS A 91 -3.77 -14.86 13.91
N HIS A 92 -3.26 -15.96 13.35
CA HIS A 92 -3.73 -16.53 12.07
C HIS A 92 -5.18 -17.06 12.15
N GLY A 1 -34.56 -4.06 -14.95
CA GLY A 1 -34.04 -2.95 -14.10
C GLY A 1 -32.95 -2.08 -14.74
N THR A 2 -32.43 -2.45 -15.92
CA THR A 2 -31.30 -1.82 -16.62
C THR A 2 -31.42 -0.32 -16.96
N THR A 3 -32.65 0.19 -17.09
CA THR A 3 -32.94 1.55 -17.60
C THR A 3 -32.55 2.75 -16.71
N ARG A 4 -32.51 2.57 -15.38
CA ARG A 4 -32.12 3.64 -14.43
C ARG A 4 -30.63 4.01 -14.59
N ARG A 5 -30.31 5.31 -14.63
CA ARG A 5 -28.92 5.81 -14.84
C ARG A 5 -28.00 5.67 -13.64
N ARG A 6 -28.55 5.64 -12.41
CA ARG A 6 -27.80 5.60 -11.13
C ARG A 6 -27.28 4.20 -10.79
N ARG A 7 -26.36 3.73 -11.65
CA ARG A 7 -25.82 2.36 -11.70
C ARG A 7 -24.75 2.10 -10.63
N GLY A 8 -24.10 3.17 -10.15
CA GLY A 8 -22.92 3.11 -9.31
C GLY A 8 -23.03 2.31 -7.98
N THR A 9 -21.94 1.60 -7.69
CA THR A 9 -21.63 0.87 -6.45
C THR A 9 -20.16 0.43 -6.52
N ALA A 10 -19.51 0.14 -5.38
CA ALA A 10 -18.09 -0.27 -5.35
C ALA A 10 -17.71 -1.09 -4.10
N ARG A 11 -16.47 -1.61 -4.13
CA ARG A 11 -15.78 -2.31 -3.04
C ARG A 11 -14.23 -2.13 -3.12
N PRO A 12 -13.47 -2.33 -2.03
CA PRO A 12 -11.99 -2.25 -2.04
C PRO A 12 -11.37 -3.12 -3.14
N GLY A 13 -10.30 -2.65 -3.78
CA GLY A 13 -9.72 -3.22 -5.01
C GLY A 13 -9.31 -4.70 -5.03
N SER A 14 -9.41 -5.29 -6.23
CA SER A 14 -8.89 -6.61 -6.63
C SER A 14 -7.51 -6.48 -7.27
N LYS A 15 -7.32 -5.49 -8.16
CA LYS A 15 -6.02 -5.12 -8.78
C LYS A 15 -5.03 -4.55 -7.75
N ALA A 16 -5.57 -3.91 -6.71
CA ALA A 16 -4.85 -3.32 -5.59
C ALA A 16 -3.91 -4.31 -4.85
N ALA A 17 -4.22 -5.61 -4.85
CA ALA A 17 -3.36 -6.65 -4.30
C ALA A 17 -2.00 -6.79 -5.03
N LYS A 18 -1.91 -6.41 -6.32
CA LYS A 18 -0.65 -6.37 -7.07
C LYS A 18 0.24 -5.21 -6.59
N LEU A 19 -0.36 -4.09 -6.16
CA LEU A 19 0.34 -2.97 -5.52
C LEU A 19 1.00 -3.44 -4.21
N ARG A 20 0.29 -4.19 -3.36
CA ARG A 20 0.86 -4.80 -2.13
C ARG A 20 2.14 -5.62 -2.41
N GLU A 21 2.07 -6.51 -3.39
CA GLU A 21 3.19 -7.41 -3.73
C GLU A 21 4.47 -6.64 -4.12
N ALA A 22 4.33 -5.58 -4.92
CA ALA A 22 5.45 -4.67 -5.24
C ALA A 22 5.87 -3.78 -4.06
N ALA A 23 4.90 -3.28 -3.29
CA ALA A 23 5.14 -2.34 -2.19
C ALA A 23 5.99 -2.92 -1.06
N ILE A 24 5.84 -4.21 -0.72
CA ILE A 24 6.69 -4.84 0.31
C ILE A 24 8.19 -4.78 -0.07
N LYS A 25 8.56 -5.02 -1.34
CA LYS A 25 9.92 -4.81 -1.84
C LYS A 25 10.32 -3.34 -1.78
N THR A 26 9.53 -2.49 -2.43
CA THR A 26 9.75 -1.03 -2.54
C THR A 26 9.91 -0.27 -1.23
N LEU A 27 9.12 -0.63 -0.20
CA LEU A 27 9.20 -0.06 1.13
C LEU A 27 10.45 -0.54 1.88
N LYS A 28 10.81 -1.85 1.85
CA LYS A 28 11.99 -2.35 2.59
C LYS A 28 13.33 -1.78 2.11
N ARG A 29 13.45 -1.43 0.81
CA ARG A 29 14.62 -0.69 0.26
C ARG A 29 14.63 0.83 0.57
N HIS A 30 13.58 1.37 1.20
CA HIS A 30 13.43 2.78 1.61
C HIS A 30 12.79 2.92 3.00
N ASN A 31 13.55 2.65 4.07
CA ASN A 31 13.19 2.86 5.49
C ASN A 31 13.18 4.37 5.84
N ALA A 32 12.36 5.15 5.13
CA ALA A 32 12.25 6.61 5.24
C ALA A 32 10.85 7.09 4.80
N ALA A 33 10.42 8.26 5.27
CA ALA A 33 9.12 8.82 4.91
C ALA A 33 9.07 9.26 3.43
N ILE A 34 7.99 8.91 2.73
CA ILE A 34 7.82 9.15 1.29
C ILE A 34 6.35 9.44 0.96
N LYS A 35 6.08 10.37 0.02
CA LYS A 35 4.72 10.65 -0.48
C LYS A 35 4.21 9.52 -1.37
N SER A 36 2.90 9.29 -1.37
CA SER A 36 2.18 8.34 -2.21
C SER A 36 2.62 8.35 -3.68
N SER A 37 2.56 9.50 -4.34
CA SER A 37 2.95 9.69 -5.75
C SER A 37 4.41 9.38 -6.03
N GLU A 38 5.32 9.77 -5.13
CA GLU A 38 6.75 9.47 -5.24
C GLU A 38 7.06 7.98 -5.01
N LEU A 39 6.34 7.33 -4.10
CA LEU A 39 6.38 5.87 -3.94
C LEU A 39 5.78 5.16 -5.17
N GLN A 40 4.73 5.70 -5.78
CA GLN A 40 4.21 5.23 -7.07
C GLN A 40 5.29 5.26 -8.16
N LYS A 41 6.10 6.33 -8.27
CA LYS A 41 7.23 6.40 -9.22
C LYS A 41 8.27 5.30 -8.98
N GLU A 42 8.53 4.98 -7.70
CA GLU A 42 9.36 3.82 -7.33
C GLU A 42 8.71 2.46 -7.64
N ILE A 43 7.40 2.28 -7.47
CA ILE A 43 6.66 1.07 -7.93
C ILE A 43 6.76 0.92 -9.45
N GLU A 44 6.70 2.02 -10.21
CA GLU A 44 6.89 2.01 -11.67
C GLU A 44 8.30 1.57 -12.10
N LYS A 45 9.33 1.87 -11.28
CA LYS A 45 10.69 1.36 -11.46
C LYS A 45 10.87 -0.10 -10.96
N GLU A 46 10.25 -0.44 -9.83
CA GLU A 46 10.34 -1.76 -9.21
C GLU A 46 9.65 -2.86 -10.03
N SER A 47 8.47 -2.55 -10.59
CA SER A 47 7.57 -3.53 -11.24
C SER A 47 6.91 -3.03 -12.54
N GLY A 48 6.57 -1.73 -12.63
CA GLY A 48 5.96 -1.15 -13.84
C GLY A 48 4.46 -1.47 -14.03
N LEU A 49 3.77 -1.92 -12.97
CA LEU A 49 2.32 -2.18 -12.95
C LEU A 49 1.49 -0.89 -13.12
N GLU A 50 0.27 -1.01 -13.64
CA GLU A 50 -0.71 0.09 -13.71
C GLU A 50 -1.22 0.42 -12.30
N ILE A 51 -0.77 1.56 -11.74
CA ILE A 51 -0.95 1.95 -10.31
C ILE A 51 -2.43 2.01 -9.86
N PRO A 52 -2.85 1.13 -8.91
CA PRO A 52 -4.16 1.20 -8.24
C PRO A 52 -4.26 2.33 -7.20
N ASN A 53 -5.37 2.40 -6.44
CA ASN A 53 -5.55 3.46 -5.43
C ASN A 53 -4.49 3.34 -4.33
N MET A 54 -3.62 4.35 -4.21
CA MET A 54 -2.54 4.36 -3.23
C MET A 54 -3.11 4.53 -1.82
N THR A 55 -3.95 5.54 -1.57
CA THR A 55 -4.49 5.85 -0.24
C THR A 55 -5.17 4.68 0.49
N THR A 56 -6.11 4.02 -0.17
CA THR A 56 -6.72 2.78 0.34
C THR A 56 -5.75 1.61 0.54
N PHE A 57 -4.86 1.34 -0.43
CA PHE A 57 -3.81 0.34 -0.26
C PHE A 57 -2.85 0.56 0.92
N MET A 58 -2.20 1.72 0.95
CA MET A 58 -1.16 2.04 1.93
C MET A 58 -1.75 1.99 3.36
N GLN A 59 -2.95 2.55 3.55
CA GLN A 59 -3.67 2.46 4.83
C GLN A 59 -4.16 1.04 5.15
N SER A 60 -4.59 0.25 4.16
CA SER A 60 -4.91 -1.17 4.36
C SER A 60 -3.71 -1.96 4.89
N LEU A 61 -2.53 -1.79 4.29
CA LEU A 61 -1.30 -2.38 4.80
C LEU A 61 -0.97 -1.89 6.22
N ILE A 62 -1.18 -0.60 6.52
CA ILE A 62 -0.94 -0.05 7.87
C ILE A 62 -1.86 -0.69 8.92
N LYS A 63 -3.18 -0.79 8.68
CA LYS A 63 -4.11 -1.41 9.66
C LYS A 63 -3.85 -2.91 9.83
N MET A 64 -3.37 -3.61 8.80
CA MET A 64 -2.91 -5.00 8.90
C MET A 64 -1.59 -5.15 9.66
N TYR A 65 -0.64 -4.23 9.48
CA TYR A 65 0.74 -4.33 9.98
C TYR A 65 1.33 -3.04 10.59
N PRO A 66 1.40 -2.91 11.94
CA PRO A 66 1.97 -1.75 12.63
C PRO A 66 3.44 -1.41 12.29
N GLU A 67 4.16 -2.31 11.60
CA GLU A 67 5.48 -2.10 10.99
C GLU A 67 5.47 -0.99 9.91
N VAL A 68 4.27 -0.64 9.41
CA VAL A 68 4.01 0.48 8.50
C VAL A 68 3.22 1.61 9.18
N LYS A 69 3.57 2.87 8.92
CA LYS A 69 3.09 4.07 9.63
C LYS A 69 2.77 5.25 8.68
N LYS A 70 1.95 6.21 9.13
CA LYS A 70 1.59 7.45 8.42
C LYS A 70 2.06 8.71 9.20
N PRO A 71 3.26 9.26 8.92
CA PRO A 71 3.70 10.52 9.51
C PRO A 71 2.91 11.75 9.02
N TYR A 72 2.51 11.82 7.74
CA TYR A 72 1.93 13.04 7.13
C TYR A 72 0.84 12.85 6.05
N ARG A 73 0.21 13.94 5.55
CA ARG A 73 -0.76 13.91 4.43
C ARG A 73 -0.23 13.12 3.23
N GLY A 74 -0.81 11.93 3.00
CA GLY A 74 -0.41 11.03 1.92
C GLY A 74 1.05 10.58 1.97
N GLN A 75 1.67 10.61 3.15
CA GLN A 75 3.09 10.34 3.36
C GLN A 75 3.26 9.22 4.38
N TYR A 76 3.90 8.13 3.95
CA TYR A 76 3.99 6.86 4.66
C TYR A 76 5.45 6.41 4.89
N ILE A 77 5.66 5.44 5.79
CA ILE A 77 6.97 4.84 6.10
C ILE A 77 6.81 3.37 6.56
N LEU A 78 7.80 2.52 6.27
CA LEU A 78 7.93 1.16 6.81
C LEU A 78 9.21 1.10 7.66
N GLU A 79 9.15 0.50 8.85
CA GLU A 79 10.25 0.45 9.82
C GLU A 79 10.71 -1.00 10.12
N GLY A 80 12.01 -1.28 9.89
CA GLY A 80 12.61 -2.61 10.05
C GLY A 80 12.15 -3.63 8.99
N GLU A 81 12.22 -4.92 9.32
CA GLU A 81 11.61 -5.97 8.50
C GLU A 81 10.08 -6.01 8.65
N ILE A 82 9.37 -6.36 7.57
CA ILE A 82 7.94 -6.67 7.62
C ILE A 82 7.74 -8.05 8.27
N GLU A 83 8.70 -8.97 8.08
CA GLU A 83 8.77 -10.30 8.73
C GLU A 83 9.30 -10.17 10.18
N SER A 84 8.58 -9.38 10.98
CA SER A 84 8.74 -9.27 12.43
C SER A 84 8.41 -10.59 13.15
N LEU A 85 8.75 -10.70 14.45
CA LEU A 85 8.35 -11.85 15.28
C LEU A 85 6.81 -12.01 15.33
N GLU A 86 6.08 -10.89 15.32
CA GLU A 86 4.62 -10.85 15.22
C GLU A 86 4.12 -11.39 13.87
N HIS A 87 4.70 -10.93 12.76
CA HIS A 87 4.36 -11.39 11.39
C HIS A 87 4.76 -12.86 11.14
N HIS A 88 5.81 -13.36 11.79
CA HIS A 88 6.30 -14.75 11.67
C HIS A 88 5.31 -15.78 12.24
N HIS A 89 4.70 -15.51 13.40
CA HIS A 89 3.65 -16.36 14.00
C HIS A 89 2.27 -16.14 13.32
N HIS A 90 1.28 -16.99 13.64
CA HIS A 90 -0.11 -16.86 13.14
C HIS A 90 -0.75 -15.52 13.58
N HIS A 91 -0.85 -14.55 12.66
CA HIS A 91 -1.25 -13.15 12.96
C HIS A 91 -2.78 -12.95 13.07
N HIS A 92 -3.58 -13.76 12.36
CA HIS A 92 -5.05 -13.66 12.32
C HIS A 92 -5.70 -14.02 13.68
N GLY A 1 -28.88 12.72 4.05
CA GLY A 1 -28.79 11.53 3.19
C GLY A 1 -29.53 11.65 1.85
N THR A 2 -29.82 10.51 1.21
CA THR A 2 -30.56 10.39 -0.07
C THR A 2 -31.30 9.05 -0.22
N THR A 3 -32.37 9.02 -1.01
CA THR A 3 -33.22 7.83 -1.27
C THR A 3 -32.55 6.68 -2.02
N ARG A 4 -31.65 7.01 -2.95
CA ARG A 4 -30.73 6.10 -3.67
C ARG A 4 -29.47 6.85 -4.13
N ARG A 5 -28.31 6.19 -4.09
CA ARG A 5 -27.04 6.71 -4.64
C ARG A 5 -27.11 6.93 -6.16
N ARG A 6 -26.18 7.72 -6.70
CA ARG A 6 -26.03 7.93 -8.16
C ARG A 6 -25.40 6.69 -8.84
N ARG A 7 -25.01 6.83 -10.11
CA ARG A 7 -24.60 5.72 -11.01
C ARG A 7 -23.49 4.80 -10.49
N GLY A 8 -22.32 5.33 -10.08
CA GLY A 8 -21.13 4.53 -9.76
C GLY A 8 -21.13 3.81 -8.39
N THR A 9 -20.22 2.84 -8.22
CA THR A 9 -19.91 2.13 -6.96
C THR A 9 -18.57 1.37 -7.00
N ALA A 10 -18.03 0.90 -5.85
CA ALA A 10 -16.74 0.20 -5.80
C ALA A 10 -16.55 -0.75 -4.60
N ARG A 11 -15.44 -1.51 -4.63
CA ARG A 11 -14.87 -2.34 -3.56
C ARG A 11 -13.33 -2.41 -3.68
N PRO A 12 -12.57 -2.78 -2.63
CA PRO A 12 -11.10 -2.91 -2.69
C PRO A 12 -10.62 -3.82 -3.83
N GLY A 13 -9.51 -3.47 -4.48
CA GLY A 13 -9.05 -4.08 -5.73
C GLY A 13 -8.68 -5.57 -5.74
N SER A 14 -8.83 -6.17 -6.93
CA SER A 14 -8.36 -7.51 -7.30
C SER A 14 -6.95 -7.46 -7.90
N LYS A 15 -6.69 -6.45 -8.76
CA LYS A 15 -5.35 -6.07 -9.28
C LYS A 15 -4.37 -5.82 -8.14
N ALA A 16 -4.88 -5.19 -7.09
CA ALA A 16 -4.15 -4.62 -5.95
C ALA A 16 -3.24 -5.60 -5.18
N ALA A 17 -3.56 -6.91 -5.12
CA ALA A 17 -2.73 -7.89 -4.38
C ALA A 17 -1.32 -8.08 -4.98
N LYS A 18 -1.19 -8.04 -6.32
CA LYS A 18 0.13 -8.12 -7.00
C LYS A 18 1.02 -6.92 -6.63
N LEU A 19 0.42 -5.74 -6.49
CA LEU A 19 1.11 -4.52 -6.09
C LEU A 19 1.54 -4.55 -4.62
N ARG A 20 0.78 -5.17 -3.70
CA ARG A 20 1.25 -5.43 -2.31
C ARG A 20 2.56 -6.21 -2.30
N GLU A 21 2.64 -7.25 -3.12
CA GLU A 21 3.82 -8.12 -3.18
C GLU A 21 5.07 -7.36 -3.68
N ALA A 22 4.93 -6.47 -4.67
CA ALA A 22 6.01 -5.57 -5.10
C ALA A 22 6.33 -4.49 -4.05
N ALA A 23 5.30 -3.84 -3.48
CA ALA A 23 5.42 -2.68 -2.62
C ALA A 23 6.24 -2.94 -1.35
N ILE A 24 6.16 -4.13 -0.76
CA ILE A 24 6.99 -4.51 0.39
C ILE A 24 8.49 -4.46 0.05
N LYS A 25 8.92 -4.94 -1.12
CA LYS A 25 10.34 -4.86 -1.56
C LYS A 25 10.76 -3.40 -1.80
N THR A 26 9.93 -2.62 -2.49
CA THR A 26 10.14 -1.17 -2.68
C THR A 26 10.22 -0.34 -1.40
N LEU A 27 9.37 -0.65 -0.41
CA LEU A 27 9.39 -0.04 0.92
C LEU A 27 10.64 -0.45 1.72
N LYS A 28 11.04 -1.73 1.74
CA LYS A 28 12.24 -2.16 2.49
C LYS A 28 13.55 -1.55 1.97
N ARG A 29 13.67 -1.24 0.67
CA ARG A 29 14.80 -0.48 0.10
C ARG A 29 14.74 1.05 0.32
N HIS A 30 13.66 1.56 0.94
CA HIS A 30 13.46 2.98 1.30
C HIS A 30 12.96 3.13 2.77
N ASN A 31 13.88 2.99 3.73
CA ASN A 31 13.58 3.10 5.17
C ASN A 31 13.16 4.52 5.60
N ALA A 32 13.56 5.56 4.85
CA ALA A 32 13.13 6.95 5.04
C ALA A 32 11.73 7.23 4.45
N ALA A 33 11.06 8.29 4.93
CA ALA A 33 9.72 8.68 4.46
C ALA A 33 9.71 9.16 3.00
N ILE A 34 8.57 8.94 2.31
CA ILE A 34 8.38 9.22 0.87
C ILE A 34 6.92 9.63 0.57
N LYS A 35 6.68 10.50 -0.42
CA LYS A 35 5.31 10.82 -0.90
C LYS A 35 4.71 9.65 -1.68
N SER A 36 3.40 9.44 -1.51
CA SER A 36 2.56 8.44 -2.18
C SER A 36 2.81 8.34 -3.68
N SER A 37 2.67 9.44 -4.42
CA SER A 37 2.83 9.51 -5.87
C SER A 37 4.26 9.24 -6.38
N GLU A 38 5.29 9.45 -5.54
CA GLU A 38 6.68 9.10 -5.85
C GLU A 38 6.98 7.63 -5.53
N LEU A 39 6.45 7.14 -4.40
CA LEU A 39 6.47 5.70 -4.07
C LEU A 39 5.71 4.88 -5.14
N GLN A 40 4.57 5.38 -5.64
CA GLN A 40 3.85 4.85 -6.80
C GLN A 40 4.75 4.71 -8.03
N LYS A 41 5.47 5.77 -8.43
CA LYS A 41 6.42 5.69 -9.55
C LYS A 41 7.52 4.65 -9.34
N GLU A 42 8.14 4.62 -8.17
CA GLU A 42 9.15 3.62 -7.81
C GLU A 42 8.63 2.17 -7.86
N ILE A 43 7.45 1.91 -7.29
CA ILE A 43 6.83 0.57 -7.35
C ILE A 43 6.43 0.21 -8.78
N GLU A 44 5.92 1.17 -9.57
CA GLU A 44 5.52 0.95 -10.96
C GLU A 44 6.72 0.60 -11.85
N LYS A 45 7.87 1.27 -11.68
CA LYS A 45 9.12 0.90 -12.38
C LYS A 45 9.65 -0.48 -11.96
N GLU A 46 9.50 -0.83 -10.69
CA GLU A 46 9.96 -2.13 -10.14
C GLU A 46 9.05 -3.32 -10.52
N SER A 47 7.74 -3.11 -10.60
CA SER A 47 6.72 -4.15 -10.87
C SER A 47 6.25 -4.25 -12.33
N GLY A 48 6.23 -3.13 -13.06
CA GLY A 48 5.74 -3.02 -14.44
C GLY A 48 4.28 -2.59 -14.59
N LEU A 49 3.57 -2.26 -13.48
CA LEU A 49 2.17 -1.80 -13.49
C LEU A 49 1.85 -0.80 -12.35
N GLU A 50 0.71 -0.11 -12.45
CA GLU A 50 0.37 1.02 -11.57
C GLU A 50 -0.04 0.60 -10.14
N ILE A 51 0.44 1.36 -9.13
CA ILE A 51 0.00 1.24 -7.73
C ILE A 51 -1.49 1.65 -7.57
N PRO A 52 -2.29 0.99 -6.71
CA PRO A 52 -3.74 1.24 -6.59
C PRO A 52 -4.08 2.56 -5.88
N ASN A 53 -5.35 2.74 -5.47
CA ASN A 53 -5.76 3.86 -4.61
C ASN A 53 -4.82 3.95 -3.41
N MET A 54 -4.01 5.00 -3.37
CA MET A 54 -2.90 5.08 -2.42
C MET A 54 -3.39 5.20 -0.98
N THR A 55 -4.44 5.97 -0.71
CA THR A 55 -5.01 6.05 0.64
C THR A 55 -5.58 4.76 1.22
N THR A 56 -6.39 4.02 0.44
CA THR A 56 -6.81 2.66 0.84
C THR A 56 -5.68 1.63 0.91
N PHE A 57 -4.81 1.59 -0.09
CA PHE A 57 -3.73 0.61 -0.19
C PHE A 57 -2.68 0.76 0.91
N MET A 58 -2.17 1.98 1.12
CA MET A 58 -1.18 2.25 2.17
C MET A 58 -1.79 2.04 3.57
N GLN A 59 -3.06 2.42 3.83
CA GLN A 59 -3.71 2.05 5.09
C GLN A 59 -3.96 0.54 5.25
N SER A 60 -4.25 -0.20 4.19
CA SER A 60 -4.32 -1.68 4.22
C SER A 60 -2.98 -2.28 4.66
N LEU A 61 -1.86 -1.79 4.11
CA LEU A 61 -0.52 -2.17 4.57
C LEU A 61 -0.28 -1.76 6.04
N ILE A 62 -0.63 -0.53 6.43
CA ILE A 62 -0.46 -0.02 7.81
C ILE A 62 -1.20 -0.88 8.85
N LYS A 63 -2.50 -1.17 8.66
CA LYS A 63 -3.30 -1.94 9.62
C LYS A 63 -2.86 -3.41 9.69
N MET A 64 -2.37 -3.97 8.59
CA MET A 64 -1.93 -5.36 8.50
C MET A 64 -0.48 -5.58 8.97
N TYR A 65 0.38 -4.57 8.83
CA TYR A 65 1.79 -4.60 9.24
C TYR A 65 2.07 -3.23 9.91
N PRO A 66 1.97 -3.12 11.24
CA PRO A 66 2.20 -1.87 11.99
C PRO A 66 3.60 -1.23 11.84
N GLU A 67 4.57 -1.95 11.26
CA GLU A 67 5.88 -1.38 10.87
C GLU A 67 5.77 -0.34 9.74
N VAL A 68 4.73 -0.43 8.90
CA VAL A 68 4.36 0.61 7.92
C VAL A 68 3.57 1.72 8.62
N LYS A 69 3.93 2.99 8.39
CA LYS A 69 3.40 4.18 9.09
C LYS A 69 3.12 5.36 8.15
N LYS A 70 2.38 6.37 8.62
CA LYS A 70 1.97 7.58 7.87
C LYS A 70 2.45 8.87 8.59
N PRO A 71 3.63 9.41 8.25
CA PRO A 71 4.09 10.70 8.79
C PRO A 71 3.21 11.92 8.45
N TYR A 72 2.60 11.99 7.24
CA TYR A 72 1.79 13.15 6.83
C TYR A 72 0.75 12.87 5.71
N ARG A 73 -0.06 13.87 5.28
CA ARG A 73 -0.95 13.80 4.10
C ARG A 73 -0.19 13.23 2.89
N GLY A 74 -0.57 12.03 2.44
CA GLY A 74 0.08 11.34 1.33
C GLY A 74 1.57 11.07 1.53
N GLN A 75 2.07 10.97 2.76
CA GLN A 75 3.47 10.63 3.07
C GLN A 75 3.54 9.44 4.01
N TYR A 76 4.31 8.43 3.60
CA TYR A 76 4.40 7.09 4.19
C TYR A 76 5.83 6.59 4.45
N ILE A 77 6.01 5.56 5.27
CA ILE A 77 7.32 5.00 5.66
C ILE A 77 7.17 3.53 6.10
N LEU A 78 8.23 2.73 6.00
CA LEU A 78 8.33 1.38 6.59
C LEU A 78 9.62 1.32 7.41
N GLU A 79 9.47 1.29 8.74
CA GLU A 79 10.61 1.29 9.67
C GLU A 79 11.23 -0.10 9.80
N GLY A 80 12.43 -0.31 9.26
CA GLY A 80 13.13 -1.60 9.27
C GLY A 80 12.44 -2.69 8.44
N GLU A 81 12.50 -3.94 8.93
CA GLU A 81 11.80 -5.09 8.34
C GLU A 81 10.26 -5.00 8.40
N ILE A 82 9.57 -5.75 7.53
CA ILE A 82 8.10 -5.84 7.47
C ILE A 82 7.52 -6.74 8.59
N GLU A 83 8.31 -7.69 9.10
CA GLU A 83 7.93 -8.62 10.18
C GLU A 83 6.70 -9.52 9.87
N SER A 84 6.39 -9.71 8.58
CA SER A 84 5.41 -10.68 8.09
C SER A 84 5.99 -12.10 8.00
N LEU A 85 5.14 -13.11 7.83
CA LEU A 85 5.51 -14.53 7.69
C LEU A 85 6.50 -14.76 6.53
N GLU A 86 6.44 -13.95 5.48
CA GLU A 86 7.39 -13.98 4.35
C GLU A 86 8.85 -13.72 4.78
N HIS A 87 9.08 -12.92 5.84
CA HIS A 87 10.40 -12.71 6.46
C HIS A 87 10.78 -13.86 7.41
N HIS A 88 9.82 -14.37 8.20
CA HIS A 88 10.06 -15.42 9.21
C HIS A 88 10.29 -16.83 8.62
N HIS A 89 9.64 -17.17 7.50
CA HIS A 89 9.79 -18.48 6.82
C HIS A 89 11.14 -18.59 6.08
N HIS A 90 11.72 -19.80 6.06
CA HIS A 90 12.97 -20.11 5.32
C HIS A 90 12.77 -20.10 3.79
N HIS A 91 13.86 -20.06 3.03
CA HIS A 91 13.87 -20.25 1.56
C HIS A 91 13.44 -21.69 1.17
N HIS A 92 12.98 -21.89 -0.07
CA HIS A 92 12.71 -23.22 -0.64
C HIS A 92 14.02 -24.03 -0.85
N GLY A 1 -28.30 -4.56 -16.63
CA GLY A 1 -29.63 -3.97 -16.86
C GLY A 1 -29.71 -3.06 -18.10
N THR A 2 -30.78 -2.25 -18.14
CA THR A 2 -30.97 -1.16 -19.11
C THR A 2 -30.00 0.03 -18.97
N THR A 3 -30.06 1.01 -19.88
CA THR A 3 -29.23 2.24 -19.94
C THR A 3 -29.42 3.27 -18.81
N ARG A 4 -29.46 2.80 -17.56
CA ARG A 4 -29.60 3.59 -16.32
C ARG A 4 -28.45 4.60 -16.15
N ARG A 5 -28.73 5.71 -15.45
CA ARG A 5 -27.68 6.66 -15.01
C ARG A 5 -27.08 6.29 -13.66
N ARG A 6 -27.91 6.24 -12.61
CA ARG A 6 -27.51 6.10 -11.19
C ARG A 6 -27.32 4.62 -10.79
N ARG A 7 -26.22 4.05 -11.29
CA ARG A 7 -25.90 2.60 -11.26
C ARG A 7 -24.66 2.20 -10.43
N GLY A 8 -23.67 3.08 -10.27
CA GLY A 8 -22.35 2.74 -9.72
C GLY A 8 -22.30 2.33 -8.23
N THR A 9 -21.28 1.55 -7.90
CA THR A 9 -20.92 1.06 -6.55
C THR A 9 -19.49 0.49 -6.54
N ALA A 10 -18.90 0.21 -5.38
CA ALA A 10 -17.54 -0.36 -5.29
C ALA A 10 -17.26 -1.21 -4.02
N ARG A 11 -16.08 -1.86 -4.03
CA ARG A 11 -15.44 -2.60 -2.93
C ARG A 11 -13.89 -2.59 -3.10
N PRO A 12 -13.09 -2.87 -2.04
CA PRO A 12 -11.63 -2.85 -2.10
C PRO A 12 -11.02 -3.70 -3.23
N GLY A 13 -9.86 -3.30 -3.75
CA GLY A 13 -9.26 -3.86 -4.96
C GLY A 13 -8.65 -5.27 -4.87
N SER A 14 -8.61 -5.95 -6.01
CA SER A 14 -7.91 -7.22 -6.27
C SER A 14 -6.65 -6.99 -7.10
N LYS A 15 -6.68 -6.05 -8.06
CA LYS A 15 -5.49 -5.56 -8.79
C LYS A 15 -4.45 -4.98 -7.82
N ALA A 16 -4.95 -4.37 -6.75
CA ALA A 16 -4.25 -3.79 -5.63
C ALA A 16 -3.30 -4.76 -4.86
N ALA A 17 -3.49 -6.08 -4.96
CA ALA A 17 -2.55 -7.08 -4.42
C ALA A 17 -1.15 -7.00 -5.07
N LYS A 18 -1.06 -6.58 -6.34
CA LYS A 18 0.21 -6.27 -7.02
C LYS A 18 0.99 -5.15 -6.31
N LEU A 19 0.30 -4.16 -5.74
CA LEU A 19 0.93 -3.15 -4.88
C LEU A 19 1.40 -3.73 -3.54
N ARG A 20 0.70 -4.70 -2.93
CA ARG A 20 1.21 -5.39 -1.72
C ARG A 20 2.64 -5.91 -1.98
N GLU A 21 2.83 -6.68 -3.04
CA GLU A 21 4.16 -7.23 -3.37
C GLU A 21 5.17 -6.14 -3.80
N ALA A 22 4.81 -5.29 -4.76
CA ALA A 22 5.75 -4.32 -5.35
C ALA A 22 6.08 -3.14 -4.40
N ALA A 23 5.11 -2.68 -3.59
CA ALA A 23 5.35 -1.65 -2.58
C ALA A 23 6.26 -2.19 -1.46
N ILE A 24 6.11 -3.45 -1.05
CA ILE A 24 7.08 -4.07 -0.13
C ILE A 24 8.49 -4.11 -0.71
N LYS A 25 8.67 -4.49 -1.99
CA LYS A 25 10.00 -4.48 -2.65
C LYS A 25 10.59 -3.07 -2.71
N THR A 26 9.77 -2.09 -3.08
CA THR A 26 10.09 -0.65 -3.06
C THR A 26 10.51 -0.12 -1.70
N LEU A 27 9.73 -0.41 -0.66
CA LEU A 27 9.94 0.08 0.70
C LEU A 27 11.14 -0.62 1.38
N LYS A 28 11.43 -1.89 1.10
CA LYS A 28 12.69 -2.52 1.56
C LYS A 28 13.95 -1.93 0.90
N ARG A 29 13.84 -1.37 -0.33
CA ARG A 29 14.88 -0.58 -1.00
C ARG A 29 14.98 0.85 -0.45
N HIS A 30 13.85 1.53 -0.24
CA HIS A 30 13.73 2.88 0.36
C HIS A 30 13.02 2.83 1.72
N ASN A 31 13.78 2.57 2.79
CA ASN A 31 13.25 2.33 4.14
C ASN A 31 12.75 3.59 4.89
N ALA A 32 13.12 4.79 4.44
CA ALA A 32 12.69 6.08 4.98
C ALA A 32 11.24 6.46 4.57
N ALA A 33 10.64 7.45 5.23
CA ALA A 33 9.29 7.94 4.92
C ALA A 33 9.19 8.56 3.51
N ILE A 34 8.05 8.37 2.83
CA ILE A 34 7.82 8.80 1.44
C ILE A 34 6.34 9.17 1.20
N LYS A 35 6.04 10.15 0.33
CA LYS A 35 4.66 10.44 -0.11
C LYS A 35 4.16 9.39 -1.08
N SER A 36 2.88 9.07 -1.00
CA SER A 36 2.10 8.16 -1.84
C SER A 36 2.34 8.30 -3.35
N SER A 37 2.44 9.53 -3.87
CA SER A 37 2.73 9.84 -5.29
C SER A 37 4.20 9.62 -5.69
N GLU A 38 5.14 9.88 -4.78
CA GLU A 38 6.56 9.52 -5.00
C GLU A 38 6.75 8.00 -4.93
N LEU A 39 6.08 7.34 -3.99
CA LEU A 39 6.05 5.88 -3.87
C LEU A 39 5.36 5.24 -5.09
N GLN A 40 4.30 5.83 -5.65
CA GLN A 40 3.68 5.45 -6.92
C GLN A 40 4.70 5.40 -8.06
N LYS A 41 5.42 6.51 -8.30
CA LYS A 41 6.46 6.60 -9.34
C LYS A 41 7.59 5.61 -9.11
N GLU A 42 8.02 5.42 -7.86
CA GLU A 42 9.02 4.40 -7.51
C GLU A 42 8.53 2.95 -7.70
N ILE A 43 7.29 2.59 -7.33
CA ILE A 43 6.74 1.24 -7.60
C ILE A 43 6.63 0.97 -9.10
N GLU A 44 6.26 1.99 -9.90
CA GLU A 44 6.19 1.89 -11.36
C GLU A 44 7.59 1.61 -11.96
N LYS A 45 8.67 2.19 -11.41
CA LYS A 45 10.06 1.86 -11.73
C LYS A 45 10.53 0.51 -11.16
N GLU A 46 10.04 0.11 -9.98
CA GLU A 46 10.42 -1.11 -9.25
C GLU A 46 9.97 -2.41 -9.95
N SER A 47 8.78 -2.39 -10.54
CA SER A 47 8.09 -3.59 -11.08
C SER A 47 7.41 -3.41 -12.44
N GLY A 48 7.36 -2.19 -13.01
CA GLY A 48 6.81 -1.93 -14.35
C GLY A 48 5.28 -1.97 -14.49
N LEU A 49 4.55 -2.14 -13.38
CA LEU A 49 3.09 -2.26 -13.36
C LEU A 49 2.36 -0.90 -13.18
N GLU A 50 1.06 -0.90 -13.51
CA GLU A 50 0.15 0.22 -13.19
C GLU A 50 -0.05 0.36 -11.66
N ILE A 51 -0.49 1.53 -11.20
CA ILE A 51 -0.59 1.86 -9.77
C ILE A 51 -2.05 2.15 -9.33
N PRO A 52 -2.71 1.17 -8.70
CA PRO A 52 -4.01 1.32 -8.01
C PRO A 52 -4.05 2.39 -6.91
N ASN A 53 -5.23 2.59 -6.29
CA ASN A 53 -5.49 3.66 -5.33
C ASN A 53 -4.52 3.61 -4.15
N MET A 54 -3.57 4.56 -4.15
CA MET A 54 -2.49 4.63 -3.17
C MET A 54 -3.02 4.76 -1.74
N THR A 55 -3.99 5.63 -1.49
CA THR A 55 -4.60 5.85 -0.17
C THR A 55 -5.30 4.65 0.46
N THR A 56 -6.25 4.04 -0.26
CA THR A 56 -6.87 2.78 0.17
C THR A 56 -5.89 1.62 0.30
N PHE A 57 -5.01 1.41 -0.68
CA PHE A 57 -3.96 0.39 -0.57
C PHE A 57 -3.02 0.53 0.62
N MET A 58 -2.37 1.69 0.77
CA MET A 58 -1.36 1.91 1.80
C MET A 58 -1.99 1.89 3.21
N GLN A 59 -3.19 2.44 3.41
CA GLN A 59 -3.88 2.29 4.69
C GLN A 59 -4.39 0.86 4.93
N SER A 60 -4.92 0.17 3.91
CA SER A 60 -5.28 -1.26 4.03
C SER A 60 -4.11 -2.13 4.46
N LEU A 61 -2.94 -1.90 3.82
CA LEU A 61 -1.66 -2.49 4.18
C LEU A 61 -1.29 -2.19 5.64
N ILE A 62 -1.49 -0.96 6.11
CA ILE A 62 -1.23 -0.56 7.51
C ILE A 62 -2.11 -1.31 8.52
N LYS A 63 -3.44 -1.35 8.33
CA LYS A 63 -4.34 -2.08 9.26
C LYS A 63 -4.22 -3.60 9.14
N MET A 64 -3.64 -4.11 8.06
CA MET A 64 -3.30 -5.54 7.87
C MET A 64 -1.91 -5.90 8.43
N TYR A 65 -0.95 -4.97 8.43
CA TYR A 65 0.44 -5.13 8.89
C TYR A 65 0.92 -3.95 9.76
N PRO A 66 0.90 -4.06 11.10
CA PRO A 66 1.35 -3.00 12.03
C PRO A 66 2.82 -2.54 11.86
N GLU A 67 3.62 -3.28 11.08
CA GLU A 67 4.97 -2.91 10.64
C GLU A 67 5.00 -1.68 9.70
N VAL A 68 3.86 -1.27 9.15
CA VAL A 68 3.67 -0.06 8.32
C VAL A 68 2.98 1.06 9.10
N LYS A 69 3.40 2.33 8.89
CA LYS A 69 3.02 3.52 9.67
C LYS A 69 2.75 4.74 8.78
N LYS A 70 1.99 5.73 9.27
CA LYS A 70 1.63 6.99 8.56
C LYS A 70 2.16 8.24 9.32
N PRO A 71 3.33 8.79 8.95
CA PRO A 71 3.81 10.06 9.47
C PRO A 71 2.97 11.31 9.13
N TYR A 72 2.40 11.41 7.91
CA TYR A 72 1.70 12.62 7.42
C TYR A 72 0.67 12.39 6.28
N ARG A 73 0.04 13.45 5.71
CA ARG A 73 -0.91 13.40 4.57
C ARG A 73 -0.37 12.55 3.41
N GLY A 74 -0.88 11.32 3.29
CA GLY A 74 -0.42 10.35 2.28
C GLY A 74 1.06 9.99 2.38
N GLN A 75 1.72 10.29 3.50
CA GLN A 75 3.13 10.02 3.75
C GLN A 75 3.23 8.82 4.68
N TYR A 76 3.93 7.78 4.21
CA TYR A 76 3.97 6.46 4.83
C TYR A 76 5.41 5.94 5.01
N ILE A 77 5.59 4.92 5.87
CA ILE A 77 6.89 4.27 6.15
C ILE A 77 6.68 2.81 6.58
N LEU A 78 7.67 1.94 6.36
CA LEU A 78 7.66 0.51 6.74
C LEU A 78 8.95 0.15 7.50
N GLU A 79 8.82 -0.63 8.56
CA GLU A 79 9.91 -0.99 9.49
C GLU A 79 10.06 -2.52 9.62
N GLY A 80 11.28 -3.06 9.45
CA GLY A 80 11.56 -4.50 9.47
C GLY A 80 10.95 -5.29 8.29
N GLU A 81 10.82 -6.61 8.44
CA GLU A 81 10.14 -7.49 7.46
C GLU A 81 8.60 -7.45 7.55
N ILE A 82 7.90 -7.48 6.41
CA ILE A 82 6.44 -7.46 6.35
C ILE A 82 5.80 -8.78 6.81
N GLU A 83 6.47 -9.92 6.56
CA GLU A 83 6.00 -11.28 6.91
C GLU A 83 6.19 -11.61 8.41
N SER A 84 5.90 -10.62 9.26
CA SER A 84 5.94 -10.68 10.73
C SER A 84 4.95 -11.68 11.32
N LEU A 85 5.19 -12.12 12.55
CA LEU A 85 4.23 -12.92 13.33
C LEU A 85 2.94 -12.13 13.64
N GLU A 86 3.00 -10.80 13.68
CA GLU A 86 1.83 -9.91 13.77
C GLU A 86 1.11 -9.74 12.42
N HIS A 87 0.79 -10.85 11.75
CA HIS A 87 0.21 -10.94 10.40
C HIS A 87 -1.31 -10.59 10.34
N HIS A 88 -1.74 -9.66 11.19
CA HIS A 88 -3.15 -9.31 11.49
C HIS A 88 -3.29 -7.91 12.10
N HIS A 89 -4.53 -7.46 12.38
CA HIS A 89 -4.83 -6.19 13.09
C HIS A 89 -4.10 -6.10 14.45
N HIS A 90 -3.70 -4.89 14.87
CA HIS A 90 -2.98 -4.70 16.15
C HIS A 90 -3.87 -4.98 17.38
N HIS A 91 -3.25 -5.34 18.51
CA HIS A 91 -3.94 -5.73 19.77
C HIS A 91 -4.75 -4.57 20.39
N HIS A 92 -4.26 -3.34 20.24
CA HIS A 92 -4.94 -2.08 20.57
C HIS A 92 -4.36 -0.91 19.75
N GLY A 1 -22.92 10.92 -21.36
CA GLY A 1 -22.50 9.53 -21.62
C GLY A 1 -23.63 8.50 -21.61
N THR A 2 -23.26 7.22 -21.51
CA THR A 2 -24.14 6.02 -21.57
C THR A 2 -24.90 5.81 -20.25
N THR A 3 -25.31 6.89 -19.56
CA THR A 3 -25.85 6.85 -18.19
C THR A 3 -27.35 6.61 -17.98
N ARG A 4 -27.69 6.21 -16.75
CA ARG A 4 -29.06 6.03 -16.22
C ARG A 4 -29.30 7.03 -15.08
N ARG A 5 -30.33 6.80 -14.23
CA ARG A 5 -30.53 7.58 -12.97
C ARG A 5 -29.30 7.53 -12.07
N ARG A 6 -28.66 6.36 -11.98
CA ARG A 6 -27.34 6.11 -11.38
C ARG A 6 -26.74 4.77 -11.87
N ARG A 7 -25.41 4.68 -11.95
CA ARG A 7 -24.67 3.44 -12.32
C ARG A 7 -23.61 3.02 -11.28
N GLY A 8 -22.74 3.96 -10.90
CA GLY A 8 -21.55 3.72 -10.10
C GLY A 8 -21.72 3.05 -8.74
N THR A 9 -20.73 2.22 -8.38
CA THR A 9 -20.48 1.56 -7.10
C THR A 9 -19.07 0.94 -7.10
N ALA A 10 -18.53 0.50 -5.95
CA ALA A 10 -17.22 -0.15 -5.88
C ALA A 10 -17.05 -1.10 -4.67
N ARG A 11 -15.94 -1.84 -4.70
CA ARG A 11 -15.42 -2.77 -3.66
C ARG A 11 -13.87 -2.79 -3.69
N PRO A 12 -13.17 -3.34 -2.67
CA PRO A 12 -11.69 -3.41 -2.67
C PRO A 12 -11.11 -4.22 -3.85
N GLY A 13 -9.86 -3.93 -4.23
CA GLY A 13 -9.19 -4.41 -5.45
C GLY A 13 -9.04 -5.94 -5.63
N SER A 14 -9.02 -6.37 -6.91
CA SER A 14 -8.69 -7.71 -7.41
C SER A 14 -7.30 -7.76 -8.09
N LYS A 15 -6.95 -6.74 -8.89
CA LYS A 15 -5.58 -6.60 -9.47
C LYS A 15 -4.53 -6.22 -8.42
N ALA A 16 -4.98 -5.54 -7.38
CA ALA A 16 -4.17 -4.89 -6.35
C ALA A 16 -3.21 -5.81 -5.55
N ALA A 17 -3.49 -7.12 -5.44
CA ALA A 17 -2.69 -8.07 -4.65
C ALA A 17 -1.22 -8.23 -5.12
N LYS A 18 -0.98 -8.22 -6.44
CA LYS A 18 0.38 -8.24 -7.01
C LYS A 18 1.21 -7.02 -6.63
N LEU A 19 0.54 -5.86 -6.55
CA LEU A 19 1.17 -4.61 -6.13
C LEU A 19 1.39 -4.56 -4.62
N ARG A 20 0.56 -5.20 -3.79
CA ARG A 20 0.84 -5.40 -2.34
C ARG A 20 2.19 -6.10 -2.12
N GLU A 21 2.46 -7.15 -2.90
CA GLU A 21 3.74 -7.88 -2.84
C GLU A 21 4.95 -6.97 -3.21
N ALA A 22 4.84 -6.22 -4.30
CA ALA A 22 5.90 -5.29 -4.73
C ALA A 22 6.09 -4.09 -3.77
N ALA A 23 4.99 -3.56 -3.21
CA ALA A 23 5.01 -2.43 -2.27
C ALA A 23 5.76 -2.75 -0.98
N ILE A 24 5.67 -3.99 -0.48
CA ILE A 24 6.43 -4.44 0.70
C ILE A 24 7.95 -4.29 0.49
N LYS A 25 8.52 -4.81 -0.61
CA LYS A 25 9.96 -4.69 -0.90
C LYS A 25 10.37 -3.23 -1.15
N THR A 26 9.55 -2.48 -1.86
CA THR A 26 9.71 -1.02 -2.04
C THR A 26 9.75 -0.21 -0.75
N LEU A 27 8.82 -0.46 0.17
CA LEU A 27 8.80 0.18 1.50
C LEU A 27 9.98 -0.26 2.40
N LYS A 28 10.48 -1.50 2.27
CA LYS A 28 11.72 -1.90 2.98
C LYS A 28 12.93 -1.04 2.61
N ARG A 29 13.15 -0.75 1.31
CA ARG A 29 14.24 0.17 0.90
C ARG A 29 13.98 1.63 1.26
N HIS A 30 12.72 2.08 1.21
CA HIS A 30 12.28 3.41 1.73
C HIS A 30 12.07 3.39 3.25
N ASN A 31 13.17 3.25 4.00
CA ASN A 31 13.21 3.34 5.46
C ASN A 31 12.87 4.75 5.98
N ALA A 32 13.24 5.79 5.21
CA ALA A 32 12.81 7.19 5.42
C ALA A 32 11.42 7.47 4.79
N ALA A 33 10.73 8.52 5.26
CA ALA A 33 9.40 8.89 4.78
C ALA A 33 9.36 9.32 3.30
N ILE A 34 8.24 9.04 2.62
CA ILE A 34 8.01 9.35 1.19
C ILE A 34 6.52 9.66 0.94
N LYS A 35 6.21 10.56 -0.02
CA LYS A 35 4.82 10.77 -0.47
C LYS A 35 4.33 9.56 -1.27
N SER A 36 3.06 9.22 -1.11
CA SER A 36 2.34 8.16 -1.80
C SER A 36 2.53 8.18 -3.32
N SER A 37 2.49 9.35 -3.97
CA SER A 37 2.74 9.54 -5.40
C SER A 37 4.17 9.19 -5.85
N GLU A 38 5.19 9.60 -5.08
CA GLU A 38 6.59 9.26 -5.38
C GLU A 38 6.87 7.77 -5.14
N LEU A 39 6.23 7.19 -4.10
CA LEU A 39 6.22 5.75 -3.86
C LEU A 39 5.47 4.99 -4.97
N GLN A 40 4.36 5.53 -5.49
CA GLN A 40 3.60 4.98 -6.62
C GLN A 40 4.47 4.84 -7.88
N LYS A 41 5.26 5.87 -8.23
CA LYS A 41 6.24 5.83 -9.34
C LYS A 41 7.31 4.75 -9.13
N GLU A 42 7.83 4.63 -7.90
CA GLU A 42 8.78 3.59 -7.51
C GLU A 42 8.21 2.16 -7.62
N ILE A 43 7.00 1.90 -7.12
CA ILE A 43 6.39 0.56 -7.22
C ILE A 43 5.98 0.26 -8.68
N GLU A 44 5.58 1.26 -9.48
CA GLU A 44 5.27 1.05 -10.90
C GLU A 44 6.52 0.60 -11.70
N LYS A 45 7.71 1.12 -11.35
CA LYS A 45 9.01 0.64 -11.86
C LYS A 45 9.42 -0.72 -11.29
N GLU A 46 9.07 -1.01 -10.03
CA GLU A 46 9.33 -2.30 -9.37
C GLU A 46 8.53 -3.46 -10.01
N SER A 47 7.24 -3.22 -10.26
CA SER A 47 6.26 -4.23 -10.68
C SER A 47 6.00 -4.30 -12.19
N GLY A 48 6.18 -3.17 -12.90
CA GLY A 48 5.91 -3.03 -14.33
C GLY A 48 4.44 -2.77 -14.70
N LEU A 49 3.56 -2.48 -13.73
CA LEU A 49 2.14 -2.14 -13.96
C LEU A 49 1.57 -1.10 -12.98
N GLU A 50 0.35 -0.63 -13.27
CA GLU A 50 -0.33 0.46 -12.54
C GLU A 50 -0.69 0.10 -11.07
N ILE A 51 -0.57 1.08 -10.18
CA ILE A 51 -0.73 0.93 -8.73
C ILE A 51 -2.17 1.25 -8.28
N PRO A 52 -2.72 0.53 -7.28
CA PRO A 52 -4.04 0.81 -6.66
C PRO A 52 -4.24 2.24 -6.14
N ASN A 53 -5.45 2.57 -5.68
CA ASN A 53 -5.73 3.82 -4.95
C ASN A 53 -4.79 3.89 -3.74
N MET A 54 -3.72 4.68 -3.85
CA MET A 54 -2.63 4.66 -2.86
C MET A 54 -3.07 5.10 -1.46
N THR A 55 -4.05 6.00 -1.33
CA THR A 55 -4.62 6.33 -0.02
C THR A 55 -5.26 5.15 0.72
N THR A 56 -6.21 4.46 0.09
CA THR A 56 -6.76 3.20 0.63
C THR A 56 -5.75 2.06 0.75
N PHE A 57 -4.87 1.90 -0.22
CA PHE A 57 -3.86 0.86 -0.28
C PHE A 57 -2.74 0.95 0.77
N MET A 58 -2.12 2.12 0.94
CA MET A 58 -1.12 2.34 1.98
C MET A 58 -1.74 2.25 3.39
N GLN A 59 -2.97 2.74 3.60
CA GLN A 59 -3.70 2.52 4.86
C GLN A 59 -4.09 1.04 5.08
N SER A 60 -4.44 0.31 4.03
CA SER A 60 -4.64 -1.15 4.09
C SER A 60 -3.36 -1.86 4.52
N LEU A 61 -2.20 -1.49 3.97
CA LEU A 61 -0.90 -1.99 4.41
C LEU A 61 -0.64 -1.65 5.89
N ILE A 62 -1.01 -0.46 6.38
CA ILE A 62 -0.89 -0.08 7.80
C ILE A 62 -1.74 -0.98 8.73
N LYS A 63 -3.04 -1.18 8.46
CA LYS A 63 -3.88 -2.04 9.32
C LYS A 63 -3.50 -3.52 9.22
N MET A 64 -3.00 -3.97 8.06
CA MET A 64 -2.54 -5.33 7.81
C MET A 64 -1.16 -5.63 8.43
N TYR A 65 -0.26 -4.64 8.44
CA TYR A 65 1.10 -4.73 8.97
C TYR A 65 1.39 -3.46 9.82
N PRO A 66 1.28 -3.53 11.17
CA PRO A 66 1.41 -2.38 12.07
C PRO A 66 2.76 -1.61 12.06
N GLU A 67 3.79 -2.17 11.40
CA GLU A 67 5.13 -1.58 11.29
C GLU A 67 5.20 -0.39 10.30
N VAL A 68 4.16 -0.19 9.48
CA VAL A 68 3.97 1.00 8.64
C VAL A 68 3.30 2.14 9.43
N LYS A 69 3.71 3.38 9.18
CA LYS A 69 3.20 4.62 9.81
C LYS A 69 2.91 5.72 8.77
N LYS A 70 2.21 6.78 9.19
CA LYS A 70 1.83 7.96 8.38
C LYS A 70 2.28 9.27 9.06
N PRO A 71 3.47 9.81 8.76
CA PRO A 71 3.87 11.12 9.25
C PRO A 71 2.99 12.30 8.80
N TYR A 72 2.47 12.33 7.55
CA TYR A 72 1.68 13.49 7.04
C TYR A 72 0.67 13.16 5.90
N ARG A 73 -0.03 14.13 5.30
CA ARG A 73 -0.97 13.98 4.17
C ARG A 73 -0.37 13.14 3.03
N GLY A 74 -0.79 11.87 2.96
CA GLY A 74 -0.24 10.90 2.01
C GLY A 74 1.26 10.61 2.15
N GLN A 75 1.93 11.05 3.22
CA GLN A 75 3.34 10.73 3.50
C GLN A 75 3.41 9.56 4.47
N TYR A 76 4.06 8.49 4.02
CA TYR A 76 4.12 7.16 4.66
C TYR A 76 5.56 6.70 4.93
N ILE A 77 5.75 5.75 5.87
CA ILE A 77 7.07 5.23 6.26
C ILE A 77 6.94 3.80 6.81
N LEU A 78 7.99 2.97 6.72
CA LEU A 78 8.07 1.61 7.29
C LEU A 78 9.31 1.50 8.20
N GLU A 79 9.16 0.92 9.40
CA GLU A 79 10.24 0.79 10.39
C GLU A 79 10.61 -0.68 10.68
N GLY A 80 11.88 -1.06 10.46
CA GLY A 80 12.39 -2.42 10.66
C GLY A 80 11.87 -3.44 9.64
N GLU A 81 11.57 -4.66 10.09
CA GLU A 81 10.87 -5.69 9.28
C GLU A 81 9.35 -5.39 9.16
N ILE A 82 8.58 -6.23 8.45
CA ILE A 82 7.17 -5.94 8.07
C ILE A 82 6.19 -7.11 8.26
N GLU A 83 6.67 -8.34 8.36
CA GLU A 83 5.93 -9.62 8.36
C GLU A 83 5.08 -9.89 9.62
N SER A 84 4.74 -8.83 10.37
CA SER A 84 4.13 -8.80 11.70
C SER A 84 2.61 -9.13 11.75
N LEU A 85 2.20 -10.22 11.09
CA LEU A 85 0.80 -10.63 10.99
C LEU A 85 0.21 -11.12 12.33
N GLU A 86 0.98 -11.92 13.09
CA GLU A 86 0.56 -12.45 14.39
C GLU A 86 0.75 -11.47 15.55
N HIS A 87 1.88 -10.74 15.54
CA HIS A 87 2.28 -9.72 16.53
C HIS A 87 3.38 -8.82 15.93
N HIS A 88 3.66 -7.67 16.54
CA HIS A 88 4.78 -6.78 16.15
C HIS A 88 6.15 -7.50 16.25
N HIS A 89 7.16 -7.00 15.53
CA HIS A 89 8.56 -7.45 15.67
C HIS A 89 9.21 -6.96 16.98
N HIS A 90 10.50 -7.23 17.17
CA HIS A 90 11.31 -6.69 18.29
C HIS A 90 11.23 -5.15 18.38
N HIS A 91 11.54 -4.57 19.53
CA HIS A 91 11.35 -3.12 19.84
C HIS A 91 11.99 -2.22 18.76
N HIS A 92 11.27 -1.16 18.39
CA HIS A 92 11.73 -0.14 17.44
C HIS A 92 12.91 0.69 17.99
N GLY A 1 -21.55 12.36 -24.04
CA GLY A 1 -22.23 11.84 -22.83
C GLY A 1 -23.34 10.80 -23.10
N THR A 2 -23.85 10.16 -22.05
CA THR A 2 -24.80 9.03 -22.11
C THR A 2 -25.89 8.97 -21.02
N THR A 3 -27.13 8.68 -21.42
CA THR A 3 -28.32 8.66 -20.54
C THR A 3 -28.65 7.32 -19.89
N ARG A 4 -28.59 7.27 -18.55
CA ARG A 4 -28.93 6.09 -17.71
C ARG A 4 -29.24 6.53 -16.26
N ARG A 5 -29.95 5.66 -15.51
CA ARG A 5 -30.18 5.79 -14.05
C ARG A 5 -28.88 5.66 -13.24
N ARG A 6 -28.95 5.81 -11.91
CA ARG A 6 -27.84 5.74 -10.93
C ARG A 6 -27.18 4.35 -10.87
N ARG A 7 -26.33 4.07 -11.86
CA ARG A 7 -25.59 2.80 -12.05
C ARG A 7 -24.37 2.63 -11.14
N GLY A 8 -23.71 3.73 -10.79
CA GLY A 8 -22.44 3.70 -10.05
C GLY A 8 -22.50 3.05 -8.66
N THR A 9 -21.44 2.30 -8.34
CA THR A 9 -21.14 1.61 -7.08
C THR A 9 -19.70 1.08 -7.08
N ALA A 10 -19.14 0.68 -5.94
CA ALA A 10 -17.81 0.05 -5.85
C ALA A 10 -17.64 -0.86 -4.62
N ARG A 11 -16.51 -1.58 -4.59
CA ARG A 11 -15.99 -2.38 -3.45
C ARG A 11 -14.44 -2.25 -3.34
N PRO A 12 -13.78 -2.71 -2.25
CA PRO A 12 -12.32 -2.65 -2.09
C PRO A 12 -11.54 -3.36 -3.22
N GLY A 13 -10.30 -2.90 -3.51
CA GLY A 13 -9.50 -3.36 -4.65
C GLY A 13 -9.05 -4.82 -4.62
N SER A 14 -8.99 -5.44 -5.79
CA SER A 14 -8.42 -6.77 -6.09
C SER A 14 -7.17 -6.70 -6.98
N LYS A 15 -7.10 -5.74 -7.91
CA LYS A 15 -5.87 -5.41 -8.68
C LYS A 15 -4.76 -4.93 -7.73
N ALA A 16 -5.20 -4.26 -6.67
CA ALA A 16 -4.40 -3.72 -5.57
C ALA A 16 -3.49 -4.75 -4.85
N ALA A 17 -3.78 -6.06 -4.96
CA ALA A 17 -2.90 -7.13 -4.49
C ALA A 17 -1.50 -7.09 -5.15
N LYS A 18 -1.39 -6.61 -6.41
CA LYS A 18 -0.09 -6.39 -7.08
C LYS A 18 0.75 -5.33 -6.35
N LEU A 19 0.12 -4.33 -5.74
CA LEU A 19 0.79 -3.37 -4.87
C LEU A 19 1.26 -4.00 -3.56
N ARG A 20 0.52 -4.91 -2.94
CA ARG A 20 1.03 -5.62 -1.73
C ARG A 20 2.41 -6.24 -2.04
N GLU A 21 2.50 -7.00 -3.13
CA GLU A 21 3.72 -7.67 -3.57
C GLU A 21 4.86 -6.68 -3.89
N ALA A 22 4.62 -5.71 -4.77
CA ALA A 22 5.66 -4.77 -5.23
C ALA A 22 6.03 -3.70 -4.19
N ALA A 23 5.07 -3.20 -3.40
CA ALA A 23 5.31 -2.17 -2.40
C ALA A 23 6.14 -2.69 -1.22
N ILE A 24 6.00 -3.95 -0.78
CA ILE A 24 6.84 -4.44 0.33
C ILE A 24 8.34 -4.34 -0.01
N LYS A 25 8.79 -4.82 -1.17
CA LYS A 25 10.20 -4.72 -1.62
C LYS A 25 10.66 -3.26 -1.71
N THR A 26 9.83 -2.41 -2.33
CA THR A 26 10.07 -0.97 -2.45
C THR A 26 10.14 -0.22 -1.11
N LEU A 27 9.32 -0.60 -0.13
CA LEU A 27 9.38 -0.06 1.23
C LEU A 27 10.57 -0.61 2.02
N LYS A 28 10.93 -1.90 1.85
CA LYS A 28 12.08 -2.52 2.53
C LYS A 28 13.42 -1.85 2.21
N ARG A 29 13.59 -1.29 1.00
CA ARG A 29 14.78 -0.46 0.65
C ARG A 29 14.73 1.01 1.12
N HIS A 30 13.63 1.47 1.74
CA HIS A 30 13.41 2.84 2.22
C HIS A 30 12.83 2.90 3.65
N ASN A 31 13.72 2.82 4.65
CA ASN A 31 13.35 2.94 6.07
C ASN A 31 12.88 4.37 6.48
N ALA A 32 13.29 5.40 5.72
CA ALA A 32 12.84 6.80 5.86
C ALA A 32 11.46 7.06 5.21
N ALA A 33 10.80 8.16 5.56
CA ALA A 33 9.48 8.54 5.04
C ALA A 33 9.47 9.03 3.58
N ILE A 34 8.34 8.87 2.88
CA ILE A 34 8.14 9.23 1.46
C ILE A 34 6.67 9.60 1.19
N LYS A 35 6.39 10.50 0.22
CA LYS A 35 5.01 10.80 -0.25
C LYS A 35 4.45 9.66 -1.12
N SER A 36 3.14 9.47 -1.07
CA SER A 36 2.34 8.55 -1.90
C SER A 36 2.76 8.54 -3.37
N SER A 37 2.72 9.68 -4.05
CA SER A 37 3.06 9.84 -5.47
C SER A 37 4.52 9.52 -5.80
N GLU A 38 5.47 9.89 -4.93
CA GLU A 38 6.89 9.54 -5.10
C GLU A 38 7.16 8.05 -4.85
N LEU A 39 6.48 7.43 -3.88
CA LEU A 39 6.50 5.97 -3.67
C LEU A 39 5.84 5.23 -4.86
N GLN A 40 4.74 5.76 -5.40
CA GLN A 40 4.11 5.32 -6.66
C GLN A 40 5.11 5.29 -7.83
N LYS A 41 5.90 6.35 -8.05
CA LYS A 41 6.92 6.38 -9.13
C LYS A 41 7.96 5.27 -8.95
N GLU A 42 8.42 5.05 -7.73
CA GLU A 42 9.35 3.96 -7.37
C GLU A 42 8.72 2.57 -7.57
N ILE A 43 7.47 2.35 -7.16
CA ILE A 43 6.77 1.05 -7.36
C ILE A 43 6.47 0.82 -8.85
N GLU A 44 6.17 1.86 -9.63
CA GLU A 44 5.98 1.77 -11.08
C GLU A 44 7.27 1.35 -11.79
N LYS A 45 8.44 1.82 -11.33
CA LYS A 45 9.75 1.33 -11.78
C LYS A 45 10.06 -0.10 -11.30
N GLU A 46 9.57 -0.50 -10.13
CA GLU A 46 9.71 -1.85 -9.58
C GLU A 46 8.92 -2.90 -10.39
N SER A 47 7.67 -2.58 -10.74
CA SER A 47 6.69 -3.51 -11.32
C SER A 47 6.50 -3.38 -12.84
N GLY A 48 6.77 -2.21 -13.43
CA GLY A 48 6.43 -1.88 -14.83
C GLY A 48 4.92 -1.67 -15.07
N LEU A 49 4.17 -1.41 -14.00
CA LEU A 49 2.70 -1.38 -13.92
C LEU A 49 2.25 -0.09 -13.20
N GLU A 50 1.12 0.49 -13.63
CA GLU A 50 0.51 1.67 -12.98
C GLU A 50 0.00 1.35 -11.56
N ILE A 51 -0.13 2.38 -10.71
CA ILE A 51 -0.38 2.22 -9.26
C ILE A 51 -1.83 2.51 -8.83
N PRO A 52 -2.58 1.49 -8.36
CA PRO A 52 -3.88 1.63 -7.70
C PRO A 52 -3.98 2.61 -6.52
N ASN A 53 -5.19 2.85 -6.03
CA ASN A 53 -5.52 3.91 -5.06
C ASN A 53 -4.58 3.88 -3.85
N MET A 54 -3.74 4.91 -3.74
CA MET A 54 -2.67 4.95 -2.73
C MET A 54 -3.23 5.10 -1.31
N THR A 55 -4.24 5.95 -1.10
CA THR A 55 -4.84 6.13 0.22
C THR A 55 -5.50 4.87 0.79
N THR A 56 -6.35 4.18 0.03
CA THR A 56 -6.86 2.87 0.42
C THR A 56 -5.81 1.78 0.54
N PHE A 57 -4.92 1.64 -0.45
CA PHE A 57 -3.85 0.64 -0.40
C PHE A 57 -2.86 0.80 0.77
N MET A 58 -2.27 1.97 0.96
CA MET A 58 -1.28 2.20 2.03
C MET A 58 -1.93 2.06 3.43
N GLN A 59 -3.18 2.50 3.64
CA GLN A 59 -3.90 2.25 4.91
C GLN A 59 -4.27 0.77 5.09
N SER A 60 -4.70 0.07 4.03
CA SER A 60 -4.90 -1.38 4.04
C SER A 60 -3.60 -2.14 4.40
N LEU A 61 -2.46 -1.69 3.85
CA LEU A 61 -1.14 -2.20 4.19
C LEU A 61 -0.77 -1.91 5.66
N ILE A 62 -1.07 -0.72 6.18
CA ILE A 62 -0.86 -0.37 7.60
C ILE A 62 -1.67 -1.28 8.55
N LYS A 63 -2.98 -1.45 8.34
CA LYS A 63 -3.81 -2.29 9.23
C LYS A 63 -3.43 -3.78 9.19
N MET A 64 -2.82 -4.25 8.10
CA MET A 64 -2.22 -5.58 7.99
C MET A 64 -0.82 -5.67 8.62
N TYR A 65 0.02 -4.65 8.42
CA TYR A 65 1.42 -4.56 8.85
C TYR A 65 1.70 -3.35 9.77
N PRO A 66 1.65 -3.50 11.11
CA PRO A 66 1.89 -2.41 12.06
C PRO A 66 3.28 -1.71 11.95
N GLU A 67 4.24 -2.35 11.25
CA GLU A 67 5.56 -1.82 10.91
C GLU A 67 5.45 -0.66 9.88
N VAL A 68 4.44 -0.70 9.00
CA VAL A 68 4.06 0.41 8.12
C VAL A 68 3.30 1.47 8.92
N LYS A 69 3.59 2.74 8.67
CA LYS A 69 3.15 3.90 9.46
C LYS A 69 2.94 5.15 8.59
N LYS A 70 2.22 6.14 9.11
CA LYS A 70 1.79 7.37 8.39
C LYS A 70 2.22 8.65 9.13
N PRO A 71 3.41 9.21 8.82
CA PRO A 71 3.84 10.51 9.37
C PRO A 71 2.91 11.68 9.06
N TYR A 72 2.37 11.80 7.83
CA TYR A 72 1.52 12.96 7.46
C TYR A 72 0.54 12.67 6.28
N ARG A 73 -0.21 13.67 5.78
CA ARG A 73 -1.11 13.63 4.61
C ARG A 73 -0.47 12.95 3.39
N GLY A 74 -0.82 11.67 3.16
CA GLY A 74 -0.23 10.84 2.11
C GLY A 74 1.29 10.64 2.23
N GLN A 75 1.91 10.88 3.39
CA GLN A 75 3.30 10.58 3.68
C GLN A 75 3.39 9.34 4.58
N TYR A 76 4.12 8.33 4.11
CA TYR A 76 4.20 6.97 4.63
C TYR A 76 5.63 6.48 4.91
N ILE A 77 5.78 5.44 5.73
CA ILE A 77 7.08 4.88 6.15
C ILE A 77 6.95 3.40 6.56
N LEU A 78 8.02 2.60 6.40
CA LEU A 78 8.12 1.25 6.95
C LEU A 78 9.31 1.23 7.93
N GLU A 79 9.02 1.21 9.23
CA GLU A 79 10.05 1.21 10.28
C GLU A 79 10.53 -0.22 10.61
N GLY A 80 11.79 -0.52 10.30
CA GLY A 80 12.39 -1.85 10.51
C GLY A 80 11.90 -2.94 9.53
N GLU A 81 12.29 -4.19 9.79
CA GLU A 81 11.92 -5.36 8.97
C GLU A 81 10.44 -5.78 9.06
N ILE A 82 9.93 -6.39 7.97
CA ILE A 82 8.53 -6.85 7.84
C ILE A 82 8.34 -8.30 8.33
N GLU A 83 9.41 -9.06 8.52
CA GLU A 83 9.42 -10.51 8.79
C GLU A 83 8.98 -10.89 10.23
N SER A 84 8.16 -10.06 10.86
CA SER A 84 7.70 -10.20 12.26
C SER A 84 6.69 -11.34 12.46
N LEU A 85 6.56 -11.80 13.72
CA LEU A 85 5.49 -12.71 14.13
C LEU A 85 4.16 -11.96 14.39
N GLU A 86 4.22 -10.66 14.71
CA GLU A 86 3.07 -9.87 15.19
C GLU A 86 2.21 -9.21 14.09
N HIS A 87 2.68 -9.08 12.83
CA HIS A 87 1.82 -8.56 11.75
C HIS A 87 0.62 -9.49 11.50
N HIS A 88 -0.53 -8.94 11.11
CA HIS A 88 -1.81 -9.66 11.04
C HIS A 88 -1.87 -10.64 9.85
N HIS A 89 -1.48 -11.90 10.09
CA HIS A 89 -1.45 -12.98 9.09
C HIS A 89 -2.86 -13.38 8.62
N HIS A 90 -2.96 -13.87 7.38
CA HIS A 90 -4.23 -14.34 6.76
C HIS A 90 -4.76 -15.64 7.42
N HIS A 91 -6.06 -15.89 7.31
CA HIS A 91 -6.71 -17.15 7.74
C HIS A 91 -6.32 -18.33 6.83
N HIS A 92 -6.61 -19.55 7.27
CA HIS A 92 -6.52 -20.78 6.45
C HIS A 92 -7.40 -20.70 5.19
N GLY A 1 -40.05 6.10 -3.16
CA GLY A 1 -38.79 6.62 -3.70
C GLY A 1 -38.30 5.84 -4.94
N THR A 2 -37.18 6.29 -5.51
CA THR A 2 -36.55 5.71 -6.71
C THR A 2 -36.14 4.23 -6.63
N THR A 3 -36.40 3.44 -7.67
CA THR A 3 -36.17 1.99 -7.72
C THR A 3 -34.74 1.48 -7.56
N ARG A 4 -33.75 2.34 -7.83
CA ARG A 4 -32.30 2.05 -7.76
C ARG A 4 -31.45 3.29 -7.46
N ARG A 5 -30.20 3.06 -7.03
CA ARG A 5 -29.15 4.08 -6.90
C ARG A 5 -28.74 4.59 -8.31
N ARG A 6 -28.03 5.71 -8.41
CA ARG A 6 -27.39 6.14 -9.67
C ARG A 6 -26.45 5.07 -10.26
N ARG A 7 -26.11 5.22 -11.55
CA ARG A 7 -25.45 4.21 -12.39
C ARG A 7 -24.23 3.49 -11.76
N GLY A 8 -23.19 4.20 -11.36
CA GLY A 8 -21.92 3.62 -10.90
C GLY A 8 -21.96 2.94 -9.52
N THR A 9 -21.00 2.04 -9.27
CA THR A 9 -20.72 1.38 -7.97
C THR A 9 -19.32 0.78 -7.90
N ALA A 10 -18.84 0.36 -6.70
CA ALA A 10 -17.51 -0.24 -6.53
C ALA A 10 -17.33 -1.13 -5.28
N ARG A 11 -16.17 -1.79 -5.22
CA ARG A 11 -15.61 -2.56 -4.08
C ARG A 11 -14.06 -2.52 -4.10
N PRO A 12 -13.34 -2.74 -2.97
CA PRO A 12 -11.88 -2.76 -2.91
C PRO A 12 -11.23 -3.66 -3.99
N GLY A 13 -10.12 -3.22 -4.57
CA GLY A 13 -9.52 -3.83 -5.75
C GLY A 13 -8.94 -5.26 -5.66
N SER A 14 -9.03 -5.98 -6.78
CA SER A 14 -8.39 -7.28 -7.02
C SER A 14 -6.96 -7.10 -7.55
N LYS A 15 -6.76 -6.09 -8.42
CA LYS A 15 -5.44 -5.60 -8.88
C LYS A 15 -4.64 -5.02 -7.71
N ALA A 16 -5.34 -4.27 -6.86
CA ALA A 16 -4.77 -3.45 -5.80
C ALA A 16 -3.90 -4.22 -4.77
N ALA A 17 -4.27 -5.47 -4.45
CA ALA A 17 -3.54 -6.30 -3.48
C ALA A 17 -2.12 -6.69 -3.94
N LYS A 18 -1.90 -6.97 -5.23
CA LYS A 18 -0.58 -7.33 -5.78
C LYS A 18 0.45 -6.20 -5.60
N LEU A 19 0.01 -4.97 -5.82
CA LEU A 19 0.84 -3.78 -5.60
C LEU A 19 1.13 -3.56 -4.11
N ARG A 20 0.19 -3.81 -3.18
CA ARG A 20 0.44 -3.71 -1.73
C ARG A 20 1.62 -4.59 -1.28
N GLU A 21 1.69 -5.83 -1.78
CA GLU A 21 2.80 -6.72 -1.46
C GLU A 21 4.14 -6.26 -2.08
N ALA A 22 4.10 -5.61 -3.26
CA ALA A 22 5.28 -4.94 -3.82
C ALA A 22 5.71 -3.70 -3.00
N ALA A 23 4.75 -2.99 -2.39
CA ALA A 23 4.99 -1.79 -1.59
C ALA A 23 5.75 -2.05 -0.29
N ILE A 24 5.47 -3.16 0.41
CA ILE A 24 6.25 -3.49 1.62
C ILE A 24 7.73 -3.80 1.28
N LYS A 25 8.01 -4.44 0.14
CA LYS A 25 9.39 -4.61 -0.39
C LYS A 25 10.04 -3.25 -0.73
N THR A 26 9.26 -2.35 -1.34
CA THR A 26 9.68 -0.96 -1.61
C THR A 26 10.04 -0.20 -0.32
N LEU A 27 9.24 -0.33 0.73
CA LEU A 27 9.54 0.29 2.05
C LEU A 27 10.71 -0.40 2.76
N LYS A 28 10.99 -1.69 2.53
CA LYS A 28 12.23 -2.33 3.02
C LYS A 28 13.50 -1.65 2.48
N ARG A 29 13.54 -1.31 1.18
CA ARG A 29 14.67 -0.55 0.59
C ARG A 29 14.65 0.96 0.86
N HIS A 30 13.46 1.55 1.10
CA HIS A 30 13.26 2.96 1.51
C HIS A 30 12.59 3.05 2.89
N ASN A 31 13.35 2.73 3.93
CA ASN A 31 12.87 2.64 5.32
C ASN A 31 12.48 4.02 5.90
N ALA A 32 13.22 5.06 5.53
CA ALA A 32 13.01 6.45 5.95
C ALA A 32 11.74 7.07 5.31
N ALA A 33 11.32 8.25 5.81
CA ALA A 33 10.08 8.90 5.37
C ALA A 33 10.06 9.22 3.86
N ILE A 34 8.93 8.98 3.20
CA ILE A 34 8.73 9.07 1.75
C ILE A 34 7.30 9.55 1.41
N LYS A 35 7.15 10.37 0.36
CA LYS A 35 5.84 10.79 -0.17
C LYS A 35 5.26 9.76 -1.15
N SER A 36 3.94 9.68 -1.21
CA SER A 36 3.12 8.85 -2.10
C SER A 36 3.56 8.90 -3.57
N SER A 37 3.92 10.06 -4.11
CA SER A 37 4.42 10.20 -5.50
C SER A 37 5.75 9.47 -5.72
N GLU A 38 6.71 9.56 -4.81
CA GLU A 38 8.02 8.88 -4.93
C GLU A 38 7.86 7.37 -4.70
N LEU A 39 6.97 6.97 -3.78
CA LEU A 39 6.55 5.57 -3.60
C LEU A 39 5.88 5.02 -4.88
N GLN A 40 4.99 5.80 -5.51
CA GLN A 40 4.30 5.47 -6.76
C GLN A 40 5.28 5.24 -7.93
N LYS A 41 6.24 6.14 -8.13
CA LYS A 41 7.30 6.00 -9.15
C LYS A 41 8.12 4.71 -8.96
N GLU A 42 8.47 4.38 -7.71
CA GLU A 42 9.09 3.09 -7.39
C GLU A 42 8.20 1.89 -7.70
N ILE A 43 6.90 1.91 -7.34
CA ILE A 43 5.96 0.82 -7.66
C ILE A 43 5.85 0.56 -9.16
N GLU A 44 5.84 1.63 -9.97
CA GLU A 44 5.81 1.50 -11.44
C GLU A 44 7.06 0.82 -12.00
N LYS A 45 8.25 1.12 -11.45
CA LYS A 45 9.52 0.46 -11.78
C LYS A 45 9.65 -0.96 -11.21
N GLU A 46 9.11 -1.21 -10.01
CA GLU A 46 9.13 -2.50 -9.31
C GLU A 46 8.24 -3.55 -9.98
N SER A 47 6.98 -3.20 -10.25
CA SER A 47 5.94 -4.13 -10.75
C SER A 47 5.74 -4.08 -12.27
N GLY A 48 6.17 -2.98 -12.91
CA GLY A 48 5.85 -2.69 -14.33
C GLY A 48 4.42 -2.19 -14.53
N LEU A 49 3.74 -1.83 -13.44
CA LEU A 49 2.32 -1.44 -13.35
C LEU A 49 2.13 -0.28 -12.38
N GLU A 50 1.19 0.62 -12.68
CA GLU A 50 0.90 1.79 -11.84
C GLU A 50 0.27 1.46 -10.48
N ILE A 51 0.30 2.46 -9.58
CA ILE A 51 -0.40 2.46 -8.30
C ILE A 51 -1.93 2.30 -8.49
N PRO A 52 -2.62 1.45 -7.66
CA PRO A 52 -4.07 1.32 -7.64
C PRO A 52 -4.71 2.52 -6.91
N ASN A 53 -5.95 2.45 -6.40
CA ASN A 53 -6.47 3.53 -5.54
C ASN A 53 -5.45 3.84 -4.43
N MET A 54 -4.91 5.06 -4.46
CA MET A 54 -3.78 5.44 -3.61
C MET A 54 -4.07 5.27 -2.11
N THR A 55 -5.20 5.81 -1.65
CA THR A 55 -5.52 5.80 -0.22
C THR A 55 -5.95 4.45 0.37
N THR A 56 -6.76 3.66 -0.34
CA THR A 56 -7.00 2.26 0.06
C THR A 56 -5.73 1.40 0.09
N PHE A 57 -4.87 1.55 -0.92
CA PHE A 57 -3.54 0.93 -0.92
C PHE A 57 -2.63 1.22 0.28
N MET A 58 -2.39 2.51 0.59
CA MET A 58 -1.51 2.91 1.70
C MET A 58 -2.10 2.57 3.08
N GLN A 59 -3.40 2.75 3.32
CA GLN A 59 -4.01 2.32 4.59
C GLN A 59 -4.18 0.80 4.70
N SER A 60 -4.42 0.07 3.60
CA SER A 60 -4.38 -1.40 3.60
C SER A 60 -2.97 -1.92 3.94
N LEU A 61 -1.93 -1.29 3.38
CA LEU A 61 -0.53 -1.56 3.71
C LEU A 61 -0.25 -1.32 5.20
N ILE A 62 -0.73 -0.20 5.76
CA ILE A 62 -0.57 0.14 7.18
C ILE A 62 -1.27 -0.88 8.10
N LYS A 63 -2.55 -1.22 7.88
CA LYS A 63 -3.29 -2.15 8.77
C LYS A 63 -2.76 -3.60 8.66
N MET A 64 -2.29 -4.02 7.47
CA MET A 64 -1.72 -5.36 7.25
C MET A 64 -0.29 -5.48 7.80
N TYR A 65 0.49 -4.40 7.75
CA TYR A 65 1.87 -4.35 8.23
C TYR A 65 2.06 -3.14 9.18
N PRO A 66 1.73 -3.27 10.49
CA PRO A 66 1.79 -2.17 11.47
C PRO A 66 3.16 -1.50 11.63
N GLU A 67 4.22 -2.10 11.08
CA GLU A 67 5.56 -1.54 10.92
C GLU A 67 5.54 -0.23 10.11
N VAL A 68 4.59 -0.06 9.19
CA VAL A 68 4.36 1.19 8.43
C VAL A 68 3.56 2.22 9.24
N LYS A 69 4.06 3.45 9.30
CA LYS A 69 3.46 4.61 9.98
C LYS A 69 3.22 5.76 9.00
N LYS A 70 2.36 6.72 9.37
CA LYS A 70 1.92 7.86 8.54
C LYS A 70 2.19 9.21 9.24
N PRO A 71 3.36 9.84 9.00
CA PRO A 71 3.66 11.19 9.47
C PRO A 71 2.67 12.26 8.98
N TYR A 72 2.20 12.22 7.73
CA TYR A 72 1.30 13.24 7.15
C TYR A 72 0.45 12.79 5.93
N ARG A 73 -0.39 13.67 5.34
CA ARG A 73 -1.12 13.42 4.07
C ARG A 73 -0.17 12.86 3.00
N GLY A 74 -0.37 11.60 2.62
CA GLY A 74 0.46 10.91 1.63
C GLY A 74 1.95 10.80 2.01
N GLN A 75 2.31 10.88 3.29
CA GLN A 75 3.70 10.72 3.76
C GLN A 75 3.77 9.60 4.80
N TYR A 76 4.66 8.62 4.55
CA TYR A 76 4.76 7.35 5.27
C TYR A 76 6.21 7.01 5.61
N ILE A 77 6.42 6.12 6.58
CA ILE A 77 7.75 5.65 7.04
C ILE A 77 7.62 4.21 7.57
N LEU A 78 8.71 3.42 7.59
CA LEU A 78 8.76 2.06 8.11
C LEU A 78 9.62 1.98 9.39
N GLU A 79 9.19 1.21 10.39
CA GLU A 79 9.92 0.94 11.64
C GLU A 79 9.92 -0.56 11.99
N GLY A 80 11.11 -1.16 12.12
CA GLY A 80 11.29 -2.58 12.43
C GLY A 80 11.05 -3.54 11.25
N GLU A 81 11.38 -4.82 11.46
CA GLU A 81 11.14 -5.92 10.50
C GLU A 81 9.68 -6.41 10.49
N ILE A 82 9.15 -6.69 9.30
CA ILE A 82 7.84 -7.37 9.16
C ILE A 82 7.91 -8.77 9.79
N GLU A 83 9.07 -9.40 9.70
CA GLU A 83 9.47 -10.67 10.30
C GLU A 83 9.60 -10.65 11.84
N SER A 84 9.33 -9.51 12.51
CA SER A 84 9.26 -9.43 13.99
C SER A 84 8.24 -10.41 14.58
N LEU A 85 7.16 -10.69 13.84
CA LEU A 85 6.15 -11.73 14.14
C LEU A 85 6.71 -13.17 14.10
N GLU A 86 7.89 -13.37 13.50
CA GLU A 86 8.55 -14.67 13.31
C GLU A 86 9.90 -14.82 14.05
N HIS A 87 10.39 -13.80 14.78
CA HIS A 87 11.70 -13.80 15.48
C HIS A 87 11.91 -14.98 16.47
N HIS A 88 10.84 -15.61 16.97
CA HIS A 88 10.87 -16.84 17.79
C HIS A 88 11.32 -18.09 17.03
N HIS A 89 11.15 -18.12 15.70
CA HIS A 89 11.70 -19.13 14.77
C HIS A 89 13.13 -18.79 14.32
N HIS A 90 13.78 -19.71 13.60
CA HIS A 90 15.12 -19.52 13.00
C HIS A 90 15.22 -18.24 12.14
N HIS A 91 16.21 -17.39 12.42
CA HIS A 91 16.42 -16.09 11.74
C HIS A 91 17.92 -15.72 11.70
N HIS A 92 18.27 -14.58 11.08
CA HIS A 92 19.65 -14.12 10.87
C HIS A 92 20.46 -13.93 12.18
N GLY A 1 -39.70 1.79 -22.79
CA GLY A 1 -38.73 1.98 -21.69
C GLY A 1 -39.35 1.91 -20.29
N THR A 2 -38.52 1.63 -19.29
CA THR A 2 -38.89 1.47 -17.87
C THR A 2 -37.80 1.85 -16.86
N THR A 3 -38.18 2.12 -15.62
CA THR A 3 -37.30 2.54 -14.53
C THR A 3 -36.16 1.58 -14.15
N ARG A 4 -34.95 2.12 -13.89
CA ARG A 4 -33.73 1.36 -13.53
C ARG A 4 -32.79 2.09 -12.55
N ARG A 5 -31.87 1.34 -11.93
CA ARG A 5 -30.98 1.71 -10.80
C ARG A 5 -29.99 2.86 -11.10
N ARG A 6 -29.50 3.57 -10.08
CA ARG A 6 -28.37 4.51 -10.23
C ARG A 6 -27.10 3.69 -10.48
N ARG A 7 -26.23 4.12 -11.41
CA ARG A 7 -25.09 3.29 -11.91
C ARG A 7 -23.98 3.04 -10.89
N GLY A 8 -23.83 3.92 -9.91
CA GLY A 8 -22.73 3.88 -8.94
C GLY A 8 -22.72 2.68 -7.99
N THR A 9 -21.58 2.00 -7.90
CA THR A 9 -21.22 0.97 -6.92
C THR A 9 -19.75 0.54 -7.10
N ALA A 10 -19.11 0.02 -6.04
CA ALA A 10 -17.75 -0.53 -6.05
C ALA A 10 -17.46 -1.46 -4.85
N ARG A 11 -16.28 -2.11 -4.89
CA ARG A 11 -15.67 -2.90 -3.79
C ARG A 11 -14.12 -2.78 -3.79
N PRO A 12 -13.41 -3.10 -2.70
CA PRO A 12 -11.95 -3.06 -2.63
C PRO A 12 -11.29 -3.84 -3.78
N GLY A 13 -10.19 -3.32 -4.33
CA GLY A 13 -9.58 -3.81 -5.56
C GLY A 13 -8.99 -5.22 -5.59
N SER A 14 -8.96 -5.80 -6.80
CA SER A 14 -8.27 -7.04 -7.19
C SER A 14 -6.87 -6.75 -7.77
N LYS A 15 -6.74 -5.73 -8.62
CA LYS A 15 -5.45 -5.19 -9.13
C LYS A 15 -4.59 -4.66 -7.99
N ALA A 16 -5.25 -4.12 -6.96
CA ALA A 16 -4.65 -3.56 -5.73
C ALA A 16 -3.71 -4.54 -4.98
N ALA A 17 -3.94 -5.86 -5.08
CA ALA A 17 -3.05 -6.89 -4.54
C ALA A 17 -1.67 -6.94 -5.21
N LYS A 18 -1.59 -6.62 -6.52
CA LYS A 18 -0.29 -6.49 -7.23
C LYS A 18 0.55 -5.33 -6.68
N LEU A 19 -0.10 -4.23 -6.26
CA LEU A 19 0.55 -3.10 -5.58
C LEU A 19 1.19 -3.57 -4.27
N ARG A 20 0.44 -4.25 -3.40
CA ARG A 20 0.94 -4.76 -2.09
C ARG A 20 2.23 -5.56 -2.23
N GLU A 21 2.24 -6.50 -3.17
CA GLU A 21 3.38 -7.41 -3.42
C GLU A 21 4.65 -6.66 -3.83
N ALA A 22 4.55 -5.72 -4.78
CA ALA A 22 5.67 -4.89 -5.22
C ALA A 22 6.06 -3.78 -4.22
N ALA A 23 5.11 -3.24 -3.46
CA ALA A 23 5.37 -2.22 -2.44
C ALA A 23 6.31 -2.72 -1.34
N ILE A 24 6.17 -3.97 -0.88
CA ILE A 24 7.09 -4.58 0.09
C ILE A 24 8.53 -4.64 -0.45
N LYS A 25 8.74 -5.06 -1.72
CA LYS A 25 10.06 -5.03 -2.38
C LYS A 25 10.63 -3.61 -2.50
N THR A 26 9.80 -2.65 -2.91
CA THR A 26 10.17 -1.22 -2.98
C THR A 26 10.57 -0.61 -1.62
N LEU A 27 9.80 -0.89 -0.56
CA LEU A 27 10.07 -0.38 0.79
C LEU A 27 11.27 -1.07 1.46
N LYS A 28 11.63 -2.29 1.04
CA LYS A 28 12.90 -2.94 1.44
C LYS A 28 14.14 -2.17 0.91
N ARG A 29 14.13 -1.79 -0.38
CA ARG A 29 15.22 -1.01 -1.02
C ARG A 29 15.19 0.51 -0.74
N HIS A 30 14.02 1.08 -0.44
CA HIS A 30 13.83 2.49 -0.02
C HIS A 30 13.00 2.54 1.29
N ASN A 31 13.69 2.44 2.43
CA ASN A 31 13.07 2.26 3.75
C ASN A 31 12.68 3.59 4.44
N ALA A 32 13.18 4.74 3.97
CA ALA A 32 12.90 6.06 4.56
C ALA A 32 11.50 6.63 4.20
N ALA A 33 11.10 7.74 4.84
CA ALA A 33 9.84 8.41 4.55
C ALA A 33 9.79 9.02 3.13
N ILE A 34 8.64 8.92 2.48
CA ILE A 34 8.43 9.32 1.07
C ILE A 34 6.97 9.73 0.82
N LYS A 35 6.71 10.63 -0.14
CA LYS A 35 5.33 10.93 -0.61
C LYS A 35 4.77 9.75 -1.42
N SER A 36 3.49 9.44 -1.27
CA SER A 36 2.76 8.38 -1.98
C SER A 36 2.96 8.41 -3.50
N SER A 37 2.78 9.56 -4.18
CA SER A 37 2.96 9.66 -5.64
C SER A 37 4.40 9.44 -6.11
N GLU A 38 5.40 9.87 -5.32
CA GLU A 38 6.83 9.59 -5.59
C GLU A 38 7.16 8.11 -5.36
N LEU A 39 6.61 7.51 -4.32
CA LEU A 39 6.65 6.06 -4.08
C LEU A 39 5.93 5.27 -5.19
N GLN A 40 4.83 5.79 -5.75
CA GLN A 40 4.15 5.25 -6.93
C GLN A 40 5.10 5.14 -8.13
N LYS A 41 5.95 6.14 -8.40
CA LYS A 41 6.98 6.04 -9.46
C LYS A 41 7.93 4.87 -9.20
N GLU A 42 8.42 4.76 -7.97
CA GLU A 42 9.35 3.69 -7.57
C GLU A 42 8.74 2.27 -7.62
N ILE A 43 7.46 2.09 -7.21
CA ILE A 43 6.75 0.80 -7.35
C ILE A 43 6.32 0.54 -8.81
N GLU A 44 6.02 1.56 -9.62
CA GLU A 44 5.78 1.39 -11.06
C GLU A 44 7.02 0.85 -11.78
N LYS A 45 8.22 1.33 -11.43
CA LYS A 45 9.50 0.74 -11.89
C LYS A 45 9.77 -0.67 -11.34
N GLU A 46 9.28 -0.98 -10.13
CA GLU A 46 9.37 -2.33 -9.54
C GLU A 46 8.44 -3.36 -10.23
N SER A 47 7.18 -2.97 -10.49
CA SER A 47 6.10 -3.86 -10.94
C SER A 47 5.84 -3.87 -12.46
N GLY A 48 6.11 -2.75 -13.14
CA GLY A 48 5.84 -2.57 -14.58
C GLY A 48 4.36 -2.28 -14.92
N LEU A 49 3.63 -1.62 -14.03
CA LEU A 49 2.19 -1.32 -14.16
C LEU A 49 1.78 0.01 -13.51
N GLU A 50 0.70 0.61 -14.01
CA GLU A 50 0.09 1.84 -13.48
C GLU A 50 -0.48 1.58 -12.08
N ILE A 51 0.05 2.26 -11.07
CA ILE A 51 -0.20 1.99 -9.65
C ILE A 51 -1.65 2.25 -9.17
N PRO A 52 -2.31 1.24 -8.54
CA PRO A 52 -3.64 1.37 -7.90
C PRO A 52 -3.74 2.37 -6.74
N ASN A 53 -4.92 2.49 -6.12
CA ASN A 53 -5.20 3.51 -5.11
C ASN A 53 -4.22 3.42 -3.93
N MET A 54 -3.39 4.47 -3.77
CA MET A 54 -2.33 4.51 -2.76
C MET A 54 -2.90 4.62 -1.33
N THR A 55 -3.90 5.48 -1.11
CA THR A 55 -4.52 5.72 0.19
C THR A 55 -5.19 4.51 0.84
N THR A 56 -6.03 3.78 0.08
CA THR A 56 -6.61 2.52 0.55
C THR A 56 -5.57 1.44 0.83
N PHE A 57 -4.63 1.21 -0.10
CA PHE A 57 -3.51 0.30 0.12
C PHE A 57 -2.62 0.60 1.34
N MET A 58 -2.06 1.80 1.42
CA MET A 58 -1.07 2.14 2.45
C MET A 58 -1.69 2.15 3.86
N GLN A 59 -2.93 2.62 4.06
CA GLN A 59 -3.63 2.45 5.33
C GLN A 59 -4.03 0.98 5.60
N SER A 60 -4.44 0.20 4.59
CA SER A 60 -4.68 -1.24 4.75
C SER A 60 -3.43 -1.98 5.24
N LEU A 61 -2.26 -1.61 4.72
CA LEU A 61 -0.97 -2.14 5.16
C LEU A 61 -0.63 -1.68 6.58
N ILE A 62 -0.88 -0.42 6.95
CA ILE A 62 -0.67 0.08 8.33
C ILE A 62 -1.50 -0.71 9.34
N LYS A 63 -2.82 -0.87 9.13
CA LYS A 63 -3.67 -1.60 10.11
C LYS A 63 -3.28 -3.08 10.23
N MET A 64 -2.75 -3.68 9.17
CA MET A 64 -2.22 -5.05 9.17
C MET A 64 -0.80 -5.16 9.78
N TYR A 65 0.03 -4.13 9.62
CA TYR A 65 1.44 -4.06 10.04
C TYR A 65 1.87 -2.71 10.67
N PRO A 66 1.85 -2.58 12.02
CA PRO A 66 2.25 -1.34 12.72
C PRO A 66 3.68 -0.84 12.46
N GLU A 67 4.52 -1.67 11.84
CA GLU A 67 5.84 -1.32 11.31
C GLU A 67 5.76 -0.25 10.21
N VAL A 68 4.62 -0.17 9.53
CA VAL A 68 4.27 0.90 8.58
C VAL A 68 3.57 2.06 9.30
N LYS A 69 3.94 3.31 8.95
CA LYS A 69 3.41 4.55 9.56
C LYS A 69 3.21 5.67 8.54
N LYS A 70 2.47 6.71 8.93
CA LYS A 70 2.00 7.82 8.08
C LYS A 70 2.37 9.19 8.69
N PRO A 71 3.55 9.75 8.35
CA PRO A 71 3.93 11.12 8.73
C PRO A 71 2.92 12.21 8.35
N TYR A 72 2.20 12.08 7.22
CA TYR A 72 1.12 13.01 6.83
C TYR A 72 0.20 12.35 5.76
N ARG A 73 -0.90 12.99 5.32
CA ARG A 73 -1.66 12.46 4.18
C ARG A 73 -0.77 12.38 2.93
N GLY A 74 -0.81 11.21 2.29
CA GLY A 74 0.09 10.88 1.19
C GLY A 74 1.58 10.92 1.57
N GLN A 75 1.96 10.78 2.85
CA GLN A 75 3.37 10.64 3.25
C GLN A 75 3.49 9.47 4.22
N TYR A 76 4.30 8.48 3.82
CA TYR A 76 4.40 7.16 4.46
C TYR A 76 5.84 6.67 4.73
N ILE A 77 6.00 5.69 5.62
CA ILE A 77 7.29 5.04 5.97
C ILE A 77 7.05 3.59 6.41
N LEU A 78 8.02 2.70 6.21
CA LEU A 78 8.04 1.32 6.73
C LEU A 78 9.34 1.07 7.50
N GLU A 79 9.23 0.68 8.77
CA GLU A 79 10.36 0.50 9.69
C GLU A 79 11.09 -0.85 9.46
N GLY A 80 12.35 -0.80 8.98
CA GLY A 80 13.21 -1.97 8.85
C GLY A 80 12.66 -3.04 7.88
N GLU A 81 12.87 -4.30 8.23
CA GLU A 81 12.26 -5.47 7.61
C GLU A 81 10.78 -5.62 7.98
N ILE A 82 9.89 -5.86 7.01
CA ILE A 82 8.46 -6.12 7.29
C ILE A 82 8.27 -7.41 8.13
N GLU A 83 9.18 -8.37 8.00
CA GLU A 83 9.25 -9.61 8.78
C GLU A 83 9.66 -9.42 10.25
N SER A 84 10.06 -8.21 10.67
CA SER A 84 10.61 -7.96 12.02
C SER A 84 9.65 -8.26 13.19
N LEU A 85 8.33 -8.35 12.96
CA LEU A 85 7.37 -8.81 13.97
C LEU A 85 7.56 -10.27 14.43
N GLU A 86 8.33 -11.07 13.68
CA GLU A 86 8.69 -12.45 14.06
C GLU A 86 9.80 -12.50 15.15
N HIS A 87 10.49 -11.38 15.44
CA HIS A 87 11.55 -11.30 16.45
C HIS A 87 11.02 -11.54 17.87
N HIS A 88 11.82 -12.18 18.73
CA HIS A 88 11.49 -12.41 20.16
C HIS A 88 11.41 -11.09 20.96
N HIS A 89 10.73 -11.11 22.11
CA HIS A 89 10.62 -9.96 23.03
C HIS A 89 12.00 -9.57 23.63
N HIS A 90 12.22 -8.27 23.85
CA HIS A 90 13.44 -7.70 24.47
C HIS A 90 13.55 -8.02 25.98
N HIS A 91 14.70 -7.74 26.60
CA HIS A 91 14.86 -7.79 28.07
C HIS A 91 13.88 -6.80 28.76
N HIS A 92 13.34 -7.17 29.93
CA HIS A 92 12.28 -6.42 30.64
C HIS A 92 11.08 -6.04 29.74
#